data_6NA5
#
_entry.id   6NA5
#
_cell.length_a   77.000
_cell.length_b   146.700
_cell.length_c   200.200
_cell.angle_alpha   90.000
_cell.angle_beta   90.000
_cell.angle_gamma   90.000
#
_symmetry.space_group_name_H-M   'P 2 21 21'
#
loop_
_entity.id
_entity.type
_entity.pdbx_description
1 polymer 'Putative crotonyl-CoA reductase'
2 non-polymer 'NADPH DIHYDRO-NICOTINAMIDE-ADENINE-DINUCLEOTIDE PHOSPHATE'
3 water water
#
_entity_poly.entity_id   1
_entity_poly.type   'polypeptide(L)'
_entity_poly.pdbx_seq_one_letter_code
;RHMQEILDAILSGDAASADYAALALPESYRAVTLHKGEERMFDGLASRDKDPRKSLHLDDVPLPELGPGEALVAVMASSV
NYNTVWSSIFEPVSTFGFLERYGRLSPLTARHDLPYHVLGSDLAGVVLRTGAGVNAWKPGDEVVAHCLSVELESPDGHND
TMMDPEQRIWGFETNFGGLAQLALVKTNQLLPKPKHLTWEEAASPGLVNSTAYRQLVSRNGAGLKQGDNVLIWGASGGLG
SYATQYALAGGATPICVVSSPRKADICRAMGAEAIIDRSAEGYRFWKDEHHQDPREWKRLGGKIREFTGGEDVDIVFEHP
GRETFGASVYVTRKGGTIVTCASTSGYMHQYDNRYLWMSLKRIVGSHFANYREAFEANRLVAKGKIHPTLSKVYALEETG
QAALDVHHNKHQGKVGVLCLAPREGLGVTDPELRSKHLTKINAFR
;
_entity_poly.pdbx_strand_id   A,B,C,D
#
loop_
_chem_comp.id
_chem_comp.type
_chem_comp.name
_chem_comp.formula
NDP non-polymer 'NADPH DIHYDRO-NICOTINAMIDE-ADENINE-DINUCLEOTIDE PHOSPHATE' 'C21 H30 N7 O17 P3'
#
# COMPACT_ATOMS: atom_id res chain seq x y z
N ARG A 1 -11.13 -29.86 47.41
CA ARG A 1 -9.95 -29.41 46.66
C ARG A 1 -10.28 -28.31 45.67
N HIS A 2 -9.48 -27.25 45.72
CA HIS A 2 -9.86 -26.02 45.02
C HIS A 2 -9.79 -26.18 43.50
N MET A 3 -8.84 -26.96 42.99
CA MET A 3 -8.73 -27.15 41.55
C MET A 3 -9.92 -27.93 41.01
N GLN A 4 -10.36 -28.95 41.76
CA GLN A 4 -11.55 -29.69 41.37
C GLN A 4 -12.78 -28.79 41.34
N GLU A 5 -12.91 -27.89 42.32
CA GLU A 5 -14.09 -27.03 42.35
C GLU A 5 -14.08 -26.02 41.21
N ILE A 6 -12.90 -25.60 40.74
CA ILE A 6 -12.85 -24.77 39.54
C ILE A 6 -13.37 -25.54 38.33
N LEU A 7 -12.89 -26.76 38.15
CA LEU A 7 -13.36 -27.58 37.04
C LEU A 7 -14.86 -27.84 37.13
N ASP A 8 -15.36 -28.16 38.32
CA ASP A 8 -16.80 -28.38 38.47
C ASP A 8 -17.59 -27.16 38.07
N ALA A 9 -17.10 -25.97 38.42
CA ALA A 9 -17.79 -24.74 38.02
C ALA A 9 -17.84 -24.62 36.49
N ILE A 10 -16.74 -24.96 35.82
CA ILE A 10 -16.69 -24.84 34.36
C ILE A 10 -17.65 -25.83 33.71
N LEU A 11 -17.60 -27.09 34.15
CA LEU A 11 -18.44 -28.12 33.55
C LEU A 11 -19.92 -27.87 33.82
N SER A 12 -20.24 -27.20 34.94
CA SER A 12 -21.64 -26.98 35.29
C SER A 12 -22.36 -26.16 34.24
N GLY A 13 -21.69 -25.18 33.65
CA GLY A 13 -22.28 -24.35 32.63
C GLY A 13 -23.19 -23.24 33.10
N ASP A 14 -23.44 -23.13 34.41
CA ASP A 14 -24.30 -22.06 34.91
C ASP A 14 -23.60 -21.13 35.89
N ALA A 15 -22.27 -21.17 35.96
CA ALA A 15 -21.54 -20.31 36.89
C ALA A 15 -21.44 -18.91 36.30
N ALA A 16 -21.85 -17.91 37.08
CA ALA A 16 -21.77 -16.53 36.64
C ALA A 16 -20.40 -15.95 36.98
N SER A 17 -20.14 -14.76 36.43
CA SER A 17 -18.87 -14.09 36.67
C SER A 17 -18.59 -13.98 38.16
N ALA A 18 -19.61 -13.59 38.93
CA ALA A 18 -19.45 -13.44 40.38
C ALA A 18 -19.06 -14.77 41.04
N ASP A 19 -19.60 -15.88 40.52
CA ASP A 19 -19.25 -17.20 41.06
C ASP A 19 -17.77 -17.48 40.89
N TYR A 20 -17.24 -17.26 39.67
CA TYR A 20 -15.82 -17.46 39.44
C TYR A 20 -14.99 -16.56 40.33
N ALA A 21 -15.41 -15.30 40.50
CA ALA A 21 -14.67 -14.36 41.32
C ALA A 21 -14.53 -14.85 42.76
N ALA A 22 -15.53 -15.59 43.26
CA ALA A 22 -15.55 -16.07 44.63
C ALA A 22 -14.90 -17.43 44.81
N LEU A 23 -14.50 -18.11 43.72
CA LEU A 23 -13.82 -19.39 43.84
C LEU A 23 -12.45 -19.21 44.45
N ALA A 24 -12.01 -20.22 45.20
CA ALA A 24 -10.72 -20.18 45.87
C ALA A 24 -9.63 -20.63 44.91
N LEU A 25 -8.59 -19.82 44.78
CA LEU A 25 -7.47 -20.20 43.94
C LEU A 25 -6.65 -21.29 44.62
N PRO A 26 -6.31 -22.37 43.92
CA PRO A 26 -5.46 -23.40 44.50
C PRO A 26 -4.10 -22.85 44.90
N GLU A 27 -3.42 -23.58 45.77
CA GLU A 27 -2.08 -23.17 46.18
C GLU A 27 -1.04 -23.60 45.16
N SER A 28 -1.32 -24.66 44.39
CA SER A 28 -0.43 -25.15 43.36
C SER A 28 -1.26 -25.59 42.16
N TYR A 29 -0.57 -25.83 41.05
CA TYR A 29 -1.20 -26.41 39.87
C TYR A 29 -0.22 -27.35 39.20
N ARG A 30 -0.75 -28.29 38.44
CA ARG A 30 0.09 -29.28 37.77
C ARG A 30 0.50 -28.72 36.40
N ALA A 31 1.78 -28.90 36.06
CA ALA A 31 2.35 -28.25 34.89
C ALA A 31 3.43 -29.13 34.26
N VAL A 32 3.55 -29.05 32.94
CA VAL A 32 4.66 -29.65 32.22
C VAL A 32 5.83 -28.68 32.26
N THR A 33 6.99 -29.15 32.72
CA THR A 33 8.11 -28.27 33.00
C THR A 33 9.42 -28.86 32.47
N LEU A 34 10.37 -27.97 32.22
CA LEU A 34 11.76 -28.31 32.08
C LEU A 34 12.46 -27.99 33.40
N HIS A 35 13.61 -28.63 33.62
CA HIS A 35 14.38 -28.44 34.85
C HIS A 35 15.73 -27.83 34.52
N LYS A 36 16.02 -26.69 35.13
CA LYS A 36 17.26 -25.97 34.85
C LYS A 36 18.49 -26.88 34.94
N GLY A 37 18.53 -27.74 35.95
CA GLY A 37 19.66 -28.62 36.14
C GLY A 37 19.97 -29.55 34.97
N GLU A 38 18.98 -29.83 34.11
CA GLU A 38 19.15 -30.84 33.07
C GLU A 38 19.45 -30.25 31.71
N GLU A 39 19.76 -28.96 31.61
CA GLU A 39 19.82 -28.32 30.29
C GLU A 39 20.97 -28.83 29.42
N ARG A 40 21.93 -29.57 29.98
CA ARG A 40 23.03 -30.14 29.19
C ARG A 40 22.84 -31.62 28.86
N MET A 41 21.71 -32.22 29.23
CA MET A 41 21.57 -33.68 29.15
C MET A 41 21.66 -34.23 27.74
N PHE A 42 21.43 -33.40 26.72
CA PHE A 42 21.43 -33.87 25.34
C PHE A 42 22.70 -33.51 24.59
N ASP A 43 23.66 -32.86 25.26
CA ASP A 43 24.86 -32.42 24.55
C ASP A 43 25.58 -33.59 23.93
N GLY A 44 25.97 -33.43 22.66
CA GLY A 44 26.66 -34.45 21.92
C GLY A 44 25.77 -35.29 21.04
N LEU A 45 24.46 -35.25 21.26
CA LEU A 45 23.52 -36.07 20.52
C LEU A 45 23.03 -35.36 19.26
N ALA A 46 22.71 -36.15 18.24
CA ALA A 46 21.99 -35.64 17.09
C ALA A 46 20.59 -35.20 17.51
N SER A 47 20.02 -34.29 16.74
CA SER A 47 18.72 -33.72 17.09
C SER A 47 17.65 -34.80 17.19
N ARG A 48 17.53 -35.64 16.15
CA ARG A 48 16.51 -36.68 16.13
C ARG A 48 16.70 -37.73 17.22
N ASP A 49 17.86 -37.76 17.89
CA ASP A 49 18.10 -38.69 18.98
C ASP A 49 17.85 -38.08 20.34
N LYS A 50 17.49 -36.80 20.40
CA LYS A 50 17.10 -36.19 21.66
C LYS A 50 15.62 -36.48 21.92
N ASP A 51 15.33 -36.94 23.13
CA ASP A 51 14.00 -37.47 23.44
C ASP A 51 13.30 -36.56 24.44
N PRO A 52 12.24 -35.86 24.03
CA PRO A 52 11.56 -34.96 24.99
C PRO A 52 10.95 -35.67 26.20
N ARG A 53 10.67 -36.97 26.11
CA ARG A 53 10.16 -37.69 27.28
C ARG A 53 11.16 -37.68 28.43
N LYS A 54 12.45 -37.58 28.12
CA LYS A 54 13.46 -37.56 29.17
C LYS A 54 13.60 -36.21 29.86
N SER A 55 13.21 -35.12 29.19
N SER A 55 13.22 -35.11 29.19
CA SER A 55 13.41 -33.78 29.73
CA SER A 55 13.41 -33.78 29.74
C SER A 55 12.15 -33.15 30.29
C SER A 55 12.14 -33.15 30.30
N LEU A 56 10.97 -33.65 29.92
CA LEU A 56 9.71 -33.06 30.36
C LEU A 56 9.23 -33.73 31.63
N HIS A 57 8.96 -32.93 32.66
CA HIS A 57 8.48 -33.41 33.94
C HIS A 57 7.07 -32.88 34.19
N LEU A 58 6.31 -33.63 35.00
CA LEU A 58 5.03 -33.19 35.51
C LEU A 58 5.23 -32.78 36.97
N ASP A 59 5.14 -31.49 37.23
CA ASP A 59 5.38 -30.95 38.57
C ASP A 59 4.15 -30.24 39.08
N ASP A 60 4.07 -30.11 40.39
CA ASP A 60 3.14 -29.20 41.04
C ASP A 60 3.91 -27.92 41.34
N VAL A 61 3.41 -26.79 40.85
CA VAL A 61 4.14 -25.53 40.95
C VAL A 61 3.24 -24.51 41.63
N PRO A 62 3.78 -23.58 42.41
CA PRO A 62 2.93 -22.56 43.03
C PRO A 62 2.39 -21.59 41.98
N LEU A 63 1.34 -20.89 42.36
CA LEU A 63 0.75 -19.90 41.46
C LEU A 63 1.61 -18.64 41.47
N PRO A 64 1.83 -18.04 40.31
CA PRO A 64 2.57 -16.77 40.27
C PRO A 64 1.67 -15.62 40.70
N GLU A 65 2.32 -14.51 41.04
CA GLU A 65 1.58 -13.32 41.44
C GLU A 65 1.03 -12.61 40.20
N LEU A 66 -0.25 -12.26 40.24
CA LEU A 66 -0.92 -11.62 39.11
C LEU A 66 -0.52 -10.15 39.03
N GLY A 67 -0.07 -9.71 37.86
CA GLY A 67 0.35 -8.34 37.68
C GLY A 67 -0.64 -7.50 36.90
N PRO A 68 -0.33 -6.23 36.68
CA PRO A 68 -1.26 -5.36 35.94
C PRO A 68 -1.40 -5.80 34.49
N GLY A 69 -2.63 -5.72 33.98
CA GLY A 69 -2.88 -6.11 32.60
C GLY A 69 -2.72 -7.58 32.32
N GLU A 70 -2.84 -8.43 33.33
CA GLU A 70 -2.65 -9.87 33.19
C GLU A 70 -3.90 -10.61 33.63
N ALA A 71 -3.94 -11.89 33.30
CA ALA A 71 -5.08 -12.72 33.64
C ALA A 71 -4.57 -14.10 34.04
N LEU A 72 -5.22 -14.66 35.06
CA LEU A 72 -5.01 -16.04 35.43
C LEU A 72 -6.11 -16.86 34.78
N VAL A 73 -5.72 -17.87 34.02
CA VAL A 73 -6.66 -18.64 33.21
C VAL A 73 -6.63 -20.08 33.65
N ALA A 74 -7.81 -20.66 33.85
CA ALA A 74 -7.94 -22.11 34.03
C ALA A 74 -7.91 -22.76 32.65
N VAL A 75 -6.88 -23.57 32.37
CA VAL A 75 -6.61 -24.06 31.02
C VAL A 75 -7.34 -25.39 30.84
N MET A 76 -8.28 -25.42 29.88
CA MET A 76 -8.96 -26.67 29.60
C MET A 76 -8.17 -27.54 28.63
N ALA A 77 -7.48 -26.92 27.66
CA ALA A 77 -6.69 -27.65 26.66
C ALA A 77 -5.61 -26.74 26.10
N SER A 78 -4.58 -27.38 25.52
CA SER A 78 -3.45 -26.71 24.89
C SER A 78 -3.05 -27.53 23.66
N SER A 79 -1.87 -27.26 23.11
CA SER A 79 -1.39 -28.01 21.95
C SER A 79 0.12 -28.02 21.97
N VAL A 80 0.70 -28.95 21.22
CA VAL A 80 2.15 -29.00 21.08
C VAL A 80 2.53 -28.27 19.79
N ASN A 81 3.45 -27.34 19.91
CA ASN A 81 3.94 -26.58 18.76
C ASN A 81 5.40 -26.94 18.51
N TYR A 82 5.91 -26.47 17.38
CA TYR A 82 7.32 -26.73 17.10
C TYR A 82 8.23 -26.04 18.10
N ASN A 83 7.85 -24.84 18.56
CA ASN A 83 8.70 -24.15 19.53
C ASN A 83 8.74 -24.90 20.85
N THR A 84 7.63 -25.53 21.25
CA THR A 84 7.61 -26.36 22.46
C THR A 84 8.60 -27.51 22.33
N VAL A 85 8.59 -28.20 21.19
CA VAL A 85 9.49 -29.32 20.97
C VAL A 85 10.94 -28.86 21.05
N TRP A 86 11.27 -27.76 20.36
CA TRP A 86 12.65 -27.27 20.40
C TRP A 86 13.07 -26.94 21.83
N SER A 87 12.20 -26.27 22.59
CA SER A 87 12.51 -25.99 23.99
C SER A 87 12.78 -27.26 24.76
N SER A 88 12.00 -28.30 24.50
CA SER A 88 12.15 -29.55 25.25
C SER A 88 13.47 -30.25 24.97
N ILE A 89 14.12 -29.98 23.83
CA ILE A 89 15.45 -30.51 23.58
C ILE A 89 16.53 -29.45 23.78
N PHE A 90 16.19 -28.33 24.40
CA PHE A 90 17.12 -27.24 24.72
C PHE A 90 17.78 -26.67 23.47
N GLU A 91 17.02 -26.63 22.38
CA GLU A 91 17.52 -26.13 21.11
C GLU A 91 16.77 -24.87 20.69
N PRO A 92 17.44 -23.95 19.97
CA PRO A 92 18.87 -23.98 19.63
C PRO A 92 19.72 -23.76 20.89
N VAL A 93 19.15 -23.05 21.86
CA VAL A 93 19.76 -22.88 23.18
C VAL A 93 18.70 -23.16 24.23
N SER A 94 19.16 -23.29 25.48
CA SER A 94 18.24 -23.54 26.58
C SER A 94 17.40 -22.30 26.87
N THR A 95 16.09 -22.51 27.06
CA THR A 95 15.21 -21.39 27.35
C THR A 95 15.52 -20.72 28.69
N PHE A 96 16.29 -21.36 29.57
CA PHE A 96 16.55 -20.74 30.86
C PHE A 96 17.41 -19.49 30.74
N GLY A 97 18.32 -19.47 29.76
CA GLY A 97 19.16 -18.31 29.54
C GLY A 97 18.36 -17.02 29.45
N PHE A 98 17.39 -16.97 28.52
CA PHE A 98 16.57 -15.78 28.39
C PHE A 98 15.81 -15.47 29.66
N LEU A 99 15.22 -16.49 30.29
CA LEU A 99 14.45 -16.23 31.51
C LEU A 99 15.30 -15.58 32.58
N GLU A 100 16.55 -16.03 32.73
CA GLU A 100 17.45 -15.43 33.72
C GLU A 100 17.79 -14.00 33.35
N ARG A 101 18.34 -13.80 32.15
CA ARG A 101 18.72 -12.46 31.71
C ARG A 101 17.54 -11.50 31.80
N TYR A 102 16.39 -11.90 31.24
CA TYR A 102 15.21 -11.05 31.27
C TYR A 102 14.73 -10.80 32.69
N GLY A 103 14.85 -11.79 33.57
CA GLY A 103 14.42 -11.61 34.95
C GLY A 103 15.18 -10.52 35.68
N ARG A 104 16.34 -10.11 35.18
CA ARG A 104 17.10 -9.04 35.81
C ARG A 104 16.45 -7.67 35.64
N LEU A 105 15.45 -7.54 34.76
CA LEU A 105 14.92 -6.22 34.43
C LEU A 105 14.15 -5.61 35.60
N SER A 106 13.23 -6.36 36.20
CA SER A 106 12.35 -5.78 37.22
C SER A 106 11.79 -6.91 38.07
N PRO A 107 11.14 -6.59 39.20
CA PRO A 107 10.50 -7.66 39.98
C PRO A 107 9.40 -8.39 39.24
N LEU A 108 8.71 -7.73 38.29
CA LEU A 108 7.67 -8.41 37.53
C LEU A 108 8.28 -9.42 36.56
N THR A 109 9.32 -9.02 35.83
CA THR A 109 10.00 -9.98 34.95
C THR A 109 10.69 -11.06 35.75
N ALA A 110 11.10 -10.75 36.99
CA ALA A 110 11.79 -11.74 37.82
C ALA A 110 10.91 -12.93 38.15
N ARG A 111 9.59 -12.74 38.18
CA ARG A 111 8.67 -13.84 38.44
C ARG A 111 8.93 -15.04 37.53
N HIS A 112 9.34 -14.77 36.29
CA HIS A 112 9.52 -15.85 35.31
C HIS A 112 10.83 -16.58 35.47
N ASP A 113 11.79 -16.02 36.21
CA ASP A 113 13.12 -16.63 36.36
C ASP A 113 13.06 -17.64 37.50
N LEU A 114 12.84 -18.90 37.15
CA LEU A 114 12.60 -19.96 38.12
C LEU A 114 13.44 -21.18 37.76
N PRO A 115 13.65 -22.10 38.72
CA PRO A 115 14.38 -23.33 38.41
C PRO A 115 13.64 -24.25 37.46
N TYR A 116 12.37 -23.97 37.17
CA TYR A 116 11.60 -24.75 36.23
C TYR A 116 10.96 -23.80 35.23
N HIS A 117 10.62 -24.35 34.07
CA HIS A 117 9.99 -23.57 33.00
C HIS A 117 8.75 -24.31 32.53
N VAL A 118 7.58 -23.70 32.71
CA VAL A 118 6.31 -24.27 32.23
C VAL A 118 6.14 -23.88 30.77
N LEU A 119 6.10 -24.89 29.89
CA LEU A 119 6.03 -24.65 28.45
C LEU A 119 4.58 -24.55 27.99
N GLY A 120 4.41 -24.19 26.71
CA GLY A 120 3.11 -24.23 26.02
C GLY A 120 2.72 -22.86 25.48
N SER A 121 2.34 -22.83 24.20
CA SER A 121 2.06 -21.55 23.55
C SER A 121 0.66 -21.44 22.96
N ASP A 122 -0.24 -22.36 23.29
CA ASP A 122 -1.63 -22.27 22.90
C ASP A 122 -2.45 -22.57 24.14
N LEU A 123 -3.70 -22.12 24.13
CA LEU A 123 -4.56 -22.37 25.29
C LEU A 123 -6.00 -22.19 24.88
N ALA A 124 -6.89 -22.99 25.48
CA ALA A 124 -8.31 -22.67 25.51
C ALA A 124 -8.80 -22.87 26.93
N GLY A 125 -9.56 -21.92 27.47
CA GLY A 125 -9.94 -22.02 28.86
C GLY A 125 -10.89 -20.93 29.35
N VAL A 126 -10.83 -20.63 30.65
CA VAL A 126 -11.77 -19.73 31.31
C VAL A 126 -10.97 -18.77 32.19
N VAL A 127 -11.27 -17.47 32.09
CA VAL A 127 -10.56 -16.47 32.89
C VAL A 127 -10.99 -16.62 34.34
N LEU A 128 -10.01 -16.66 35.26
CA LEU A 128 -10.27 -16.74 36.70
C LEU A 128 -10.12 -15.40 37.39
N ARG A 129 -9.06 -14.65 37.09
CA ARG A 129 -8.76 -13.39 37.73
C ARG A 129 -8.10 -12.49 36.71
N THR A 130 -8.29 -11.18 36.88
CA THR A 130 -7.62 -10.17 36.09
C THR A 130 -6.94 -9.16 37.01
N GLY A 131 -5.75 -8.71 36.62
CA GLY A 131 -5.00 -7.74 37.40
C GLY A 131 -5.47 -6.32 37.16
N ALA A 132 -4.68 -5.39 37.71
CA ALA A 132 -5.06 -3.98 37.72
C ALA A 132 -5.15 -3.42 36.31
N GLY A 133 -6.26 -2.72 36.02
CA GLY A 133 -6.40 -2.01 34.77
C GLY A 133 -7.09 -2.78 33.66
N VAL A 134 -7.86 -3.82 33.98
CA VAL A 134 -8.45 -4.69 32.98
C VAL A 134 -9.96 -4.51 33.04
N ASN A 135 -10.53 -4.03 31.94
CA ASN A 135 -11.98 -3.96 31.82
C ASN A 135 -12.56 -4.81 30.71
N ALA A 136 -11.75 -5.22 29.73
CA ALA A 136 -12.31 -5.90 28.57
C ALA A 136 -12.66 -7.35 28.86
N TRP A 137 -12.03 -7.96 29.87
CA TRP A 137 -12.19 -9.37 30.17
C TRP A 137 -12.48 -9.51 31.66
N LYS A 138 -13.22 -10.55 32.00
CA LYS A 138 -13.71 -10.70 33.35
C LYS A 138 -13.78 -12.19 33.70
N PRO A 139 -13.78 -12.52 35.00
CA PRO A 139 -13.87 -13.92 35.41
C PRO A 139 -15.06 -14.61 34.75
N GLY A 140 -14.83 -15.83 34.27
CA GLY A 140 -15.85 -16.58 33.57
C GLY A 140 -15.79 -16.53 32.06
N ASP A 141 -15.07 -15.56 31.48
CA ASP A 141 -15.01 -15.43 30.04
C ASP A 141 -14.28 -16.63 29.42
N GLU A 142 -14.85 -17.21 28.37
CA GLU A 142 -14.21 -18.31 27.64
C GLU A 142 -13.24 -17.75 26.61
N VAL A 143 -12.00 -18.21 26.62
CA VAL A 143 -10.92 -17.59 25.87
C VAL A 143 -10.07 -18.63 25.16
N VAL A 144 -9.45 -18.20 24.06
CA VAL A 144 -8.23 -18.80 23.55
C VAL A 144 -7.17 -17.71 23.62
N ALA A 145 -5.92 -18.08 23.33
CA ALA A 145 -4.84 -17.12 23.44
C ALA A 145 -3.99 -17.08 22.18
N HIS A 146 -3.49 -15.91 21.83
CA HIS A 146 -2.35 -15.88 20.95
C HIS A 146 -1.10 -15.70 21.80
N CYS A 147 0.04 -16.01 21.22
CA CYS A 147 1.26 -16.18 21.99
C CYS A 147 2.21 -14.98 21.94
N LEU A 148 1.81 -13.88 21.29
CA LEU A 148 2.66 -12.69 21.25
C LEU A 148 2.57 -11.97 22.59
N SER A 149 3.71 -11.74 23.23
CA SER A 149 3.76 -11.02 24.49
C SER A 149 4.57 -9.74 24.25
N VAL A 150 3.89 -8.60 24.17
CA VAL A 150 4.54 -7.32 23.90
C VAL A 150 4.18 -6.32 24.99
N GLU A 151 5.18 -5.55 25.43
CA GLU A 151 4.98 -4.51 26.44
C GLU A 151 4.50 -3.21 25.82
N LEU A 152 4.92 -2.94 24.59
CA LEU A 152 4.49 -1.75 23.84
C LEU A 152 4.94 -0.44 24.47
N GLU A 153 6.02 -0.46 25.24
CA GLU A 153 6.58 0.78 25.78
C GLU A 153 7.35 1.55 24.70
N SER A 154 8.03 0.82 23.82
CA SER A 154 8.67 1.42 22.66
C SER A 154 7.61 1.88 21.66
N PRO A 155 7.82 3.02 20.98
CA PRO A 155 6.88 3.41 19.93
C PRO A 155 6.88 2.47 18.73
N ASP A 156 7.90 1.63 18.55
CA ASP A 156 8.11 0.93 17.29
C ASP A 156 6.91 0.10 16.88
N GLY A 157 6.25 -0.54 17.86
CA GLY A 157 5.15 -1.43 17.57
C GLY A 157 3.79 -0.77 17.44
N HIS A 158 3.71 0.56 17.45
CA HIS A 158 2.41 1.21 17.46
C HIS A 158 1.83 1.46 16.08
N ASN A 159 2.40 0.85 15.02
CA ASN A 159 1.78 0.81 13.71
C ASN A 159 1.73 -0.62 13.14
N ASP A 160 1.80 -1.63 14.01
CA ASP A 160 1.96 -3.07 13.75
C ASP A 160 2.83 -3.60 14.89
N THR A 161 2.22 -4.25 15.89
CA THR A 161 2.95 -4.60 17.10
C THR A 161 4.01 -5.67 16.89
N MET A 162 4.00 -6.37 15.74
CA MET A 162 5.11 -7.29 15.47
C MET A 162 6.44 -6.55 15.42
N MET A 163 6.42 -5.22 15.23
CA MET A 163 7.65 -4.44 15.21
C MET A 163 8.16 -4.09 16.61
N ASP A 164 7.43 -4.46 17.66
CA ASP A 164 7.91 -4.18 19.01
C ASP A 164 9.29 -4.80 19.22
N PRO A 165 10.27 -4.06 19.74
CA PRO A 165 11.63 -4.61 19.82
C PRO A 165 11.82 -5.65 20.91
N GLU A 166 11.01 -5.62 21.96
CA GLU A 166 11.23 -6.48 23.12
C GLU A 166 10.09 -7.47 23.25
N GLN A 167 9.73 -8.11 22.16
CA GLN A 167 8.63 -9.05 22.20
C GLN A 167 9.13 -10.41 22.68
N ARG A 168 8.26 -11.10 23.39
CA ARG A 168 8.51 -12.47 23.83
C ARG A 168 7.42 -13.34 23.27
N ILE A 169 7.75 -14.60 23.02
CA ILE A 169 6.74 -15.59 22.67
C ILE A 169 6.31 -16.29 23.96
N TRP A 170 5.04 -16.14 24.32
CA TRP A 170 4.51 -16.72 25.56
C TRP A 170 4.75 -18.23 25.59
N GLY A 171 5.27 -18.71 26.71
CA GLY A 171 5.54 -20.13 26.89
C GLY A 171 6.88 -20.58 26.35
N PHE A 172 7.61 -19.71 25.67
CA PHE A 172 8.93 -19.99 25.12
C PHE A 172 9.95 -19.03 25.72
N GLU A 173 9.69 -17.73 25.60
CA GLU A 173 10.47 -16.70 26.27
C GLU A 173 9.79 -16.14 27.52
N THR A 174 8.66 -16.72 27.92
CA THR A 174 8.07 -16.45 29.21
C THR A 174 7.82 -17.77 29.91
N ASN A 175 7.56 -17.68 31.22
CA ASN A 175 7.16 -18.84 31.99
C ASN A 175 5.63 -18.92 32.00
N PHE A 176 5.10 -19.89 32.75
CA PHE A 176 3.65 -20.05 32.95
C PHE A 176 2.90 -20.22 31.63
N GLY A 177 3.43 -21.11 30.79
CA GLY A 177 2.80 -21.46 29.53
C GLY A 177 1.53 -22.27 29.71
N GLY A 178 0.94 -22.65 28.55
CA GLY A 178 -0.37 -23.26 28.49
C GLY A 178 -0.42 -24.78 28.70
N LEU A 179 0.72 -25.45 28.78
CA LEU A 179 0.71 -26.90 29.01
C LEU A 179 0.66 -27.19 30.53
N ALA A 180 -0.50 -26.87 31.12
CA ALA A 180 -0.66 -26.85 32.58
C ALA A 180 -2.12 -26.57 32.89
N GLN A 181 -2.53 -26.80 34.15
CA GLN A 181 -3.91 -26.57 34.54
C GLN A 181 -4.27 -25.09 34.68
N LEU A 182 -3.29 -24.23 34.93
CA LEU A 182 -3.50 -22.79 34.97
C LEU A 182 -2.40 -22.12 34.18
N ALA A 183 -2.69 -20.90 33.72
CA ALA A 183 -1.70 -20.16 32.96
C ALA A 183 -1.81 -18.69 33.30
N LEU A 184 -0.71 -17.96 33.09
CA LEU A 184 -0.68 -16.52 33.25
C LEU A 184 -0.38 -15.90 31.89
N VAL A 185 -1.26 -15.03 31.43
CA VAL A 185 -1.12 -14.38 30.13
C VAL A 185 -1.42 -12.89 30.30
N LYS A 186 -0.89 -12.10 29.37
CA LYS A 186 -1.35 -10.71 29.26
C LYS A 186 -2.77 -10.71 28.72
N THR A 187 -3.58 -9.79 29.22
CA THR A 187 -4.95 -9.76 28.73
C THR A 187 -5.05 -9.35 27.26
N ASN A 188 -4.01 -8.70 26.71
CA ASN A 188 -3.94 -8.44 25.28
C ASN A 188 -3.51 -9.67 24.48
N GLN A 189 -3.49 -10.84 25.12
CA GLN A 189 -3.37 -12.13 24.42
C GLN A 189 -4.70 -12.82 24.24
N LEU A 190 -5.76 -12.35 24.89
CA LEU A 190 -7.00 -13.09 24.98
C LEU A 190 -7.91 -12.81 23.78
N LEU A 191 -8.54 -13.86 23.30
CA LEU A 191 -9.50 -13.81 22.23
C LEU A 191 -10.72 -14.64 22.64
N PRO A 192 -11.90 -14.30 22.12
CA PRO A 192 -13.09 -15.09 22.48
C PRO A 192 -13.02 -16.49 21.89
N LYS A 193 -13.36 -17.49 22.71
CA LYS A 193 -13.34 -18.87 22.24
C LYS A 193 -14.40 -19.08 21.16
N PRO A 194 -14.06 -19.71 20.02
CA PRO A 194 -15.10 -20.13 19.05
C PRO A 194 -16.07 -21.12 19.68
N LYS A 195 -17.35 -20.75 19.72
CA LYS A 195 -18.34 -21.47 20.50
C LYS A 195 -18.67 -22.84 19.93
N HIS A 196 -18.46 -23.07 18.64
CA HIS A 196 -18.84 -24.33 18.00
C HIS A 196 -17.78 -25.41 18.13
N LEU A 197 -16.66 -25.13 18.80
CA LEU A 197 -15.56 -26.07 18.89
C LEU A 197 -15.40 -26.58 20.33
N THR A 198 -14.83 -27.77 20.46
CA THR A 198 -14.45 -28.29 21.77
C THR A 198 -13.21 -27.56 22.28
N TRP A 199 -12.92 -27.74 23.57
CA TRP A 199 -11.76 -27.08 24.17
C TRP A 199 -10.49 -27.38 23.39
N GLU A 200 -10.26 -28.66 23.08
CA GLU A 200 -9.02 -29.06 22.43
C GLU A 200 -8.97 -28.59 20.96
N GLU A 201 -10.12 -28.56 20.29
CA GLU A 201 -10.17 -27.98 18.94
C GLU A 201 -9.89 -26.48 18.98
N ALA A 202 -10.54 -25.77 19.91
CA ALA A 202 -10.35 -24.32 20.00
C ALA A 202 -8.90 -23.97 20.31
N ALA A 203 -8.19 -24.82 21.03
CA ALA A 203 -6.80 -24.55 21.39
C ALA A 203 -5.82 -24.89 20.27
N SER A 204 -6.28 -25.54 19.23
CA SER A 204 -5.36 -26.08 18.23
C SER A 204 -4.90 -25.08 17.16
N PRO A 205 -5.75 -24.17 16.65
CA PRO A 205 -5.28 -23.33 15.53
C PRO A 205 -4.27 -22.28 15.94
N GLY A 206 -4.48 -21.61 17.07
CA GLY A 206 -3.75 -20.44 17.53
C GLY A 206 -2.50 -20.01 16.79
N LEU A 207 -1.37 -20.58 17.18
CA LEU A 207 -0.08 -20.11 16.69
C LEU A 207 0.05 -20.29 15.18
N VAL A 208 -0.27 -21.49 14.67
CA VAL A 208 -0.02 -21.75 13.26
C VAL A 208 -1.03 -21.03 12.38
N ASN A 209 -2.28 -20.92 12.85
CA ASN A 209 -3.31 -20.28 12.06
C ASN A 209 -3.07 -18.77 11.94
N SER A 210 -2.76 -18.10 13.05
CA SER A 210 -2.52 -16.65 12.97
C SER A 210 -1.29 -16.35 12.13
N THR A 211 -0.26 -17.20 12.22
CA THR A 211 0.94 -17.05 11.40
C THR A 211 0.61 -17.13 9.92
N ALA A 212 -0.16 -18.17 9.52
CA ALA A 212 -0.55 -18.32 8.12
C ALA A 212 -1.41 -17.14 7.66
N TYR A 213 -2.30 -16.67 8.54
CA TYR A 213 -3.16 -15.54 8.22
C TYR A 213 -2.34 -14.30 7.90
N ARG A 214 -1.41 -13.94 8.79
CA ARG A 214 -0.60 -12.75 8.50
C ARG A 214 0.20 -12.97 7.23
N GLN A 215 0.74 -14.17 7.06
CA GLN A 215 1.62 -14.45 5.93
C GLN A 215 0.88 -14.33 4.62
N LEU A 216 -0.31 -14.91 4.53
CA LEU A 216 -1.01 -15.03 3.25
C LEU A 216 -2.10 -13.99 3.06
N VAL A 217 -2.91 -13.72 4.08
CA VAL A 217 -4.13 -12.94 3.90
C VAL A 217 -3.91 -11.46 4.13
N SER A 218 -3.16 -11.10 5.17
CA SER A 218 -3.09 -9.70 5.54
C SER A 218 -2.21 -8.90 4.58
N ARG A 219 -2.40 -7.58 4.61
CA ARG A 219 -1.56 -6.68 3.81
C ARG A 219 -0.12 -6.58 4.33
N ASN A 220 0.14 -7.03 5.55
CA ASN A 220 1.50 -7.17 6.04
C ASN A 220 2.22 -8.40 5.47
N GLY A 221 1.49 -9.30 4.83
CA GLY A 221 2.08 -10.45 4.17
C GLY A 221 1.85 -10.37 2.67
N ALA A 222 1.26 -11.41 2.08
CA ALA A 222 1.10 -11.49 0.63
C ALA A 222 -0.14 -10.77 0.10
N GLY A 223 -1.10 -10.42 0.95
CA GLY A 223 -2.27 -9.71 0.45
C GLY A 223 -3.07 -10.45 -0.62
N LEU A 224 -3.37 -11.71 -0.35
CA LEU A 224 -4.07 -12.58 -1.28
C LEU A 224 -5.34 -11.93 -1.84
N LYS A 225 -5.63 -12.20 -3.11
CA LYS A 225 -6.94 -11.83 -3.68
C LYS A 225 -7.48 -13.00 -4.48
N GLN A 226 -8.81 -13.01 -4.64
CA GLN A 226 -9.45 -14.08 -5.39
C GLN A 226 -8.91 -14.09 -6.81
N GLY A 227 -8.71 -15.30 -7.33
CA GLY A 227 -8.12 -15.51 -8.62
C GLY A 227 -6.63 -15.78 -8.58
N ASP A 228 -5.95 -15.42 -7.48
CA ASP A 228 -4.52 -15.69 -7.37
C ASP A 228 -4.24 -17.19 -7.42
N ASN A 229 -3.10 -17.55 -8.00
CA ASN A 229 -2.54 -18.90 -7.89
C ASN A 229 -1.46 -18.86 -6.81
N VAL A 230 -1.52 -19.80 -5.86
CA VAL A 230 -0.67 -19.82 -4.67
C VAL A 230 0.00 -21.18 -4.55
N LEU A 231 1.33 -21.22 -4.64
CA LEU A 231 2.09 -22.45 -4.39
C LEU A 231 2.32 -22.61 -2.90
N ILE A 232 1.91 -23.75 -2.33
CA ILE A 232 1.94 -23.96 -0.88
C ILE A 232 2.79 -25.19 -0.59
N TRP A 233 4.00 -24.97 -0.10
CA TRP A 233 4.84 -26.08 0.33
C TRP A 233 4.26 -26.70 1.59
N GLY A 234 4.53 -27.99 1.78
CA GLY A 234 4.06 -28.72 2.96
C GLY A 234 2.59 -28.51 3.22
N ALA A 235 1.77 -28.66 2.18
CA ALA A 235 0.39 -28.20 2.25
C ALA A 235 -0.49 -28.96 3.25
N SER A 236 -0.03 -30.09 3.78
CA SER A 236 -0.77 -30.80 4.83
C SER A 236 -0.16 -30.61 6.22
N GLY A 237 0.95 -29.90 6.34
CA GLY A 237 1.55 -29.64 7.64
C GLY A 237 0.67 -28.77 8.51
N GLY A 238 1.20 -28.39 9.67
CA GLY A 238 0.48 -27.46 10.53
C GLY A 238 0.20 -26.15 9.82
N LEU A 239 1.22 -25.58 9.19
CA LEU A 239 1.13 -24.25 8.59
C LEU A 239 0.57 -24.34 7.18
N GLY A 240 1.08 -25.27 6.38
CA GLY A 240 0.62 -25.43 5.02
C GLY A 240 -0.86 -25.75 4.93
N SER A 241 -1.42 -26.35 5.98
N SER A 241 -1.42 -26.37 5.97
CA SER A 241 -2.84 -26.68 5.96
CA SER A 241 -2.84 -26.68 5.94
C SER A 241 -3.70 -25.44 6.09
C SER A 241 -3.69 -25.43 6.08
N TYR A 242 -3.37 -24.57 7.06
CA TYR A 242 -4.13 -23.33 7.21
C TYR A 242 -3.96 -22.43 5.98
N ALA A 243 -2.76 -22.37 5.41
CA ALA A 243 -2.57 -21.63 4.17
C ALA A 243 -3.47 -22.17 3.05
N THR A 244 -3.60 -23.49 2.94
CA THR A 244 -4.51 -24.06 1.94
C THR A 244 -5.95 -23.62 2.18
N GLN A 245 -6.38 -23.63 3.44
CA GLN A 245 -7.73 -23.17 3.74
C GLN A 245 -7.92 -21.69 3.38
N TYR A 246 -6.91 -20.86 3.69
CA TYR A 246 -7.03 -19.43 3.38
C TYR A 246 -7.08 -19.18 1.87
N ALA A 247 -6.24 -19.90 1.12
CA ALA A 247 -6.28 -19.79 -0.34
C ALA A 247 -7.68 -20.08 -0.86
N LEU A 248 -8.28 -21.19 -0.44
CA LEU A 248 -9.59 -21.57 -0.94
C LEU A 248 -10.68 -20.63 -0.45
N ALA A 249 -10.65 -20.26 0.84
CA ALA A 249 -11.71 -19.40 1.37
C ALA A 249 -11.68 -18.00 0.76
N GLY A 250 -10.51 -17.50 0.35
CA GLY A 250 -10.44 -16.21 -0.30
C GLY A 250 -10.63 -16.23 -1.81
N GLY A 251 -10.99 -17.38 -2.39
CA GLY A 251 -11.27 -17.50 -3.81
C GLY A 251 -10.05 -17.65 -4.68
N ALA A 252 -8.91 -18.01 -4.10
CA ALA A 252 -7.70 -18.28 -4.86
C ALA A 252 -7.59 -19.77 -5.14
N THR A 253 -6.54 -20.14 -5.86
CA THR A 253 -6.27 -21.53 -6.26
C THR A 253 -4.97 -21.98 -5.61
N PRO A 254 -5.01 -22.92 -4.68
CA PRO A 254 -3.76 -23.47 -4.12
C PRO A 254 -3.17 -24.54 -5.03
N ILE A 255 -1.86 -24.47 -5.24
CA ILE A 255 -1.10 -25.57 -5.82
C ILE A 255 -0.34 -26.17 -4.64
N CYS A 256 -0.85 -27.30 -4.16
CA CYS A 256 -0.36 -27.91 -2.92
C CYS A 256 0.79 -28.85 -3.25
N VAL A 257 1.89 -28.74 -2.47
CA VAL A 257 3.03 -29.65 -2.57
C VAL A 257 3.01 -30.58 -1.36
N VAL A 258 3.12 -31.89 -1.63
CA VAL A 258 3.11 -32.91 -0.59
C VAL A 258 4.19 -33.93 -0.92
N SER A 259 4.43 -34.86 0.01
CA SER A 259 5.49 -35.85 -0.17
C SER A 259 4.98 -37.29 -0.24
N SER A 260 3.67 -37.51 -0.23
CA SER A 260 3.13 -38.87 -0.27
C SER A 260 1.74 -38.82 -0.88
N PRO A 261 1.29 -39.90 -1.50
CA PRO A 261 -0.12 -39.95 -1.94
C PRO A 261 -1.13 -39.82 -0.80
N ARG A 262 -0.78 -40.27 0.40
CA ARG A 262 -1.73 -40.12 1.51
C ARG A 262 -1.84 -38.66 1.95
N LYS A 263 -0.73 -37.94 1.93
CA LYS A 263 -0.77 -36.49 2.17
C LYS A 263 -1.55 -35.77 1.07
N ALA A 264 -1.50 -36.27 -0.17
CA ALA A 264 -2.32 -35.69 -1.22
C ALA A 264 -3.81 -35.85 -0.93
N ASP A 265 -4.20 -36.96 -0.30
CA ASP A 265 -5.61 -37.15 0.02
C ASP A 265 -6.09 -36.14 1.05
N ILE A 266 -5.24 -35.78 2.02
CA ILE A 266 -5.61 -34.74 2.96
C ILE A 266 -5.91 -33.43 2.23
N CYS A 267 -5.06 -33.08 1.27
CA CYS A 267 -5.27 -31.83 0.54
C CYS A 267 -6.60 -31.87 -0.22
N ARG A 268 -6.91 -32.98 -0.87
CA ARG A 268 -8.21 -33.12 -1.53
C ARG A 268 -9.35 -33.03 -0.53
N ALA A 269 -9.19 -33.63 0.66
CA ALA A 269 -10.21 -33.50 1.69
C ALA A 269 -10.45 -32.03 2.05
N MET A 270 -9.42 -31.19 1.92
CA MET A 270 -9.57 -29.76 2.21
C MET A 270 -10.23 -28.99 1.07
N GLY A 271 -10.38 -29.59 -0.10
CA GLY A 271 -10.98 -28.92 -1.23
C GLY A 271 -10.00 -28.52 -2.32
N ALA A 272 -8.74 -28.89 -2.20
CA ALA A 272 -7.76 -28.56 -3.21
C ALA A 272 -7.78 -29.62 -4.31
N GLU A 273 -7.39 -29.20 -5.50
CA GLU A 273 -7.35 -30.09 -6.66
C GLU A 273 -5.96 -30.20 -7.28
N ALA A 274 -5.19 -29.12 -7.30
CA ALA A 274 -3.87 -29.10 -7.92
C ALA A 274 -2.84 -29.52 -6.88
N ILE A 275 -2.39 -30.77 -6.95
CA ILE A 275 -1.51 -31.32 -5.93
C ILE A 275 -0.27 -31.89 -6.62
N ILE A 276 0.90 -31.57 -6.08
CA ILE A 276 2.17 -32.05 -6.61
C ILE A 276 2.85 -32.89 -5.54
N ASP A 277 3.27 -34.09 -5.91
CA ASP A 277 4.02 -34.98 -5.02
C ASP A 277 5.50 -34.87 -5.39
N ARG A 278 6.27 -34.17 -4.56
CA ARG A 278 7.68 -33.94 -4.85
C ARG A 278 8.48 -35.24 -4.84
N SER A 279 8.05 -36.22 -4.03
CA SER A 279 8.69 -37.53 -4.00
C SER A 279 8.49 -38.26 -5.33
N ALA A 280 7.24 -38.33 -5.80
CA ALA A 280 6.97 -38.93 -7.10
C ALA A 280 7.73 -38.21 -8.21
N GLU A 281 7.67 -36.87 -8.22
CA GLU A 281 8.37 -36.11 -9.23
C GLU A 281 9.89 -36.20 -9.09
N GLY A 282 10.37 -36.48 -7.88
CA GLY A 282 11.79 -36.67 -7.65
C GLY A 282 12.62 -35.41 -7.87
N TYR A 283 12.17 -34.28 -7.34
CA TYR A 283 12.91 -33.03 -7.52
C TYR A 283 14.22 -33.09 -6.73
N ARG A 284 15.32 -32.79 -7.41
CA ARG A 284 16.62 -32.61 -6.77
C ARG A 284 17.06 -31.21 -7.13
N PHE A 285 16.60 -30.24 -6.33
CA PHE A 285 16.92 -28.84 -6.61
C PHE A 285 18.39 -28.55 -6.41
N TRP A 286 19.04 -29.29 -5.50
CA TRP A 286 20.46 -29.14 -5.22
C TRP A 286 21.24 -30.32 -5.81
N LYS A 287 22.25 -29.99 -6.63
CA LYS A 287 23.09 -31.02 -7.23
C LYS A 287 24.14 -31.53 -6.25
N ASP A 288 24.66 -30.64 -5.41
CA ASP A 288 25.56 -31.02 -4.31
C ASP A 288 25.27 -30.08 -3.15
N GLU A 289 26.19 -30.06 -2.18
CA GLU A 289 25.94 -29.26 -1.00
C GLU A 289 26.00 -27.77 -1.30
N HIS A 290 26.60 -27.37 -2.42
CA HIS A 290 26.76 -25.95 -2.71
C HIS A 290 26.20 -25.48 -4.04
N HIS A 291 25.65 -26.37 -4.87
CA HIS A 291 25.24 -25.98 -6.21
C HIS A 291 23.83 -26.49 -6.48
N GLN A 292 22.98 -25.60 -6.99
CA GLN A 292 21.61 -25.96 -7.34
C GLN A 292 21.51 -26.32 -8.81
N ASP A 293 20.36 -26.88 -9.17
CA ASP A 293 20.11 -27.40 -10.52
C ASP A 293 18.96 -26.61 -11.13
N PRO A 294 19.26 -25.57 -11.91
CA PRO A 294 18.16 -24.78 -12.51
C PRO A 294 17.25 -25.58 -13.42
N ARG A 295 17.72 -26.67 -14.03
CA ARG A 295 16.82 -27.48 -14.83
C ARG A 295 15.75 -28.13 -13.99
N GLU A 296 16.04 -28.35 -12.71
CA GLU A 296 15.02 -28.85 -11.79
C GLU A 296 14.06 -27.75 -11.34
N TRP A 297 14.53 -26.51 -11.16
CA TRP A 297 13.59 -25.42 -10.97
C TRP A 297 12.61 -25.37 -12.12
N LYS A 298 13.12 -25.48 -13.34
CA LYS A 298 12.27 -25.40 -14.53
C LYS A 298 11.24 -26.52 -14.57
N ARG A 299 11.63 -27.72 -14.13
CA ARG A 299 10.71 -28.85 -14.16
C ARG A 299 9.53 -28.58 -13.22
N LEU A 300 9.80 -28.07 -12.02
CA LEU A 300 8.72 -27.67 -11.13
C LEU A 300 7.83 -26.63 -11.78
N GLY A 301 8.44 -25.64 -12.43
CA GLY A 301 7.66 -24.59 -13.08
C GLY A 301 6.74 -25.12 -14.17
N GLY A 302 7.25 -26.02 -15.01
CA GLY A 302 6.40 -26.62 -16.02
C GLY A 302 5.23 -27.39 -15.43
N LYS A 303 5.50 -28.18 -14.39
CA LYS A 303 4.46 -28.96 -13.72
C LYS A 303 3.38 -28.06 -13.14
N ILE A 304 3.78 -26.96 -12.51
CA ILE A 304 2.81 -25.99 -12.00
C ILE A 304 1.90 -25.51 -13.13
N ARG A 305 2.50 -25.13 -14.25
CA ARG A 305 1.75 -24.61 -15.39
C ARG A 305 0.79 -25.65 -15.96
N GLU A 306 1.03 -26.94 -15.70
CA GLU A 306 0.04 -27.95 -16.10
C GLU A 306 -1.28 -27.75 -15.38
N PHE A 307 -1.25 -27.33 -14.11
CA PHE A 307 -2.46 -27.16 -13.33
C PHE A 307 -3.13 -25.80 -13.54
N THR A 308 -2.37 -24.78 -13.85
CA THR A 308 -2.92 -23.42 -13.92
C THR A 308 -3.30 -23.00 -15.33
N GLY A 309 -3.14 -23.88 -16.31
CA GLY A 309 -3.39 -23.49 -17.67
C GLY A 309 -2.34 -22.54 -18.20
N GLY A 310 -1.08 -22.76 -17.84
CA GLY A 310 0.02 -21.98 -18.38
C GLY A 310 0.41 -20.77 -17.56
N GLU A 311 -0.14 -20.61 -16.37
CA GLU A 311 0.09 -19.43 -15.53
C GLU A 311 1.08 -19.76 -14.42
N ASP A 312 1.94 -18.80 -14.11
CA ASP A 312 2.86 -18.92 -12.97
C ASP A 312 2.18 -18.37 -11.73
N VAL A 313 2.60 -18.87 -10.56
CA VAL A 313 1.90 -18.54 -9.31
C VAL A 313 2.15 -17.09 -8.93
N ASP A 314 1.10 -16.44 -8.40
CA ASP A 314 1.23 -15.07 -7.90
C ASP A 314 1.97 -15.02 -6.58
N ILE A 315 1.87 -16.08 -5.77
CA ILE A 315 2.42 -16.11 -4.42
C ILE A 315 3.00 -17.50 -4.17
N VAL A 316 4.18 -17.55 -3.56
CA VAL A 316 4.71 -18.78 -2.98
C VAL A 316 4.68 -18.65 -1.47
N PHE A 317 4.02 -19.60 -0.80
CA PHE A 317 3.96 -19.69 0.67
C PHE A 317 5.15 -20.56 1.10
N GLU A 318 6.20 -19.93 1.60
CA GLU A 318 7.46 -20.63 1.87
C GLU A 318 7.61 -20.88 3.35
N HIS A 319 8.50 -21.82 3.67
CA HIS A 319 8.87 -22.22 5.04
C HIS A 319 9.89 -23.37 5.04
N PRO A 320 9.95 -24.24 4.02
CA PRO A 320 11.05 -25.23 4.01
C PRO A 320 12.44 -24.63 3.96
N GLY A 321 12.62 -23.48 3.33
CA GLY A 321 13.91 -22.81 3.38
C GLY A 321 14.86 -23.26 2.29
N ARG A 322 16.10 -23.56 2.69
CA ARG A 322 17.21 -23.68 1.73
C ARG A 322 16.91 -24.69 0.63
N GLU A 323 16.31 -25.83 0.98
CA GLU A 323 16.06 -26.87 -0.01
C GLU A 323 15.27 -26.34 -1.21
N THR A 324 14.21 -25.56 -0.95
CA THR A 324 13.22 -25.18 -1.95
C THR A 324 13.28 -23.74 -2.41
N PHE A 325 14.03 -22.88 -1.71
CA PHE A 325 13.86 -21.44 -1.90
C PHE A 325 14.28 -20.98 -3.30
N GLY A 326 15.35 -21.56 -3.84
CA GLY A 326 15.74 -21.19 -5.19
C GLY A 326 14.65 -21.47 -6.20
N ALA A 327 14.00 -22.63 -6.07
CA ALA A 327 12.89 -22.94 -6.96
C ALA A 327 11.70 -22.01 -6.71
N SER A 328 11.44 -21.68 -5.45
CA SER A 328 10.34 -20.76 -5.14
C SER A 328 10.55 -19.40 -5.81
N VAL A 329 11.74 -18.83 -5.68
CA VAL A 329 12.03 -17.58 -6.38
C VAL A 329 11.87 -17.75 -7.90
N TYR A 330 12.34 -18.87 -8.45
CA TYR A 330 12.30 -19.08 -9.90
C TYR A 330 10.87 -19.10 -10.45
N VAL A 331 9.99 -19.93 -9.86
CA VAL A 331 8.67 -20.19 -10.42
C VAL A 331 7.69 -19.04 -10.23
N THR A 332 7.99 -18.09 -9.35
CA THR A 332 7.02 -17.04 -9.07
C THR A 332 6.80 -16.16 -10.30
N ARG A 333 5.55 -15.75 -10.50
CA ARG A 333 5.18 -14.90 -11.62
C ARG A 333 5.90 -13.56 -11.58
N LYS A 334 6.08 -12.94 -12.74
CA LYS A 334 6.56 -11.56 -12.79
C LYS A 334 5.67 -10.67 -11.92
N GLY A 335 6.29 -9.90 -11.03
CA GLY A 335 5.52 -9.10 -10.08
C GLY A 335 5.03 -9.83 -8.84
N GLY A 336 5.33 -11.12 -8.69
CA GLY A 336 4.79 -11.94 -7.62
C GLY A 336 5.55 -11.81 -6.31
N THR A 337 5.10 -12.58 -5.31
CA THR A 337 5.62 -12.47 -3.95
C THR A 337 5.94 -13.86 -3.40
N ILE A 338 7.11 -14.00 -2.79
CA ILE A 338 7.46 -15.16 -1.99
C ILE A 338 7.41 -14.72 -0.53
N VAL A 339 6.53 -15.32 0.26
CA VAL A 339 6.39 -14.96 1.66
C VAL A 339 6.92 -16.10 2.52
N THR A 340 7.78 -15.77 3.50
CA THR A 340 8.50 -16.78 4.27
C THR A 340 8.41 -16.52 5.76
N CYS A 341 8.20 -17.59 6.53
CA CYS A 341 8.11 -17.46 7.98
C CYS A 341 8.97 -18.48 8.71
N ALA A 342 9.85 -19.19 8.01
CA ALA A 342 10.64 -20.28 8.58
C ALA A 342 11.62 -20.75 7.50
N SER A 343 12.53 -21.64 7.92
CA SER A 343 13.54 -22.26 7.04
C SER A 343 13.91 -23.62 7.63
N THR A 344 12.93 -24.53 7.63
CA THR A 344 13.09 -25.78 8.38
C THR A 344 14.25 -26.61 7.84
N SER A 345 14.45 -26.61 6.52
CA SER A 345 15.53 -27.39 5.90
C SER A 345 16.89 -26.69 5.99
N GLY A 346 16.95 -25.46 6.47
CA GLY A 346 18.20 -24.71 6.55
C GLY A 346 17.99 -23.23 6.24
N TYR A 347 18.60 -22.35 7.02
CA TYR A 347 18.32 -20.93 6.91
C TYR A 347 19.28 -20.16 6.03
N MET A 348 20.32 -20.79 5.49
CA MET A 348 21.18 -20.13 4.52
C MET A 348 20.58 -20.36 3.13
N HIS A 349 19.79 -19.38 2.68
CA HIS A 349 19.08 -19.45 1.42
C HIS A 349 19.99 -19.02 0.28
N GLN A 350 19.84 -19.69 -0.85
CA GLN A 350 20.53 -19.32 -2.08
C GLN A 350 19.51 -19.19 -3.19
N TYR A 351 19.59 -18.10 -3.95
CA TYR A 351 18.70 -17.90 -5.08
C TYR A 351 19.41 -17.08 -6.14
N ASP A 352 18.91 -17.18 -7.37
CA ASP A 352 19.43 -16.42 -8.52
C ASP A 352 18.69 -15.10 -8.54
N ASN A 353 19.39 -14.02 -8.21
CA ASN A 353 18.78 -12.71 -8.08
C ASN A 353 18.32 -12.15 -9.43
N ARG A 354 18.85 -12.67 -10.55
CA ARG A 354 18.37 -12.21 -11.85
C ARG A 354 16.85 -12.35 -11.96
N TYR A 355 16.30 -13.46 -11.49
CA TYR A 355 14.86 -13.66 -11.58
C TYR A 355 14.13 -12.65 -10.71
N LEU A 356 14.71 -12.30 -9.58
CA LEU A 356 14.03 -11.39 -8.67
C LEU A 356 13.97 -9.97 -9.24
N TRP A 357 15.10 -9.44 -9.72
CA TRP A 357 15.06 -8.08 -10.24
C TRP A 357 14.46 -8.00 -11.63
N MET A 358 14.89 -8.87 -12.57
CA MET A 358 14.36 -8.76 -13.91
C MET A 358 12.87 -9.06 -14.00
N SER A 359 12.31 -9.81 -13.06
CA SER A 359 10.87 -10.04 -13.05
C SER A 359 10.18 -9.37 -11.85
N LEU A 360 10.89 -8.48 -11.16
CA LEU A 360 10.25 -7.55 -10.23
C LEU A 360 9.48 -8.32 -9.15
N LYS A 361 10.10 -9.36 -8.61
CA LYS A 361 9.51 -10.13 -7.54
C LYS A 361 9.95 -9.59 -6.18
N ARG A 362 9.33 -10.09 -5.12
CA ARG A 362 9.71 -9.69 -3.77
C ARG A 362 9.61 -10.88 -2.81
N ILE A 363 10.50 -10.87 -1.82
CA ILE A 363 10.51 -11.84 -0.72
C ILE A 363 10.11 -11.08 0.53
N VAL A 364 9.02 -11.50 1.18
CA VAL A 364 8.48 -10.82 2.34
C VAL A 364 8.60 -11.74 3.55
N GLY A 365 9.27 -11.26 4.60
CA GLY A 365 9.40 -12.01 5.84
C GLY A 365 8.19 -11.78 6.74
N SER A 366 7.76 -12.83 7.39
CA SER A 366 6.61 -12.75 8.27
C SER A 366 6.86 -13.64 9.48
N HIS A 367 6.15 -13.35 10.55
CA HIS A 367 6.46 -13.95 11.84
C HIS A 367 5.24 -13.76 12.71
N PHE A 368 4.65 -14.86 13.18
CA PHE A 368 3.50 -14.81 14.12
C PHE A 368 2.41 -13.86 13.58
N ALA A 369 1.89 -12.95 14.40
CA ALA A 369 0.78 -12.08 14.05
C ALA A 369 0.66 -11.02 15.13
N ASN A 370 0.25 -9.82 14.73
CA ASN A 370 -0.16 -8.87 15.75
C ASN A 370 -1.57 -9.23 16.25
N TYR A 371 -1.99 -8.57 17.32
CA TYR A 371 -3.26 -8.90 17.98
C TYR A 371 -4.44 -8.71 17.05
N ARG A 372 -4.40 -7.71 16.16
CA ARG A 372 -5.52 -7.54 15.25
C ARG A 372 -5.59 -8.69 14.26
N GLU A 373 -4.43 -9.11 13.75
CA GLU A 373 -4.38 -10.23 12.83
C GLU A 373 -4.77 -11.54 13.53
N ALA A 374 -4.30 -11.73 14.77
CA ALA A 374 -4.75 -12.91 15.52
C ALA A 374 -6.24 -12.88 15.76
N PHE A 375 -6.80 -11.71 16.06
CA PHE A 375 -8.24 -11.61 16.24
C PHE A 375 -8.97 -11.97 14.94
N GLU A 376 -8.49 -11.45 13.80
CA GLU A 376 -9.13 -11.73 12.53
C GLU A 376 -9.02 -13.20 12.16
N ALA A 377 -7.85 -13.80 12.41
CA ALA A 377 -7.68 -15.22 12.13
C ALA A 377 -8.59 -16.07 12.99
N ASN A 378 -8.69 -15.76 14.30
CA ASN A 378 -9.59 -16.50 15.17
C ASN A 378 -11.05 -16.21 14.82
N ARG A 379 -11.37 -14.98 14.42
CA ARG A 379 -12.73 -14.67 13.98
C ARG A 379 -13.14 -15.48 12.75
N LEU A 380 -12.21 -15.79 11.83
CA LEU A 380 -12.60 -16.61 10.67
C LEU A 380 -12.84 -18.05 11.11
N VAL A 381 -12.13 -18.50 12.15
CA VAL A 381 -12.48 -19.79 12.75
C VAL A 381 -13.87 -19.73 13.36
N ALA A 382 -14.14 -18.67 14.15
CA ALA A 382 -15.43 -18.53 14.83
C ALA A 382 -16.57 -18.44 13.83
N LYS A 383 -16.31 -17.95 12.62
CA LYS A 383 -17.32 -17.86 11.57
C LYS A 383 -17.52 -19.16 10.82
N GLY A 384 -16.71 -20.18 11.08
CA GLY A 384 -16.81 -21.40 10.32
C GLY A 384 -16.21 -21.31 8.93
N LYS A 385 -15.37 -20.30 8.66
CA LYS A 385 -14.73 -20.23 7.36
C LYS A 385 -13.39 -20.97 7.33
N ILE A 386 -12.75 -21.12 8.50
CA ILE A 386 -11.48 -21.81 8.68
C ILE A 386 -11.68 -22.84 9.79
N HIS A 387 -11.09 -24.03 9.64
CA HIS A 387 -11.39 -25.13 10.56
C HIS A 387 -10.15 -25.63 11.27
N PRO A 388 -10.28 -26.07 12.52
CA PRO A 388 -9.15 -26.67 13.19
C PRO A 388 -8.79 -27.98 12.51
N THR A 389 -7.54 -28.41 12.74
CA THR A 389 -6.92 -29.54 12.05
C THR A 389 -6.33 -30.52 13.06
N LEU A 390 -7.05 -30.79 14.14
CA LEU A 390 -6.58 -31.73 15.15
C LEU A 390 -6.50 -33.14 14.58
N SER A 391 -5.36 -33.81 14.73
CA SER A 391 -5.26 -35.22 14.35
C SER A 391 -5.23 -36.18 15.54
N LYS A 392 -4.63 -35.79 16.67
CA LYS A 392 -4.56 -36.65 17.85
C LYS A 392 -4.49 -35.79 19.12
N VAL A 393 -5.07 -36.32 20.21
CA VAL A 393 -5.15 -35.63 21.50
C VAL A 393 -4.52 -36.50 22.59
N TYR A 394 -3.68 -35.89 23.42
CA TYR A 394 -3.05 -36.55 24.56
C TYR A 394 -3.51 -35.89 25.85
N ALA A 395 -3.45 -36.64 26.95
CA ALA A 395 -3.70 -36.03 28.25
C ALA A 395 -2.43 -35.34 28.74
N LEU A 396 -2.60 -34.44 29.71
CA LEU A 396 -1.49 -33.62 30.17
C LEU A 396 -0.31 -34.47 30.62
N GLU A 397 -0.59 -35.57 31.32
CA GLU A 397 0.46 -36.44 31.84
C GLU A 397 1.28 -37.10 30.72
N GLU A 398 0.75 -37.16 29.50
CA GLU A 398 1.47 -37.77 28.38
C GLU A 398 2.10 -36.72 27.46
N THR A 399 2.28 -35.48 27.92
CA THR A 399 2.81 -34.44 27.04
C THR A 399 4.18 -34.81 26.49
N GLY A 400 5.01 -35.51 27.29
CA GLY A 400 6.30 -35.96 26.78
C GLY A 400 6.18 -36.77 25.50
N GLN A 401 5.16 -37.62 25.42
CA GLN A 401 4.96 -38.44 24.22
C GLN A 401 4.39 -37.62 23.08
N ALA A 402 3.50 -36.67 23.39
CA ALA A 402 3.02 -35.76 22.35
C ALA A 402 4.19 -35.00 21.72
N ALA A 403 5.12 -34.51 22.55
CA ALA A 403 6.27 -33.78 22.02
C ALA A 403 7.13 -34.67 21.13
N LEU A 404 7.32 -35.94 21.52
CA LEU A 404 8.09 -36.85 20.68
C LEU A 404 7.37 -37.10 19.35
N ASP A 405 6.05 -37.28 19.39
CA ASP A 405 5.27 -37.42 18.16
C ASP A 405 5.56 -36.30 17.18
N VAL A 406 5.46 -35.06 17.65
CA VAL A 406 5.74 -33.91 16.79
C VAL A 406 7.20 -33.90 16.37
N HIS A 407 8.10 -34.24 17.29
CA HIS A 407 9.53 -34.27 16.97
C HIS A 407 9.83 -35.20 15.80
N HIS A 408 9.10 -36.31 15.69
CA HIS A 408 9.31 -37.29 14.63
C HIS A 408 8.23 -37.26 13.56
N ASN A 409 7.37 -36.24 13.54
CA ASN A 409 6.40 -36.01 12.47
C ASN A 409 5.48 -37.22 12.24
N LYS A 410 4.95 -37.75 13.34
CA LYS A 410 4.07 -38.91 13.27
C LYS A 410 2.64 -38.56 12.85
N HIS A 411 2.27 -37.28 12.83
CA HIS A 411 0.92 -36.88 12.50
C HIS A 411 0.95 -35.68 11.57
N GLN A 412 -0.07 -35.60 10.70
CA GLN A 412 -0.18 -34.47 9.79
C GLN A 412 -0.88 -33.28 10.42
N GLY A 413 -1.84 -33.53 11.30
CA GLY A 413 -2.58 -32.46 11.94
C GLY A 413 -1.92 -32.01 13.22
N LYS A 414 -2.52 -30.98 13.81
CA LYS A 414 -2.09 -30.54 15.14
C LYS A 414 -2.20 -31.69 16.13
N VAL A 415 -1.27 -31.72 17.08
CA VAL A 415 -1.38 -32.61 18.24
C VAL A 415 -1.87 -31.76 19.41
N GLY A 416 -3.04 -32.12 19.96
CA GLY A 416 -3.63 -31.41 21.07
C GLY A 416 -3.34 -32.08 22.41
N VAL A 417 -3.49 -31.31 23.49
CA VAL A 417 -3.26 -31.80 24.85
C VAL A 417 -4.42 -31.34 25.73
N LEU A 418 -5.10 -32.27 26.38
CA LEU A 418 -6.07 -31.92 27.42
C LEU A 418 -5.34 -31.48 28.69
N CYS A 419 -5.83 -30.40 29.31
CA CYS A 419 -5.23 -29.89 30.54
C CYS A 419 -6.16 -30.15 31.67
N LEU A 420 -7.07 -29.24 32.02
CA LEU A 420 -8.10 -29.55 33.01
C LEU A 420 -9.23 -30.38 32.43
N ALA A 421 -9.45 -30.32 31.11
CA ALA A 421 -10.56 -31.03 30.51
C ALA A 421 -10.42 -32.53 30.81
N PRO A 422 -11.44 -33.17 31.37
CA PRO A 422 -11.30 -34.58 31.77
C PRO A 422 -11.38 -35.55 30.61
N ARG A 423 -11.96 -35.15 29.48
CA ARG A 423 -12.09 -35.98 28.30
C ARG A 423 -12.23 -35.06 27.09
N GLU A 424 -12.08 -35.65 25.89
CA GLU A 424 -12.34 -34.89 24.68
C GLU A 424 -13.84 -34.65 24.52
N GLY A 425 -14.17 -33.67 23.69
CA GLY A 425 -15.53 -33.47 23.24
C GLY A 425 -16.33 -32.45 24.01
N LEU A 426 -15.76 -31.81 25.03
CA LEU A 426 -16.49 -30.86 25.85
C LEU A 426 -16.31 -29.44 25.32
N GLY A 427 -17.28 -28.57 25.66
CA GLY A 427 -17.12 -27.14 25.50
C GLY A 427 -17.87 -26.52 24.35
N VAL A 428 -18.65 -27.29 23.59
CA VAL A 428 -19.43 -26.74 22.49
C VAL A 428 -20.66 -26.05 23.04
N THR A 429 -20.85 -24.77 22.66
CA THR A 429 -22.06 -24.04 22.99
C THR A 429 -22.80 -23.47 21.77
N ASP A 430 -22.29 -23.69 20.56
CA ASP A 430 -23.03 -23.41 19.33
C ASP A 430 -23.09 -24.70 18.52
N PRO A 431 -23.99 -25.62 18.89
CA PRO A 431 -24.03 -26.91 18.21
C PRO A 431 -24.56 -26.85 16.79
N GLU A 432 -25.37 -25.86 16.45
CA GLU A 432 -25.87 -25.74 15.07
C GLU A 432 -24.73 -25.43 14.10
N LEU A 433 -23.89 -24.44 14.44
CA LEU A 433 -22.74 -24.15 13.60
C LEU A 433 -21.81 -25.34 13.52
N ARG A 434 -21.63 -26.06 14.63
CA ARG A 434 -20.74 -27.22 14.60
C ARG A 434 -21.26 -28.26 13.61
N SER A 435 -22.56 -28.55 13.66
CA SER A 435 -23.14 -29.58 12.80
C SER A 435 -22.86 -29.29 11.33
N LYS A 436 -23.01 -28.02 10.93
CA LYS A 436 -22.78 -27.60 9.56
C LYS A 436 -21.38 -27.94 9.07
N HIS A 437 -20.38 -27.88 9.94
CA HIS A 437 -18.98 -28.02 9.51
C HIS A 437 -18.30 -29.24 10.10
N LEU A 438 -19.08 -30.21 10.61
CA LEU A 438 -18.49 -31.28 11.40
C LEU A 438 -17.50 -32.11 10.58
N THR A 439 -17.88 -32.48 9.35
CA THR A 439 -17.00 -33.30 8.54
C THR A 439 -15.67 -32.60 8.30
N LYS A 440 -15.71 -31.30 8.01
CA LYS A 440 -14.47 -30.57 7.83
C LYS A 440 -13.68 -30.49 9.13
N ILE A 441 -14.38 -30.25 10.24
CA ILE A 441 -13.71 -30.16 11.54
C ILE A 441 -12.89 -31.41 11.82
N ASN A 442 -13.38 -32.57 11.41
CA ASN A 442 -12.74 -33.84 11.71
C ASN A 442 -11.82 -34.35 10.60
N ALA A 443 -11.52 -33.51 9.59
CA ALA A 443 -10.84 -34.01 8.40
C ALA A 443 -9.45 -34.58 8.71
N PHE A 444 -8.79 -34.10 9.76
CA PHE A 444 -7.45 -34.57 10.08
C PHE A 444 -7.42 -35.71 11.08
N ARG A 445 -8.56 -36.14 11.63
CA ARG A 445 -8.54 -37.13 12.72
C ARG A 445 -7.88 -38.44 12.30
N ARG B 1 8.48 24.79 50.72
CA ARG B 1 7.38 24.35 49.86
C ARG B 1 7.85 23.36 48.79
N HIS B 2 7.09 22.27 48.65
CA HIS B 2 7.56 21.13 47.88
C HIS B 2 7.62 21.44 46.38
N MET B 3 6.69 22.23 45.87
CA MET B 3 6.74 22.57 44.45
C MET B 3 7.99 23.38 44.12
N GLN B 4 8.33 24.36 44.96
CA GLN B 4 9.54 25.12 44.72
C GLN B 4 10.78 24.23 44.75
N GLU B 5 10.79 23.20 45.59
CA GLU B 5 11.94 22.32 45.64
C GLU B 5 12.04 21.46 44.39
N ILE B 6 10.90 21.09 43.80
CA ILE B 6 10.93 20.36 42.52
C ILE B 6 11.54 21.24 41.43
N LEU B 7 11.04 22.47 41.31
CA LEU B 7 11.59 23.39 40.32
C LEU B 7 13.07 23.65 40.55
N ASP B 8 13.49 23.82 41.81
CA ASP B 8 14.90 24.08 42.09
C ASP B 8 15.77 22.93 41.61
N ALA B 9 15.30 21.69 41.80
CA ALA B 9 16.06 20.54 41.33
C ALA B 9 16.14 20.52 39.81
N ILE B 10 15.05 20.85 39.14
CA ILE B 10 15.04 20.91 37.68
C ILE B 10 16.06 21.94 37.20
N LEU B 11 15.93 23.18 37.69
CA LEU B 11 16.84 24.24 37.30
C LEU B 11 18.29 23.97 37.70
N SER B 12 18.53 23.06 38.64
CA SER B 12 19.88 22.82 39.14
C SER B 12 20.75 22.14 38.09
N GLY B 13 20.16 21.23 37.30
CA GLY B 13 20.91 20.49 36.31
C GLY B 13 21.73 19.34 36.84
N ASP B 14 21.83 19.16 38.16
CA ASP B 14 22.64 18.12 38.77
C ASP B 14 21.84 17.02 39.43
N ALA B 15 20.52 17.16 39.54
CA ALA B 15 19.72 16.17 40.25
C ALA B 15 19.68 14.87 39.46
N ALA B 16 20.03 13.77 40.13
CA ALA B 16 19.97 12.46 39.51
C ALA B 16 18.59 11.85 39.70
N SER B 17 18.37 10.69 39.09
CA SER B 17 17.06 10.04 39.15
C SER B 17 16.66 9.74 40.59
N ALA B 18 17.59 9.20 41.39
CA ALA B 18 17.30 8.95 42.80
C ALA B 18 16.90 10.23 43.53
N ASP B 19 17.52 11.37 43.17
CA ASP B 19 17.13 12.63 43.80
C ASP B 19 15.67 12.96 43.54
N TYR B 20 15.22 12.77 42.29
CA TYR B 20 13.83 13.08 41.98
C TYR B 20 12.88 12.14 42.70
N ALA B 21 13.24 10.86 42.78
CA ALA B 21 12.40 9.89 43.47
C ALA B 21 12.28 10.21 44.94
N ALA B 22 13.30 10.86 45.52
CA ALA B 22 13.28 11.19 46.93
C ALA B 22 12.49 12.46 47.23
N LEU B 23 12.32 13.33 46.25
CA LEU B 23 11.68 14.61 46.52
C LEU B 23 10.22 14.41 46.91
N ALA B 24 9.77 15.21 47.87
CA ALA B 24 8.40 15.09 48.37
C ALA B 24 7.41 15.65 47.36
N LEU B 25 6.33 14.93 47.16
CA LEU B 25 5.32 15.45 46.25
C LEU B 25 4.48 16.51 46.96
N PRO B 26 4.12 17.59 46.26
CA PRO B 26 3.21 18.57 46.86
C PRO B 26 1.84 17.96 47.07
N GLU B 27 1.06 18.65 47.90
CA GLU B 27 -0.31 18.23 48.16
C GLU B 27 -1.32 18.89 47.24
N SER B 28 -0.92 19.94 46.52
CA SER B 28 -1.80 20.54 45.52
C SER B 28 -0.93 21.12 44.41
N TYR B 29 -1.56 21.48 43.31
CA TYR B 29 -0.85 22.12 42.21
C TYR B 29 -1.74 23.13 41.51
N ARG B 30 -1.11 24.15 40.96
CA ARG B 30 -1.81 25.20 40.24
C ARG B 30 -2.17 24.71 38.84
N ALA B 31 -3.42 24.92 38.42
CA ALA B 31 -3.93 24.37 37.18
C ALA B 31 -4.94 25.32 36.56
N VAL B 32 -4.94 25.36 35.23
CA VAL B 32 -5.97 26.07 34.47
C VAL B 32 -7.15 25.14 34.30
N THR B 33 -8.30 25.52 34.86
CA THR B 33 -9.44 24.64 34.91
C THR B 33 -10.67 25.30 34.31
N LEU B 34 -11.59 24.46 33.87
CA LEU B 34 -12.99 24.85 33.69
C LEU B 34 -13.77 24.40 34.92
N HIS B 35 -14.85 25.12 35.22
CA HIS B 35 -15.72 24.80 36.35
C HIS B 35 -17.01 24.19 35.85
N LYS B 36 -17.45 23.13 36.52
CA LYS B 36 -18.64 22.39 36.06
C LYS B 36 -19.90 23.25 36.16
N GLY B 37 -20.03 24.03 37.23
CA GLY B 37 -21.24 24.84 37.40
C GLY B 37 -21.44 25.84 36.28
N GLU B 38 -20.36 26.40 35.76
CA GLU B 38 -20.42 27.49 34.78
C GLU B 38 -20.54 27.01 33.34
N GLU B 39 -20.89 25.75 33.12
CA GLU B 39 -20.81 25.18 31.77
C GLU B 39 -21.86 25.73 30.81
N ARG B 40 -22.87 26.46 31.30
CA ARG B 40 -23.86 27.06 30.43
C ARG B 40 -23.68 28.57 30.30
N MET B 41 -22.52 29.10 30.70
CA MET B 41 -22.37 30.55 30.80
C MET B 41 -22.46 31.23 29.43
N PHE B 42 -22.08 30.54 28.36
CA PHE B 42 -22.11 31.12 27.02
C PHE B 42 -23.39 30.79 26.27
N ASP B 43 -24.43 30.39 26.98
CA ASP B 43 -25.67 29.93 26.36
C ASP B 43 -26.26 31.01 25.47
N GLY B 44 -26.48 30.67 24.20
CA GLY B 44 -27.15 31.56 23.28
C GLY B 44 -26.28 32.63 22.65
N LEU B 45 -25.07 32.84 23.14
CA LEU B 45 -24.18 33.80 22.51
C LEU B 45 -23.59 33.19 21.24
N ALA B 46 -23.01 34.04 20.41
CA ALA B 46 -22.35 33.57 19.20
C ALA B 46 -20.92 33.18 19.49
N SER B 47 -20.34 32.36 18.58
CA SER B 47 -19.03 31.77 18.84
C SER B 47 -17.96 32.83 19.02
N ARG B 48 -17.96 33.85 18.16
CA ARG B 48 -17.00 34.94 18.32
C ARG B 48 -17.16 35.66 19.65
N ASP B 49 -18.40 35.75 20.16
CA ASP B 49 -18.66 36.49 21.39
C ASP B 49 -18.37 35.70 22.66
N LYS B 50 -18.01 34.42 22.53
CA LYS B 50 -17.65 33.63 23.69
C LYS B 50 -16.20 33.91 24.06
N ASP B 51 -15.96 34.21 25.33
CA ASP B 51 -14.66 34.70 25.78
C ASP B 51 -14.03 33.68 26.73
N PRO B 52 -12.97 32.99 26.33
CA PRO B 52 -12.32 32.03 27.24
C PRO B 52 -11.86 32.64 28.55
N ARG B 53 -11.51 33.93 28.55
CA ARG B 53 -11.09 34.57 29.80
C ARG B 53 -12.16 34.50 30.88
N LYS B 54 -13.43 34.37 30.49
CA LYS B 54 -14.51 34.35 31.48
C LYS B 54 -14.64 33.01 32.18
N SER B 55 -14.29 31.91 31.52
N SER B 55 -14.26 31.92 31.50
CA SER B 55 -14.50 30.59 32.09
CA SER B 55 -14.49 30.57 31.97
C SER B 55 -13.23 29.88 32.54
C SER B 55 -13.25 29.87 32.49
N LEU B 56 -12.06 30.38 32.18
CA LEU B 56 -10.81 29.74 32.61
C LEU B 56 -10.40 30.28 33.97
N HIS B 57 -10.22 29.39 34.93
CA HIS B 57 -9.83 29.74 36.29
C HIS B 57 -8.46 29.17 36.59
N LEU B 58 -7.74 29.83 37.49
CA LEU B 58 -6.48 29.33 38.03
C LEU B 58 -6.76 28.79 39.43
N ASP B 59 -6.71 27.47 39.58
CA ASP B 59 -7.06 26.81 40.84
C ASP B 59 -5.87 26.04 41.39
N ASP B 60 -5.92 25.79 42.69
CA ASP B 60 -5.08 24.80 43.34
C ASP B 60 -5.91 23.53 43.49
N VAL B 61 -5.41 22.42 42.93
CA VAL B 61 -6.16 21.18 42.89
C VAL B 61 -5.30 20.08 43.51
N PRO B 62 -5.90 19.05 44.09
CA PRO B 62 -5.09 17.97 44.67
C PRO B 62 -4.50 17.09 43.57
N LEU B 63 -3.42 16.40 43.92
CA LEU B 63 -2.80 15.49 42.99
C LEU B 63 -3.65 14.25 42.82
N PRO B 64 -3.86 13.77 41.60
CA PRO B 64 -4.58 12.51 41.41
C PRO B 64 -3.71 11.35 41.81
N GLU B 65 -4.35 10.19 41.95
CA GLU B 65 -3.64 8.96 42.29
C GLU B 65 -2.96 8.38 41.06
N LEU B 66 -1.70 7.99 41.20
CA LEU B 66 -0.93 7.43 40.09
C LEU B 66 -1.33 5.98 39.86
N GLY B 67 -1.74 5.67 38.63
CA GLY B 67 -2.10 4.31 38.28
C GLY B 67 -1.03 3.59 37.50
N PRO B 68 -1.26 2.31 37.18
CA PRO B 68 -0.26 1.55 36.43
C PRO B 68 -0.11 2.09 35.02
N GLY B 69 1.12 2.05 34.51
CA GLY B 69 1.42 2.53 33.17
C GLY B 69 1.36 4.03 33.01
N GLU B 70 1.48 4.76 34.11
CA GLU B 70 1.27 6.21 34.10
C GLU B 70 2.49 6.91 34.68
N ALA B 71 2.56 8.22 34.44
CA ALA B 71 3.64 9.02 35.01
C ALA B 71 3.07 10.33 35.54
N LEU B 72 3.63 10.78 36.67
CA LEU B 72 3.42 12.15 37.14
C LEU B 72 4.57 13.00 36.61
N VAL B 73 4.23 14.10 35.95
CA VAL B 73 5.21 14.94 35.27
C VAL B 73 5.14 16.35 35.84
N ALA B 74 6.31 16.90 36.17
CA ALA B 74 6.39 18.31 36.50
C ALA B 74 6.46 19.08 35.18
N VAL B 75 5.48 19.94 34.92
CA VAL B 75 5.33 20.58 33.61
C VAL B 75 6.07 21.90 33.62
N MET B 76 7.08 22.02 32.75
CA MET B 76 7.76 23.29 32.60
C MET B 76 7.01 24.23 31.66
N ALA B 77 6.38 23.69 30.61
CA ALA B 77 5.67 24.53 29.63
C ALA B 77 4.64 23.70 28.88
N SER B 78 3.66 24.40 28.30
CA SER B 78 2.59 23.79 27.51
C SER B 78 2.30 24.71 26.32
N SER B 79 1.14 24.55 25.69
CA SER B 79 0.77 25.40 24.57
C SER B 79 -0.74 25.47 24.51
N VAL B 80 -1.27 26.44 23.79
CA VAL B 80 -2.69 26.49 23.50
C VAL B 80 -2.92 25.83 22.15
N ASN B 81 -3.91 24.96 22.07
CA ASN B 81 -4.33 24.33 20.84
C ASN B 81 -5.79 24.71 20.57
N TYR B 82 -6.26 24.47 19.34
CA TYR B 82 -7.66 24.77 19.07
C TYR B 82 -8.61 23.98 19.94
N ASN B 83 -8.27 22.73 20.25
CA ASN B 83 -9.17 21.96 21.10
C ASN B 83 -9.29 22.57 22.49
N THR B 84 -8.20 23.17 23.00
CA THR B 84 -8.28 23.89 24.26
C THR B 84 -9.25 25.06 24.16
N VAL B 85 -9.22 25.78 23.03
CA VAL B 85 -10.13 26.90 22.82
C VAL B 85 -11.58 26.43 22.83
N TRP B 86 -11.90 25.42 22.02
CA TRP B 86 -13.26 24.88 22.01
C TRP B 86 -13.70 24.46 23.40
N SER B 87 -12.84 23.74 24.12
CA SER B 87 -13.14 23.36 25.50
C SER B 87 -13.52 24.58 26.33
N SER B 88 -12.75 25.68 26.19
CA SER B 88 -12.92 26.85 27.05
C SER B 88 -14.23 27.59 26.81
N ILE B 89 -14.82 27.44 25.62
CA ILE B 89 -16.12 28.01 25.33
C ILE B 89 -17.22 26.96 25.35
N PHE B 90 -16.96 25.84 26.04
CA PHE B 90 -17.95 24.76 26.19
C PHE B 90 -18.57 24.35 24.87
N GLU B 91 -17.77 24.37 23.80
CA GLU B 91 -18.23 23.95 22.48
C GLU B 91 -17.48 22.69 22.04
N PRO B 92 -18.13 21.83 21.22
CA PRO B 92 -19.54 21.88 20.85
C PRO B 92 -20.43 21.48 22.02
N VAL B 93 -19.89 20.70 22.96
CA VAL B 93 -20.57 20.36 24.19
C VAL B 93 -19.59 20.49 25.34
N SER B 94 -20.13 20.63 26.56
CA SER B 94 -19.30 20.71 27.75
C SER B 94 -18.46 19.45 27.88
N THR B 95 -17.13 19.62 27.94
CA THR B 95 -16.24 18.49 28.14
C THR B 95 -16.58 17.71 29.40
N PHE B 96 -17.34 18.30 30.32
CA PHE B 96 -17.64 17.63 31.57
C PHE B 96 -18.50 16.39 31.37
N GLY B 97 -19.33 16.39 30.32
CA GLY B 97 -20.23 15.27 30.12
C GLY B 97 -19.50 13.96 29.92
N PHE B 98 -18.50 13.96 29.06
CA PHE B 98 -17.71 12.75 28.86
C PHE B 98 -17.00 12.33 30.14
N LEU B 99 -16.34 13.26 30.81
CA LEU B 99 -15.59 12.93 32.02
C LEU B 99 -16.46 12.18 33.02
N GLU B 100 -17.69 12.65 33.23
CA GLU B 100 -18.60 11.97 34.15
C GLU B 100 -19.01 10.61 33.60
N ARG B 101 -19.46 10.56 32.34
CA ARG B 101 -19.93 9.30 31.76
C ARG B 101 -18.83 8.25 31.73
N TYR B 102 -17.60 8.67 31.40
CA TYR B 102 -16.51 7.71 31.36
C TYR B 102 -16.10 7.26 32.76
N GLY B 103 -16.14 8.19 33.72
CA GLY B 103 -15.68 7.88 35.06
C GLY B 103 -16.39 6.70 35.72
N ARG B 104 -17.65 6.45 35.33
CA ARG B 104 -18.37 5.34 35.94
C ARG B 104 -17.86 3.97 35.49
N LEU B 105 -16.92 3.93 34.54
CA LEU B 105 -16.43 2.65 34.02
C LEU B 105 -15.68 1.86 35.10
N SER B 106 -14.64 2.45 35.68
CA SER B 106 -13.84 1.79 36.69
C SER B 106 -13.36 2.83 37.68
N PRO B 107 -12.81 2.41 38.83
CA PRO B 107 -12.21 3.39 39.74
C PRO B 107 -11.10 4.21 39.10
N LEU B 108 -10.32 3.63 38.19
CA LEU B 108 -9.24 4.37 37.53
C LEU B 108 -9.79 5.45 36.62
N THR B 109 -10.75 5.10 35.78
CA THR B 109 -11.41 6.10 34.94
C THR B 109 -12.11 7.16 35.78
N ALA B 110 -12.61 6.76 36.96
CA ALA B 110 -13.40 7.68 37.78
C ALA B 110 -12.57 8.85 38.30
N ARG B 111 -11.25 8.68 38.38
CA ARG B 111 -10.40 9.77 38.85
C ARG B 111 -10.60 11.03 38.01
N HIS B 112 -10.98 10.88 36.74
CA HIS B 112 -11.08 12.01 35.82
C HIS B 112 -12.38 12.78 35.94
N ASP B 113 -13.41 12.23 36.58
CA ASP B 113 -14.69 12.93 36.73
C ASP B 113 -14.63 13.77 38.01
N LEU B 114 -14.44 15.07 37.85
CA LEU B 114 -14.30 15.97 38.98
C LEU B 114 -15.11 17.24 38.72
N PRO B 115 -15.35 18.07 39.74
CA PRO B 115 -16.02 19.36 39.50
C PRO B 115 -15.24 20.31 38.60
N TYR B 116 -13.93 20.07 38.39
CA TYR B 116 -13.08 20.92 37.59
C TYR B 116 -12.37 20.08 36.52
N HIS B 117 -12.09 20.69 35.36
CA HIS B 117 -11.39 20.05 34.26
C HIS B 117 -10.08 20.80 33.98
N VAL B 118 -8.94 20.16 34.26
CA VAL B 118 -7.64 20.72 33.92
C VAL B 118 -7.37 20.50 32.43
N LEU B 119 -7.21 21.58 31.69
CA LEU B 119 -7.05 21.47 30.23
C LEU B 119 -5.58 21.39 29.83
N GLY B 120 -5.35 21.18 28.53
CA GLY B 120 -4.01 21.25 27.95
C GLY B 120 -3.59 19.94 27.34
N SER B 121 -3.14 20.00 26.08
CA SER B 121 -2.83 18.80 25.30
C SER B 121 -1.38 18.74 24.81
N ASP B 122 -0.52 19.62 25.30
CA ASP B 122 0.92 19.59 25.04
C ASP B 122 1.62 19.72 26.39
N LEU B 123 2.86 19.23 26.45
CA LEU B 123 3.65 19.39 27.66
C LEU B 123 5.11 19.24 27.31
N ALA B 124 5.96 19.98 28.05
CA ALA B 124 7.38 19.66 28.11
C ALA B 124 7.78 19.72 29.58
N GLY B 125 8.52 18.72 30.05
CA GLY B 125 8.85 18.72 31.46
C GLY B 125 9.71 17.55 31.91
N VAL B 126 9.56 17.16 33.17
CA VAL B 126 10.45 16.20 33.83
C VAL B 126 9.61 15.18 34.59
N VAL B 127 9.91 13.88 34.39
CA VAL B 127 9.17 12.83 35.08
C VAL B 127 9.51 12.85 36.56
N LEU B 128 8.47 12.83 37.40
CA LEU B 128 8.57 12.74 38.86
C LEU B 128 8.36 11.31 39.37
N ARG B 129 7.31 10.63 38.89
CA ARG B 129 6.97 9.30 39.37
C ARG B 129 6.39 8.48 38.22
N THR B 130 6.54 7.16 38.32
CA THR B 130 6.01 6.22 37.35
C THR B 130 5.27 5.10 38.06
N GLY B 131 4.12 4.71 37.53
CA GLY B 131 3.33 3.66 38.10
C GLY B 131 3.90 2.28 37.82
N ALA B 132 3.14 1.27 38.24
CA ALA B 132 3.61 -0.11 38.14
C ALA B 132 3.70 -0.54 36.68
N GLY B 133 4.72 -1.34 36.37
CA GLY B 133 4.92 -1.86 35.03
C GLY B 133 5.68 -0.95 34.10
N VAL B 134 6.26 0.13 34.60
CA VAL B 134 6.94 1.12 33.78
C VAL B 134 8.44 0.87 33.88
N ASN B 135 9.08 0.61 32.75
CA ASN B 135 10.52 0.46 32.71
C ASN B 135 11.22 1.47 31.82
N ALA B 136 10.57 1.93 30.75
CA ALA B 136 11.24 2.73 29.74
C ALA B 136 11.49 4.17 30.15
N TRP B 137 10.90 4.63 31.25
CA TRP B 137 10.99 6.02 31.69
C TRP B 137 11.21 6.01 33.20
N LYS B 138 12.08 6.91 33.67
CA LYS B 138 12.52 6.99 35.05
C LYS B 138 12.31 8.41 35.57
N PRO B 139 12.17 8.58 36.90
CA PRO B 139 12.18 9.94 37.46
C PRO B 139 13.40 10.72 37.00
N GLY B 140 13.17 12.00 36.66
CA GLY B 140 14.22 12.85 36.13
C GLY B 140 14.31 12.90 34.62
N ASP B 141 13.66 12.00 33.90
CA ASP B 141 13.74 11.99 32.44
C ASP B 141 13.08 13.25 31.86
N GLU B 142 13.75 13.90 30.91
CA GLU B 142 13.22 15.09 30.25
C GLU B 142 12.30 14.67 29.11
N VAL B 143 11.07 15.15 29.12
CA VAL B 143 10.04 14.61 28.24
C VAL B 143 9.21 15.71 27.57
N VAL B 144 8.67 15.35 26.41
CA VAL B 144 7.48 15.96 25.86
C VAL B 144 6.41 14.87 25.76
N ALA B 145 5.17 15.28 25.56
CA ALA B 145 4.06 14.34 25.50
C ALA B 145 3.31 14.50 24.19
N HIS B 146 2.91 13.38 23.58
CA HIS B 146 1.83 13.48 22.63
C HIS B 146 0.51 13.22 23.34
N CYS B 147 -0.59 13.57 22.70
CA CYS B 147 -1.85 13.63 23.42
C CYS B 147 -2.76 12.43 23.17
N LEU B 148 -2.25 11.36 22.56
CA LEU B 148 -3.05 10.18 22.31
C LEU B 148 -3.09 9.31 23.57
N SER B 149 -4.28 9.09 24.08
CA SER B 149 -4.49 8.19 25.21
C SER B 149 -5.26 7.00 24.67
N VAL B 150 -4.58 5.85 24.55
CA VAL B 150 -5.21 4.61 24.09
C VAL B 150 -5.02 3.54 25.15
N GLU B 151 -6.07 2.74 25.36
CA GLU B 151 -6.00 1.64 26.31
C GLU B 151 -5.41 0.38 25.67
N LEU B 152 -5.68 0.17 24.38
CA LEU B 152 -5.14 -0.97 23.62
C LEU B 152 -5.65 -2.33 24.13
N GLU B 153 -6.83 -2.36 24.76
CA GLU B 153 -7.41 -3.64 25.14
C GLU B 153 -8.06 -4.34 23.96
N SER B 154 -8.75 -3.58 23.10
CA SER B 154 -9.30 -4.11 21.86
C SER B 154 -8.15 -4.49 20.92
N PRO B 155 -8.33 -5.54 20.11
CA PRO B 155 -7.31 -5.80 19.08
C PRO B 155 -7.24 -4.70 18.03
N ASP B 156 -8.27 -3.85 17.93
CA ASP B 156 -8.43 -2.99 16.75
C ASP B 156 -7.21 -2.12 16.49
N GLY B 157 -6.54 -1.64 17.55
CA GLY B 157 -5.44 -0.72 17.41
C GLY B 157 -4.08 -1.35 17.25
N HIS B 158 -4.02 -2.68 17.15
CA HIS B 158 -2.72 -3.36 17.12
C HIS B 158 -2.07 -3.43 15.74
N ASN B 159 -2.60 -2.72 14.74
CA ASN B 159 -1.92 -2.53 13.47
C ASN B 159 -1.80 -1.05 13.10
N ASP B 160 -1.91 -0.14 14.10
CA ASP B 160 -2.07 1.32 14.00
C ASP B 160 -3.00 1.75 15.15
N THR B 161 -2.44 2.34 16.20
CA THR B 161 -3.22 2.56 17.41
C THR B 161 -4.32 3.59 17.26
N MET B 162 -4.28 4.41 16.18
CA MET B 162 -5.37 5.35 15.96
C MET B 162 -6.70 4.63 15.75
N MET B 163 -6.67 3.34 15.40
CA MET B 163 -7.87 2.54 15.29
C MET B 163 -8.45 2.03 16.60
N ASP B 164 -7.77 2.25 17.71
CA ASP B 164 -8.33 1.81 18.98
C ASP B 164 -9.70 2.46 19.19
N PRO B 165 -10.74 1.69 19.50
CA PRO B 165 -12.06 2.31 19.71
C PRO B 165 -12.14 3.12 20.98
N GLU B 166 -11.21 2.93 21.91
CA GLU B 166 -11.23 3.62 23.21
C GLU B 166 -10.13 4.66 23.29
N GLN B 167 -9.99 5.48 22.26
CA GLN B 167 -8.99 6.52 22.26
C GLN B 167 -9.58 7.82 22.78
N ARG B 168 -8.93 8.41 23.76
CA ARG B 168 -9.25 9.74 24.26
C ARG B 168 -8.14 10.69 23.84
N ILE B 169 -8.45 11.98 23.79
CA ILE B 169 -7.43 13.00 23.59
C ILE B 169 -7.09 13.56 24.96
N TRP B 170 -5.84 13.38 25.37
CA TRP B 170 -5.39 13.82 26.68
C TRP B 170 -5.59 15.32 26.83
N GLY B 171 -6.17 15.71 27.96
CA GLY B 171 -6.48 17.10 28.25
C GLY B 171 -7.78 17.60 27.66
N PHE B 172 -8.45 16.77 26.87
CA PHE B 172 -9.71 17.13 26.21
C PHE B 172 -10.81 16.15 26.61
N GLU B 173 -10.59 14.86 26.39
CA GLU B 173 -11.46 13.81 26.92
C GLU B 173 -10.86 13.15 28.14
N THR B 174 -9.74 13.66 28.65
CA THR B 174 -9.19 13.25 29.93
C THR B 174 -8.97 14.49 30.78
N ASN B 175 -8.81 14.28 32.08
CA ASN B 175 -8.48 15.34 33.00
C ASN B 175 -6.96 15.42 33.13
N PHE B 176 -6.50 16.30 34.03
CA PHE B 176 -5.08 16.45 34.37
C PHE B 176 -4.21 16.76 33.14
N GLY B 177 -4.69 17.68 32.32
CA GLY B 177 -3.96 18.14 31.16
C GLY B 177 -2.74 18.98 31.52
N GLY B 178 -2.10 19.49 30.46
CA GLY B 178 -0.78 20.05 30.62
C GLY B 178 -0.70 21.52 30.90
N LEU B 179 -1.82 22.25 30.91
CA LEU B 179 -1.80 23.66 31.30
C LEU B 179 -1.91 23.77 32.83
N ALA B 180 -0.83 23.32 33.48
CA ALA B 180 -0.79 23.16 34.92
C ALA B 180 0.65 22.87 35.31
N GLN B 181 0.94 22.99 36.61
CA GLN B 181 2.29 22.75 37.10
C GLN B 181 2.66 21.28 37.09
N LEU B 182 1.67 20.40 37.20
CA LEU B 182 1.90 18.97 37.15
C LEU B 182 0.88 18.37 36.21
N ALA B 183 1.19 17.20 35.68
CA ALA B 183 0.28 16.50 34.79
C ALA B 183 0.40 15.01 35.01
N LEU B 184 -0.69 14.31 34.69
CA LEU B 184 -0.74 12.86 34.69
C LEU B 184 -0.96 12.38 33.25
N VAL B 185 -0.06 11.52 32.78
CA VAL B 185 -0.14 10.96 31.43
C VAL B 185 0.21 9.48 31.49
N LYS B 186 -0.19 8.75 30.46
CA LYS B 186 0.32 7.40 30.29
C LYS B 186 1.78 7.49 29.84
N THR B 187 2.59 6.52 30.27
CA THR B 187 3.99 6.56 29.86
C THR B 187 4.15 6.31 28.36
N ASN B 188 3.16 5.71 27.71
CA ASN B 188 3.21 5.61 26.24
C ASN B 188 2.76 6.89 25.54
N GLN B 189 2.67 8.01 26.25
CA GLN B 189 2.59 9.33 25.65
C GLN B 189 3.93 10.06 25.67
N LEU B 190 4.95 9.46 26.30
CA LEU B 190 6.19 10.17 26.58
C LEU B 190 7.19 10.02 25.45
N LEU B 191 7.90 11.10 25.18
CA LEU B 191 8.90 11.17 24.13
C LEU B 191 10.07 11.98 24.67
N PRO B 192 11.28 11.72 24.19
CA PRO B 192 12.44 12.46 24.71
C PRO B 192 12.40 13.91 24.26
N LYS B 193 12.66 14.82 25.19
CA LYS B 193 12.71 16.24 24.86
C LYS B 193 13.84 16.51 23.88
N PRO B 194 13.58 17.22 22.78
CA PRO B 194 14.68 17.76 21.94
C PRO B 194 15.57 18.70 22.72
N LYS B 195 16.85 18.33 22.82
CA LYS B 195 17.78 19.00 23.74
C LYS B 195 18.13 20.43 23.32
N HIS B 196 17.95 20.78 22.04
CA HIS B 196 18.35 22.09 21.54
C HIS B 196 17.28 23.16 21.67
N LEU B 197 16.13 22.82 22.25
CA LEU B 197 15.01 23.76 22.36
C LEU B 197 14.76 24.11 23.81
N THR B 198 14.17 25.29 24.01
CA THR B 198 13.74 25.72 25.33
C THR B 198 12.51 24.91 25.75
N TRP B 199 12.11 25.06 27.02
CA TRP B 199 10.92 24.34 27.49
C TRP B 199 9.70 24.71 26.64
N GLU B 200 9.48 26.01 26.40
CA GLU B 200 8.30 26.43 25.67
C GLU B 200 8.35 26.05 24.19
N GLU B 201 9.56 26.09 23.59
CA GLU B 201 9.69 25.62 22.21
C GLU B 201 9.46 24.12 22.11
N ALA B 202 10.00 23.35 23.06
CA ALA B 202 9.83 21.89 23.02
C ALA B 202 8.37 21.49 23.18
N ALA B 203 7.60 22.27 23.92
CA ALA B 203 6.18 21.97 24.14
C ALA B 203 5.30 22.38 22.97
N SER B 204 5.81 23.18 22.03
CA SER B 204 4.90 23.75 21.05
C SER B 204 4.55 22.84 19.87
N PRO B 205 5.45 21.96 19.36
CA PRO B 205 5.07 21.21 18.15
C PRO B 205 4.07 20.10 18.42
N GLY B 206 4.20 19.45 19.58
CA GLY B 206 3.50 18.21 19.93
C GLY B 206 2.28 17.83 19.13
N LEU B 207 1.15 18.50 19.40
CA LEU B 207 -0.12 18.10 18.81
C LEU B 207 -0.17 18.38 17.32
N VAL B 208 0.19 19.60 16.89
CA VAL B 208 0.04 19.94 15.49
C VAL B 208 1.09 19.25 14.65
N ASN B 209 2.31 19.10 15.16
CA ASN B 209 3.40 18.51 14.38
C ASN B 209 3.14 17.04 14.10
N SER B 210 2.72 16.30 15.12
CA SER B 210 2.39 14.89 14.92
C SER B 210 1.19 14.74 14.00
N THR B 211 0.19 15.59 14.15
CA THR B 211 -0.97 15.51 13.26
C THR B 211 -0.56 15.72 11.80
N ALA B 212 0.23 16.77 11.53
CA ALA B 212 0.65 17.06 10.17
C ALA B 212 1.54 15.95 9.62
N TYR B 213 2.42 15.39 10.46
CA TYR B 213 3.27 14.27 10.04
C TYR B 213 2.44 13.10 9.55
N ARG B 214 1.45 12.67 10.33
CA ARG B 214 0.64 11.54 9.87
C ARG B 214 -0.14 11.91 8.62
N GLN B 215 -0.70 13.12 8.59
CA GLN B 215 -1.60 13.51 7.52
C GLN B 215 -0.86 13.60 6.19
N LEU B 216 0.37 14.11 6.20
CA LEU B 216 1.09 14.40 4.95
C LEU B 216 2.20 13.41 4.65
N VAL B 217 2.99 13.02 5.66
CA VAL B 217 4.21 12.27 5.46
C VAL B 217 3.97 10.77 5.47
N SER B 218 3.22 10.28 6.46
CA SER B 218 3.14 8.83 6.67
C SER B 218 2.28 8.16 5.60
N ARG B 219 2.49 6.84 5.45
CA ARG B 219 1.65 6.09 4.53
C ARG B 219 0.21 5.96 5.01
N ASN B 220 -0.08 6.27 6.29
CA ASN B 220 -1.46 6.34 6.76
C ASN B 220 -2.16 7.62 6.33
N GLY B 221 -1.41 8.61 5.85
CA GLY B 221 -1.97 9.84 5.30
C GLY B 221 -1.76 9.92 3.80
N ALA B 222 -1.16 11.02 3.32
CA ALA B 222 -1.00 11.26 1.90
C ALA B 222 0.24 10.59 1.32
N GLY B 223 1.20 10.19 2.15
CA GLY B 223 2.36 9.49 1.61
C GLY B 223 3.17 10.35 0.65
N LEU B 224 3.55 11.54 1.09
CA LEU B 224 4.22 12.53 0.25
C LEU B 224 5.49 11.96 -0.35
N LYS B 225 5.82 12.38 -1.58
CA LYS B 225 7.13 12.07 -2.14
C LYS B 225 7.71 13.33 -2.78
N GLN B 226 9.03 13.35 -2.91
CA GLN B 226 9.68 14.50 -3.52
C GLN B 226 9.19 14.67 -4.94
N GLY B 227 9.00 15.93 -5.34
CA GLY B 227 8.44 16.29 -6.61
C GLY B 227 6.96 16.58 -6.57
N ASP B 228 6.25 16.14 -5.53
CA ASP B 228 4.81 16.37 -5.43
C ASP B 228 4.54 17.87 -5.32
N ASN B 229 3.41 18.30 -5.86
CA ASN B 229 2.86 19.63 -5.58
C ASN B 229 1.76 19.48 -4.54
N VAL B 230 1.76 20.32 -3.51
CA VAL B 230 0.88 20.16 -2.35
C VAL B 230 0.20 21.50 -2.04
N LEU B 231 -1.14 21.53 -2.09
CA LEU B 231 -1.88 22.71 -1.65
C LEU B 231 -2.05 22.67 -0.13
N ILE B 232 -1.56 23.71 0.57
CA ILE B 232 -1.59 23.77 2.03
C ILE B 232 -2.45 24.96 2.43
N TRP B 233 -3.71 24.70 2.79
CA TRP B 233 -4.57 25.72 3.38
C TRP B 233 -4.02 26.14 4.75
N GLY B 234 -4.24 27.40 5.10
CA GLY B 234 -3.83 27.89 6.42
C GLY B 234 -2.36 27.68 6.70
N ALA B 235 -1.51 27.97 5.72
CA ALA B 235 -0.11 27.52 5.79
C ALA B 235 0.69 28.18 6.91
N SER B 236 0.21 29.27 7.51
CA SER B 236 0.94 29.90 8.59
C SER B 236 0.31 29.66 9.96
N GLY B 237 -0.76 28.88 10.05
CA GLY B 237 -1.34 28.50 11.32
C GLY B 237 -0.54 27.40 12.00
N GLY B 238 -1.13 26.83 13.04
CA GLY B 238 -0.42 25.81 13.80
C GLY B 238 -0.14 24.57 12.98
N LEU B 239 -1.18 24.01 12.37
CA LEU B 239 -1.03 22.83 11.51
C LEU B 239 -0.21 23.16 10.28
N GLY B 240 -0.59 24.22 9.57
CA GLY B 240 0.10 24.59 8.34
C GLY B 240 1.59 24.86 8.52
N SER B 241 1.97 25.44 9.67
N SER B 241 1.97 25.51 9.61
CA SER B 241 3.36 25.78 9.96
CA SER B 241 3.39 25.76 9.84
C SER B 241 4.26 24.55 10.08
C SER B 241 4.19 24.47 9.71
N TYR B 242 3.67 23.38 10.26
CA TYR B 242 4.37 22.11 10.18
C TYR B 242 4.18 21.43 8.83
N ALA B 243 2.98 21.52 8.24
CA ALA B 243 2.75 20.92 6.94
C ALA B 243 3.66 21.53 5.87
N THR B 244 3.81 22.85 5.88
CA THR B 244 4.70 23.51 4.92
C THR B 244 6.13 23.02 5.08
N GLN B 245 6.59 22.88 6.33
CA GLN B 245 7.93 22.37 6.61
C GLN B 245 8.12 20.95 6.09
N TYR B 246 7.12 20.09 6.27
CA TYR B 246 7.22 18.72 5.77
C TYR B 246 7.30 18.68 4.25
N ALA B 247 6.49 19.51 3.57
CA ALA B 247 6.53 19.54 2.12
C ALA B 247 7.93 19.91 1.64
N LEU B 248 8.51 20.95 2.22
CA LEU B 248 9.80 21.44 1.76
C LEU B 248 10.92 20.48 2.13
N ALA B 249 10.90 19.95 3.36
CA ALA B 249 11.95 19.05 3.79
C ALA B 249 11.89 17.73 3.04
N GLY B 250 10.71 17.35 2.61
CA GLY B 250 10.50 16.15 1.84
C GLY B 250 10.80 16.27 0.36
N GLY B 251 11.18 17.44 -0.13
CA GLY B 251 11.52 17.61 -1.52
C GLY B 251 10.34 17.91 -2.42
N ALA B 252 9.21 18.32 -1.85
CA ALA B 252 7.99 18.64 -2.58
C ALA B 252 7.84 20.16 -2.68
N THR B 253 6.81 20.58 -3.42
CA THR B 253 6.54 22.00 -3.63
C THR B 253 5.26 22.43 -2.93
N PRO B 254 5.31 23.23 -1.87
CA PRO B 254 4.07 23.71 -1.24
C PRO B 254 3.48 24.89 -1.99
N ILE B 255 2.17 24.84 -2.19
CA ILE B 255 1.41 26.02 -2.60
C ILE B 255 0.66 26.47 -1.34
N CYS B 256 1.17 27.53 -0.74
CA CYS B 256 0.75 27.96 0.59
C CYS B 256 -0.40 28.93 0.47
N VAL B 257 -1.44 28.73 1.26
CA VAL B 257 -2.57 29.67 1.29
C VAL B 257 -2.53 30.42 2.62
N VAL B 258 -2.62 31.75 2.54
CA VAL B 258 -2.66 32.63 3.69
C VAL B 258 -3.74 33.68 3.48
N SER B 259 -4.04 34.45 4.53
CA SER B 259 -5.08 35.46 4.48
C SER B 259 -4.56 36.89 4.56
N SER B 260 -3.24 37.10 4.62
CA SER B 260 -2.71 38.44 4.75
C SER B 260 -1.28 38.45 4.25
N PRO B 261 -0.83 39.54 3.63
CA PRO B 261 0.59 39.66 3.26
C PRO B 261 1.54 39.41 4.41
N ARG B 262 1.16 39.78 5.63
CA ARG B 262 1.99 39.47 6.79
C ARG B 262 2.20 37.96 6.92
N LYS B 263 1.15 37.16 6.72
CA LYS B 263 1.32 35.71 6.77
C LYS B 263 2.14 35.19 5.59
N ALA B 264 1.98 35.82 4.42
CA ALA B 264 2.74 35.41 3.25
C ALA B 264 4.24 35.53 3.49
N ASP B 265 4.68 36.59 4.18
CA ASP B 265 6.10 36.77 4.40
C ASP B 265 6.67 35.66 5.28
N ILE B 266 5.89 35.17 6.24
CA ILE B 266 6.38 34.07 7.08
C ILE B 266 6.57 32.82 6.23
N CYS B 267 5.66 32.56 5.28
CA CYS B 267 5.82 31.40 4.41
C CYS B 267 7.11 31.52 3.60
N ARG B 268 7.40 32.72 3.10
CA ARG B 268 8.67 32.93 2.40
C ARG B 268 9.84 32.69 3.34
N ALA B 269 9.70 33.11 4.60
CA ALA B 269 10.74 32.82 5.59
C ALA B 269 10.91 31.33 5.79
N MET B 270 9.83 30.55 5.68
CA MET B 270 9.94 29.10 5.80
C MET B 270 10.67 28.48 4.62
N GLY B 271 10.78 29.21 3.51
CA GLY B 271 11.34 28.69 2.27
C GLY B 271 10.32 28.46 1.17
N ALA B 272 9.06 28.80 1.38
CA ALA B 272 8.07 28.62 0.33
C ALA B 272 8.13 29.80 -0.65
N GLU B 273 7.72 29.53 -1.87
CA GLU B 273 7.70 30.54 -2.91
C GLU B 273 6.35 30.73 -3.56
N ALA B 274 5.53 29.69 -3.63
CA ALA B 274 4.21 29.78 -4.24
C ALA B 274 3.21 30.03 -3.14
N ILE B 275 2.72 31.28 -3.05
CA ILE B 275 1.85 31.71 -1.96
C ILE B 275 0.61 32.38 -2.55
N ILE B 276 -0.57 32.02 -2.02
CA ILE B 276 -1.84 32.58 -2.44
C ILE B 276 -2.49 33.26 -1.23
N ASP B 277 -2.95 34.51 -1.43
CA ASP B 277 -3.66 35.24 -0.38
C ASP B 277 -5.16 35.15 -0.66
N ARG B 278 -5.90 34.41 0.19
CA ARG B 278 -7.31 34.20 -0.07
C ARG B 278 -8.12 35.51 -0.01
N SER B 279 -7.64 36.50 0.74
CA SER B 279 -8.31 37.79 0.81
C SER B 279 -8.13 38.56 -0.50
N ALA B 280 -6.87 38.75 -0.93
CA ALA B 280 -6.60 39.52 -2.13
C ALA B 280 -7.25 38.89 -3.35
N GLU B 281 -7.32 37.56 -3.41
CA GLU B 281 -8.05 36.93 -4.50
C GLU B 281 -9.57 37.01 -4.30
N GLY B 282 -10.01 37.15 -3.06
CA GLY B 282 -11.42 37.29 -2.74
C GLY B 282 -12.26 36.11 -3.22
N TYR B 283 -11.82 34.89 -2.92
CA TYR B 283 -12.53 33.72 -3.41
C TYR B 283 -13.89 33.61 -2.72
N ARG B 284 -14.93 33.35 -3.50
CA ARG B 284 -16.28 33.15 -2.99
C ARG B 284 -16.74 31.81 -3.54
N PHE B 285 -16.31 30.71 -2.90
CA PHE B 285 -16.68 29.39 -3.40
C PHE B 285 -18.16 29.10 -3.24
N TRP B 286 -18.83 29.75 -2.29
CA TRP B 286 -20.27 29.59 -2.08
C TRP B 286 -21.02 30.80 -2.61
N LYS B 287 -21.89 30.57 -3.60
CA LYS B 287 -22.79 31.62 -4.08
C LYS B 287 -23.76 32.03 -2.98
N ASP B 288 -24.46 31.07 -2.41
CA ASP B 288 -25.39 31.32 -1.31
C ASP B 288 -25.11 30.30 -0.21
N GLU B 289 -26.10 30.05 0.63
CA GLU B 289 -25.91 29.12 1.74
C GLU B 289 -25.88 27.68 1.28
N HIS B 290 -26.47 27.35 0.13
CA HIS B 290 -26.65 25.98 -0.29
C HIS B 290 -26.04 25.64 -1.65
N HIS B 291 -25.48 26.61 -2.36
CA HIS B 291 -24.97 26.37 -3.71
C HIS B 291 -23.57 26.95 -3.84
N GLN B 292 -22.72 26.20 -4.53
CA GLN B 292 -21.33 26.61 -4.74
C GLN B 292 -21.16 27.20 -6.13
N ASP B 293 -20.04 27.87 -6.32
CA ASP B 293 -19.70 28.52 -7.59
C ASP B 293 -18.49 27.82 -8.19
N PRO B 294 -18.71 26.88 -9.11
CA PRO B 294 -17.56 26.23 -9.77
C PRO B 294 -16.67 27.19 -10.53
N ARG B 295 -17.17 28.34 -10.94
CA ARG B 295 -16.31 29.36 -11.54
C ARG B 295 -15.21 29.75 -10.57
N GLU B 296 -15.53 29.79 -9.27
CA GLU B 296 -14.55 30.13 -8.25
C GLU B 296 -13.59 28.98 -7.96
N TRP B 297 -14.08 27.74 -8.02
CA TRP B 297 -13.19 26.59 -8.02
C TRP B 297 -12.16 26.73 -9.13
N LYS B 298 -12.64 26.99 -10.35
CA LYS B 298 -11.76 27.05 -11.52
C LYS B 298 -10.77 28.19 -11.40
N ARG B 299 -11.19 29.31 -10.81
CA ARG B 299 -10.28 30.44 -10.62
C ARG B 299 -9.15 30.09 -9.66
N LEU B 300 -9.47 29.38 -8.57
CA LEU B 300 -8.40 28.85 -7.72
C LEU B 300 -7.49 27.91 -8.51
N GLY B 301 -8.09 27.03 -9.32
CA GLY B 301 -7.28 26.08 -10.08
C GLY B 301 -6.33 26.75 -11.05
N GLY B 302 -6.79 27.82 -11.72
CA GLY B 302 -5.89 28.57 -12.59
C GLY B 302 -4.77 29.27 -11.83
N LYS B 303 -5.07 29.78 -10.64
CA LYS B 303 -4.02 30.45 -9.86
C LYS B 303 -2.95 29.46 -9.42
N ILE B 304 -3.35 28.24 -9.04
CA ILE B 304 -2.37 27.22 -8.69
C ILE B 304 -1.45 26.94 -9.88
N ARG B 305 -2.04 26.77 -11.06
CA ARG B 305 -1.26 26.38 -12.24
C ARG B 305 -0.25 27.45 -12.64
N GLU B 306 -0.52 28.72 -12.31
CA GLU B 306 0.48 29.76 -12.52
C GLU B 306 1.76 29.47 -11.75
N PHE B 307 1.64 28.86 -10.57
CA PHE B 307 2.83 28.60 -9.77
C PHE B 307 3.53 27.31 -10.14
N THR B 308 2.81 26.35 -10.69
CA THR B 308 3.35 25.02 -10.94
C THR B 308 3.70 24.78 -12.41
N GLY B 309 3.55 25.77 -13.27
CA GLY B 309 3.81 25.54 -14.68
C GLY B 309 2.78 24.65 -15.33
N GLY B 310 1.51 24.78 -14.94
CA GLY B 310 0.44 24.06 -15.59
C GLY B 310 0.08 22.73 -14.96
N GLU B 311 0.63 22.40 -13.79
CA GLU B 311 0.37 21.13 -13.14
C GLU B 311 -0.64 21.31 -12.01
N ASP B 312 -1.50 20.32 -11.82
CA ASP B 312 -2.43 20.33 -10.69
C ASP B 312 -1.81 19.61 -9.50
N VAL B 313 -2.26 19.96 -8.29
CA VAL B 313 -1.62 19.45 -7.09
C VAL B 313 -1.86 17.96 -6.93
N ASP B 314 -0.82 17.26 -6.49
CA ASP B 314 -0.94 15.85 -6.12
C ASP B 314 -1.70 15.65 -4.80
N ILE B 315 -1.58 16.58 -3.87
CA ILE B 315 -2.15 16.44 -2.52
C ILE B 315 -2.75 17.78 -2.13
N VAL B 316 -3.94 17.75 -1.53
CA VAL B 316 -4.48 18.92 -0.82
C VAL B 316 -4.46 18.63 0.67
N PHE B 317 -3.77 19.49 1.43
CA PHE B 317 -3.72 19.42 2.90
C PHE B 317 -4.92 20.21 3.41
N GLU B 318 -6.02 19.53 3.71
CA GLU B 318 -7.28 20.18 4.07
C GLU B 318 -7.44 20.25 5.59
N HIS B 319 -8.30 21.19 6.02
CA HIS B 319 -8.71 21.40 7.42
C HIS B 319 -9.73 22.53 7.54
N PRO B 320 -9.76 23.54 6.65
CA PRO B 320 -10.83 24.55 6.76
C PRO B 320 -12.23 24.00 6.59
N GLY B 321 -12.42 22.99 5.74
CA GLY B 321 -13.69 22.27 5.69
C GLY B 321 -14.67 22.86 4.67
N ARG B 322 -15.89 23.11 5.14
CA ARG B 322 -17.02 23.31 4.22
C ARG B 322 -16.76 24.43 3.21
N GLU B 323 -16.16 25.53 3.66
CA GLU B 323 -15.98 26.68 2.76
C GLU B 323 -15.10 26.33 1.58
N THR B 324 -14.02 25.56 1.83
CA THR B 324 -12.99 25.28 0.84
C THR B 324 -13.08 23.90 0.20
N PHE B 325 -13.87 22.99 0.75
CA PHE B 325 -13.70 21.57 0.42
C PHE B 325 -14.11 21.26 -1.00
N GLY B 326 -15.14 21.93 -1.52
CA GLY B 326 -15.51 21.71 -2.91
C GLY B 326 -14.38 22.12 -3.84
N ALA B 327 -13.71 23.21 -3.52
CA ALA B 327 -12.57 23.64 -4.32
C ALA B 327 -11.41 22.65 -4.21
N SER B 328 -11.13 22.18 -3.00
CA SER B 328 -10.04 21.21 -2.80
C SER B 328 -10.21 19.98 -3.67
N VAL B 329 -11.44 19.44 -3.73
CA VAL B 329 -11.67 18.26 -4.56
C VAL B 329 -11.50 18.59 -6.03
N TYR B 330 -12.03 19.74 -6.47
CA TYR B 330 -11.96 20.12 -7.87
C TYR B 330 -10.51 20.25 -8.36
N VAL B 331 -9.67 20.94 -7.58
CA VAL B 331 -8.34 21.31 -8.10
C VAL B 331 -7.35 20.16 -8.05
N THR B 332 -7.63 19.11 -7.27
CA THR B 332 -6.68 18.01 -7.15
C THR B 332 -6.47 17.29 -8.48
N ARG B 333 -5.22 16.89 -8.72
CA ARG B 333 -4.82 16.20 -9.94
C ARG B 333 -5.54 14.85 -10.07
N LYS B 334 -5.66 14.37 -11.32
CA LYS B 334 -6.14 13.02 -11.55
C LYS B 334 -5.29 12.01 -10.77
N GLY B 335 -5.95 11.17 -9.99
CA GLY B 335 -5.26 10.23 -9.13
C GLY B 335 -4.74 10.79 -7.82
N GLY B 336 -5.04 12.04 -7.48
CA GLY B 336 -4.49 12.68 -6.30
C GLY B 336 -5.31 12.42 -5.03
N THR B 337 -4.85 13.04 -3.93
CA THR B 337 -5.42 12.81 -2.60
C THR B 337 -5.75 14.13 -1.91
N ILE B 338 -6.97 14.22 -1.36
CA ILE B 338 -7.32 15.27 -0.41
C ILE B 338 -7.30 14.64 0.98
N VAL B 339 -6.42 15.13 1.85
CA VAL B 339 -6.30 14.57 3.20
C VAL B 339 -6.82 15.59 4.20
N THR B 340 -7.73 15.16 5.09
CA THR B 340 -8.45 16.10 5.95
C THR B 340 -8.42 15.65 7.40
N CYS B 341 -8.16 16.59 8.30
CA CYS B 341 -8.15 16.28 9.71
C CYS B 341 -9.06 17.20 10.52
N ALA B 342 -9.94 17.96 9.86
CA ALA B 342 -10.68 19.02 10.53
C ALA B 342 -11.66 19.66 9.57
N SER B 343 -12.52 20.52 10.13
CA SER B 343 -13.54 21.24 9.37
C SER B 343 -13.87 22.54 10.13
N THR B 344 -12.89 23.44 10.19
CA THR B 344 -13.02 24.62 11.05
C THR B 344 -14.21 25.50 10.66
N SER B 345 -14.48 25.63 9.37
CA SER B 345 -15.57 26.47 8.87
C SER B 345 -16.88 25.73 8.76
N GLY B 346 -16.95 24.47 9.18
CA GLY B 346 -18.18 23.72 9.06
C GLY B 346 -17.97 22.30 8.57
N TYR B 347 -18.60 21.34 9.22
CA TYR B 347 -18.31 19.94 8.95
C TYR B 347 -19.26 19.28 7.95
N MET B 348 -20.27 19.99 7.46
CA MET B 348 -21.14 19.44 6.42
C MET B 348 -20.53 19.80 5.07
N HIS B 349 -19.64 18.93 4.59
CA HIS B 349 -18.94 19.17 3.33
C HIS B 349 -19.86 18.90 2.16
N GLN B 350 -19.71 19.71 1.10
CA GLN B 350 -20.37 19.50 -0.17
C GLN B 350 -19.32 19.50 -1.26
N TYR B 351 -19.40 18.54 -2.18
CA TYR B 351 -18.43 18.45 -3.27
C TYR B 351 -19.07 17.72 -4.45
N ASP B 352 -18.54 17.97 -5.66
CA ASP B 352 -19.06 17.36 -6.88
C ASP B 352 -18.36 16.02 -7.10
N ASN B 353 -19.13 14.93 -6.99
CA ASN B 353 -18.53 13.60 -7.01
C ASN B 353 -18.00 13.20 -8.38
N ARG B 354 -18.46 13.88 -9.44
CA ARG B 354 -17.98 13.55 -10.78
C ARG B 354 -16.47 13.71 -10.87
N TYR B 355 -15.93 14.76 -10.26
CA TYR B 355 -14.48 14.96 -10.27
C TYR B 355 -13.79 13.85 -9.50
N LEU B 356 -14.41 13.39 -8.41
CA LEU B 356 -13.78 12.36 -7.58
C LEU B 356 -13.69 11.04 -8.32
N TRP B 357 -14.79 10.58 -8.92
CA TRP B 357 -14.74 9.28 -9.57
C TRP B 357 -14.13 9.34 -10.96
N MET B 358 -14.50 10.33 -11.77
CA MET B 358 -13.99 10.37 -13.14
C MET B 358 -12.49 10.67 -13.19
N SER B 359 -11.94 11.30 -12.16
CA SER B 359 -10.49 11.52 -12.08
C SER B 359 -9.84 10.68 -10.98
N LEU B 360 -10.54 9.70 -10.44
CA LEU B 360 -9.92 8.68 -9.58
C LEU B 360 -9.18 9.30 -8.40
N LYS B 361 -9.78 10.32 -7.78
CA LYS B 361 -9.20 10.94 -6.61
C LYS B 361 -9.68 10.24 -5.34
N ARG B 362 -9.08 10.60 -4.20
CA ARG B 362 -9.49 10.03 -2.92
C ARG B 362 -9.45 11.08 -1.82
N ILE B 363 -10.38 10.96 -0.87
CA ILE B 363 -10.41 11.79 0.33
C ILE B 363 -10.03 10.92 1.52
N VAL B 364 -8.94 11.26 2.22
CA VAL B 364 -8.39 10.44 3.29
C VAL B 364 -8.55 11.19 4.61
N GLY B 365 -9.28 10.59 5.53
CA GLY B 365 -9.40 11.15 6.88
C GLY B 365 -8.17 10.80 7.73
N SER B 366 -7.69 11.79 8.45
CA SER B 366 -6.57 11.61 9.37
C SER B 366 -6.90 12.29 10.69
N HIS B 367 -6.35 11.75 11.77
CA HIS B 367 -6.62 12.23 13.12
C HIS B 367 -5.37 11.98 13.93
N PHE B 368 -4.88 13.02 14.60
CA PHE B 368 -3.69 12.94 15.46
C PHE B 368 -2.60 12.04 14.89
N ALA B 369 -2.12 11.07 15.67
CA ALA B 369 -1.00 10.25 15.24
C ALA B 369 -0.87 9.08 16.21
N ASN B 370 -0.38 7.95 15.70
CA ASN B 370 -0.02 6.88 16.63
C ASN B 370 1.35 7.16 17.23
N TYR B 371 1.71 6.38 18.27
CA TYR B 371 2.97 6.63 19.00
C TYR B 371 4.18 6.57 18.08
N ARG B 372 4.18 5.67 17.08
CA ARG B 372 5.32 5.61 16.17
C ARG B 372 5.41 6.87 15.32
N GLU B 373 4.28 7.35 14.83
CA GLU B 373 4.25 8.59 14.05
C GLU B 373 4.58 9.80 14.94
N ALA B 374 4.05 9.84 16.16
CA ALA B 374 4.42 10.90 17.07
C ALA B 374 5.91 10.87 17.34
N PHE B 375 6.46 9.68 17.56
CA PHE B 375 7.90 9.56 17.80
C PHE B 375 8.70 10.04 16.58
N GLU B 376 8.29 9.62 15.38
CA GLU B 376 9.01 10.04 14.18
C GLU B 376 8.95 11.54 14.00
N ALA B 377 7.78 12.15 14.24
CA ALA B 377 7.66 13.60 14.09
C ALA B 377 8.56 14.33 15.09
N ASN B 378 8.57 13.88 16.35
CA ASN B 378 9.42 14.49 17.36
C ASN B 378 10.89 14.25 17.06
N ARG B 379 11.20 13.09 16.48
CA ARG B 379 12.58 12.79 16.12
C ARG B 379 13.08 13.77 15.06
N LEU B 380 12.24 14.12 14.10
CA LEU B 380 12.67 15.08 13.08
C LEU B 380 12.91 16.45 13.69
N VAL B 381 12.16 16.81 14.73
CA VAL B 381 12.46 18.02 15.50
C VAL B 381 13.81 17.88 16.18
N ALA B 382 14.01 16.77 16.90
CA ALA B 382 15.27 16.54 17.62
C ALA B 382 16.48 16.58 16.70
N LYS B 383 16.31 16.18 15.44
CA LYS B 383 17.39 16.17 14.48
C LYS B 383 17.63 17.53 13.83
N GLY B 384 16.81 18.53 14.17
CA GLY B 384 16.95 19.83 13.54
C GLY B 384 16.42 19.87 12.13
N LYS B 385 15.56 18.91 11.76
CA LYS B 385 14.99 18.90 10.42
C LYS B 385 13.67 19.64 10.35
N ILE B 386 12.96 19.74 11.48
CA ILE B 386 11.67 20.40 11.61
C ILE B 386 11.77 21.31 12.83
N HIS B 387 11.17 22.50 12.74
CA HIS B 387 11.45 23.53 13.74
C HIS B 387 10.17 23.99 14.44
N PRO B 388 10.26 24.30 15.74
CA PRO B 388 9.10 24.86 16.43
C PRO B 388 8.74 26.21 15.84
N THR B 389 7.47 26.59 16.01
CA THR B 389 6.93 27.77 15.36
C THR B 389 6.26 28.71 16.37
N LEU B 390 6.91 28.92 17.51
CA LEU B 390 6.38 29.78 18.56
C LEU B 390 6.35 31.24 18.10
N SER B 391 5.20 31.88 18.24
CA SER B 391 5.05 33.31 17.96
C SER B 391 4.95 34.16 19.21
N LYS B 392 4.35 33.63 20.28
CA LYS B 392 4.17 34.38 21.53
C LYS B 392 4.03 33.38 22.68
N VAL B 393 4.45 33.81 23.88
CA VAL B 393 4.41 32.97 25.07
C VAL B 393 3.74 33.76 26.20
N TYR B 394 2.84 33.10 26.91
CA TYR B 394 2.16 33.68 28.07
C TYR B 394 2.50 32.89 29.32
N ALA B 395 2.39 33.55 30.47
CA ALA B 395 2.52 32.82 31.72
C ALA B 395 1.23 32.05 31.99
N LEU B 396 1.36 31.01 32.82
CA LEU B 396 0.21 30.16 33.14
C LEU B 396 -0.97 30.99 33.60
N GLU B 397 -0.71 31.98 34.47
CA GLU B 397 -1.76 32.82 35.01
C GLU B 397 -2.55 33.55 33.94
N GLU B 398 -2.00 33.70 32.74
CA GLU B 398 -2.63 34.45 31.66
C GLU B 398 -3.13 33.53 30.53
N THR B 399 -3.41 32.26 30.84
CA THR B 399 -3.83 31.32 29.80
C THR B 399 -5.11 31.78 29.11
N GLY B 400 -6.03 32.41 29.86
CA GLY B 400 -7.27 32.89 29.25
C GLY B 400 -7.02 33.85 28.10
N GLN B 401 -6.05 34.75 28.26
CA GLN B 401 -5.71 35.66 27.16
C GLN B 401 -5.11 34.91 25.99
N ALA B 402 -4.26 33.92 26.26
CA ALA B 402 -3.67 33.15 25.16
C ALA B 402 -4.75 32.41 24.37
N ALA B 403 -5.79 31.93 25.06
CA ALA B 403 -6.86 31.23 24.37
C ALA B 403 -7.64 32.18 23.47
N LEU B 404 -7.84 33.42 23.91
CA LEU B 404 -8.62 34.37 23.13
C LEU B 404 -7.88 34.77 21.86
N ASP B 405 -6.56 34.97 21.95
CA ASP B 405 -5.79 35.27 20.75
C ASP B 405 -5.97 34.18 19.69
N VAL B 406 -5.96 32.91 20.11
CA VAL B 406 -6.16 31.82 19.16
C VAL B 406 -7.60 31.80 18.67
N HIS B 407 -8.55 32.01 19.59
CA HIS B 407 -9.96 32.06 19.20
C HIS B 407 -10.21 33.11 18.13
N HIS B 408 -9.63 34.30 18.29
CA HIS B 408 -9.83 35.40 17.36
C HIS B 408 -8.81 35.43 16.23
N ASN B 409 -7.89 34.47 16.20
CA ASN B 409 -6.89 34.34 15.13
C ASN B 409 -5.88 35.48 15.12
N LYS B 410 -5.48 35.92 16.32
CA LYS B 410 -4.57 37.07 16.41
C LYS B 410 -3.13 36.72 16.09
N HIS B 411 -2.73 35.46 16.22
CA HIS B 411 -1.32 35.11 16.10
C HIS B 411 -1.11 34.17 14.92
N GLN B 412 0.14 33.76 14.72
CA GLN B 412 0.53 33.02 13.52
C GLN B 412 0.82 31.57 13.82
N GLY B 413 1.96 31.24 14.43
CA GLY B 413 2.29 29.83 14.51
C GLY B 413 1.61 29.18 15.71
N LYS B 414 2.40 28.91 16.73
CA LYS B 414 1.90 28.37 17.99
C LYS B 414 1.98 29.46 19.07
N VAL B 415 1.00 29.46 19.96
CA VAL B 415 1.00 30.29 21.16
C VAL B 415 1.39 29.40 22.33
N GLY B 416 2.52 29.70 22.97
CA GLY B 416 3.00 28.90 24.09
C GLY B 416 2.56 29.43 25.45
N VAL B 417 2.65 28.56 26.47
CA VAL B 417 2.29 28.91 27.85
C VAL B 417 3.36 28.36 28.77
N LEU B 418 3.96 29.22 29.60
CA LEU B 418 4.86 28.74 30.65
C LEU B 418 4.05 28.18 31.82
N CYS B 419 4.57 27.09 32.42
CA CYS B 419 3.91 26.42 33.54
C CYS B 419 4.79 26.58 34.76
N LEU B 420 5.63 25.62 35.10
CA LEU B 420 6.59 25.80 36.18
C LEU B 420 7.79 26.66 35.77
N ALA B 421 8.11 26.74 34.47
CA ALA B 421 9.26 27.53 34.03
C ALA B 421 9.09 28.98 34.46
N PRO B 422 10.07 29.57 35.15
CA PRO B 422 9.89 30.95 35.64
C PRO B 422 10.00 32.01 34.57
N ARG B 423 10.65 31.72 33.44
CA ARG B 423 10.81 32.70 32.37
C ARG B 423 11.08 31.93 31.07
N GLU B 424 11.01 32.64 29.95
CA GLU B 424 11.40 32.03 28.68
C GLU B 424 12.91 31.78 28.66
N GLY B 425 13.32 30.86 27.79
CA GLY B 425 14.73 30.67 27.46
C GLY B 425 15.44 29.55 28.18
N LEU B 426 14.77 28.81 29.05
CA LEU B 426 15.46 27.78 29.82
C LEU B 426 15.35 26.43 29.12
N GLY B 427 16.20 25.49 29.54
CA GLY B 427 16.07 24.10 29.16
C GLY B 427 16.95 23.62 28.02
N VAL B 428 17.74 24.49 27.41
CA VAL B 428 18.57 24.06 26.29
C VAL B 428 19.81 23.36 26.82
N THR B 429 20.08 22.17 26.30
CA THR B 429 21.31 21.45 26.62
C THR B 429 22.10 21.03 25.38
N ASP B 430 21.70 21.44 24.17
CA ASP B 430 22.50 21.27 22.96
C ASP B 430 22.62 22.62 22.27
N PRO B 431 23.50 23.50 22.76
CA PRO B 431 23.61 24.84 22.16
C PRO B 431 24.19 24.83 20.75
N GLU B 432 25.02 23.84 20.41
CA GLU B 432 25.57 23.76 19.06
C GLU B 432 24.49 23.51 18.02
N LEU B 433 23.62 22.54 18.28
CA LEU B 433 22.53 22.29 17.34
C LEU B 433 21.60 23.48 17.26
N ARG B 434 21.34 24.11 18.42
CA ARG B 434 20.42 25.25 18.45
C ARG B 434 20.93 26.39 17.58
N SER B 435 22.23 26.71 17.69
CA SER B 435 22.76 27.88 17.00
C SER B 435 22.82 27.67 15.50
N LYS B 436 22.90 26.40 15.06
CA LYS B 436 22.81 26.08 13.65
C LYS B 436 21.45 26.46 13.07
N HIS B 437 20.41 26.49 13.91
CA HIS B 437 19.05 26.61 13.41
C HIS B 437 18.26 27.78 14.02
N LEU B 438 18.93 28.67 14.76
CA LEU B 438 18.19 29.68 15.53
C LEU B 438 17.32 30.55 14.64
N THR B 439 17.79 30.89 13.45
CA THR B 439 17.03 31.77 12.59
C THR B 439 15.68 31.15 12.21
N LYS B 440 15.70 29.86 11.84
CA LYS B 440 14.44 29.18 11.55
C LYS B 440 13.59 29.03 12.80
N ILE B 441 14.20 28.65 13.92
CA ILE B 441 13.48 28.50 15.19
C ILE B 441 12.66 29.75 15.50
N ASN B 442 13.21 30.94 15.26
CA ASN B 442 12.56 32.20 15.62
C ASN B 442 11.70 32.81 14.51
N ALA B 443 11.45 32.08 13.42
CA ALA B 443 10.83 32.68 12.24
C ALA B 443 9.40 33.15 12.49
N PHE B 444 8.72 32.63 13.52
CA PHE B 444 7.35 33.03 13.80
C PHE B 444 7.24 34.09 14.90
N ARG B 445 8.36 34.46 15.52
CA ARG B 445 8.32 35.32 16.72
C ARG B 445 7.77 36.71 16.45
N ARG C 1 -25.29 -10.83 -50.27
CA ARG C 1 -24.95 -9.76 -49.32
C ARG C 1 -23.82 -10.16 -48.37
N HIS C 2 -22.91 -9.22 -48.15
CA HIS C 2 -21.66 -9.53 -47.48
C HIS C 2 -21.84 -9.68 -45.97
N MET C 3 -22.84 -9.01 -45.40
CA MET C 3 -23.10 -9.17 -43.97
C MET C 3 -23.65 -10.56 -43.66
N GLN C 4 -24.57 -11.06 -44.50
CA GLN C 4 -25.03 -12.43 -44.35
C GLN C 4 -23.90 -13.42 -44.47
N GLU C 5 -22.98 -13.19 -45.42
CA GLU C 5 -21.85 -14.09 -45.58
C GLU C 5 -20.98 -14.11 -44.33
N ILE C 6 -20.82 -12.96 -43.67
CA ILE C 6 -20.03 -12.91 -42.44
C ILE C 6 -20.71 -13.73 -41.35
N LEU C 7 -22.00 -13.50 -41.13
CA LEU C 7 -22.74 -14.26 -40.14
C LEU C 7 -22.70 -15.76 -40.45
N ASP C 8 -22.90 -16.14 -41.72
CA ASP C 8 -22.89 -17.55 -42.07
C ASP C 8 -21.55 -18.18 -41.73
N ALA C 9 -20.45 -17.47 -41.99
CA ALA C 9 -19.13 -18.00 -41.62
C ALA C 9 -19.04 -18.23 -40.11
N ILE C 10 -19.45 -17.23 -39.32
CA ILE C 10 -19.40 -17.37 -37.88
C ILE C 10 -20.22 -18.58 -37.44
N LEU C 11 -21.48 -18.64 -37.89
CA LEU C 11 -22.36 -19.74 -37.48
C LEU C 11 -21.87 -21.09 -37.95
N SER C 12 -21.11 -21.13 -39.05
CA SER C 12 -20.63 -22.40 -39.61
C SER C 12 -19.82 -23.22 -38.60
N GLY C 13 -18.72 -22.69 -38.10
CA GLY C 13 -17.90 -23.36 -37.11
C GLY C 13 -16.52 -23.77 -37.61
N ASP C 14 -16.31 -23.90 -38.91
CA ASP C 14 -15.03 -24.36 -39.44
C ASP C 14 -14.34 -23.31 -40.30
N ALA C 15 -14.71 -22.04 -40.14
CA ALA C 15 -14.03 -20.96 -40.86
C ALA C 15 -12.70 -20.70 -40.17
N ALA C 16 -11.61 -20.80 -40.93
CA ALA C 16 -10.28 -20.55 -40.42
C ALA C 16 -9.94 -19.06 -40.51
N SER C 17 -8.81 -18.69 -39.93
CA SER C 17 -8.42 -17.28 -39.95
C SER C 17 -8.29 -16.76 -41.38
N ALA C 18 -7.73 -17.57 -42.29
CA ALA C 18 -7.64 -17.16 -43.68
C ALA C 18 -9.01 -16.93 -44.31
N ASP C 19 -10.01 -17.72 -43.91
CA ASP C 19 -11.35 -17.54 -44.49
C ASP C 19 -11.96 -16.20 -44.08
N TYR C 20 -11.75 -15.78 -42.83
CA TYR C 20 -12.28 -14.49 -42.42
C TYR C 20 -11.56 -13.36 -43.15
N ALA C 21 -10.25 -13.49 -43.33
CA ALA C 21 -9.50 -12.47 -44.05
C ALA C 21 -10.03 -12.29 -45.47
N ALA C 22 -10.48 -13.39 -46.10
CA ALA C 22 -10.95 -13.35 -47.48
C ALA C 22 -12.40 -12.90 -47.64
N LEU C 23 -13.15 -12.78 -46.55
CA LEU C 23 -14.53 -12.32 -46.66
C LEU C 23 -14.57 -10.87 -47.10
N ALA C 24 -15.54 -10.55 -47.95
CA ALA C 24 -15.72 -9.18 -48.39
C ALA C 24 -16.33 -8.35 -47.27
N LEU C 25 -15.81 -7.14 -47.09
CA LEU C 25 -16.37 -6.24 -46.09
C LEU C 25 -17.60 -5.54 -46.66
N PRO C 26 -18.71 -5.49 -45.93
CA PRO C 26 -19.88 -4.73 -46.39
C PRO C 26 -19.51 -3.26 -46.55
N GLU C 27 -20.34 -2.55 -47.33
CA GLU C 27 -20.17 -1.11 -47.49
C GLU C 27 -20.92 -0.32 -46.44
N SER C 28 -21.82 -0.96 -45.70
CA SER C 28 -22.51 -0.31 -44.60
C SER C 28 -22.88 -1.37 -43.57
N TYR C 29 -23.24 -0.92 -42.37
CA TYR C 29 -23.75 -1.81 -41.35
C TYR C 29 -24.87 -1.11 -40.59
N ARG C 30 -25.76 -1.91 -40.04
CA ARG C 30 -26.87 -1.40 -39.24
C ARG C 30 -26.36 -1.07 -37.84
N ALA C 31 -26.73 0.11 -37.33
CA ALA C 31 -26.24 0.58 -36.05
C ALA C 31 -27.30 1.37 -35.32
N VAL C 32 -27.27 1.30 -33.99
CA VAL C 32 -28.12 2.13 -33.14
C VAL C 32 -27.40 3.45 -32.92
N THR C 33 -28.03 4.55 -33.34
CA THR C 33 -27.36 5.84 -33.33
C THR C 33 -28.18 6.90 -32.61
N LEU C 34 -27.48 7.95 -32.18
CA LEU C 34 -28.06 9.24 -31.87
C LEU C 34 -27.82 10.16 -33.07
N HIS C 35 -28.70 11.14 -33.24
CA HIS C 35 -28.63 12.07 -34.36
C HIS C 35 -28.25 13.45 -33.85
N LYS C 36 -27.22 14.05 -34.46
CA LYS C 36 -26.75 15.35 -33.99
C LYS C 36 -27.87 16.37 -33.98
N GLY C 37 -28.68 16.40 -35.05
CA GLY C 37 -29.77 17.37 -35.10
C GLY C 37 -30.71 17.27 -33.92
N GLU C 38 -30.99 16.07 -33.46
CA GLU C 38 -31.95 15.87 -32.37
C GLU C 38 -31.36 16.12 -31.02
N GLU C 39 -30.14 16.66 -30.92
CA GLU C 39 -29.40 16.64 -29.66
C GLU C 39 -30.05 17.43 -28.54
N ARG C 40 -31.07 18.23 -28.83
CA ARG C 40 -31.73 19.00 -27.79
C ARG C 40 -33.23 18.75 -27.69
N MET C 41 -33.72 17.70 -28.34
CA MET C 41 -35.14 17.38 -28.40
C MET C 41 -35.75 17.19 -27.03
N PHE C 42 -34.95 16.88 -26.01
CA PHE C 42 -35.48 16.68 -24.67
C PHE C 42 -35.31 17.90 -23.79
N ASP C 43 -34.84 19.00 -24.34
CA ASP C 43 -34.66 20.21 -23.54
C ASP C 43 -36.01 20.79 -23.14
N GLY C 44 -36.19 21.03 -21.85
CA GLY C 44 -37.43 21.50 -21.32
C GLY C 44 -38.25 20.41 -20.63
N LEU C 45 -38.08 19.16 -21.03
CA LEU C 45 -38.81 18.07 -20.39
C LEU C 45 -38.10 17.66 -19.11
N ALA C 46 -38.76 16.84 -18.31
CA ALA C 46 -38.17 16.32 -17.09
C ALA C 46 -37.49 14.99 -17.36
N SER C 47 -36.69 14.54 -16.38
CA SER C 47 -35.79 13.42 -16.61
C SER C 47 -36.55 12.15 -16.93
N ARG C 48 -37.57 11.82 -16.14
CA ARG C 48 -38.35 10.63 -16.41
C ARG C 48 -39.19 10.75 -17.68
N ASP C 49 -39.32 11.96 -18.25
CA ASP C 49 -40.20 12.19 -19.39
C ASP C 49 -39.48 12.20 -20.72
N LYS C 50 -38.21 11.80 -20.74
CA LYS C 50 -37.47 11.62 -21.98
C LYS C 50 -37.50 10.15 -22.33
N ASP C 51 -38.00 9.79 -23.50
CA ASP C 51 -38.02 8.40 -23.87
C ASP C 51 -36.97 8.15 -24.91
N PRO C 52 -35.98 7.29 -24.60
CA PRO C 52 -34.92 6.94 -25.55
C PRO C 52 -35.37 6.39 -26.88
N ARG C 53 -36.58 5.82 -26.95
CA ARG C 53 -37.13 5.36 -28.21
C ARG C 53 -37.29 6.51 -29.20
N LYS C 54 -37.40 7.74 -28.67
CA LYS C 54 -37.54 8.91 -29.53
C LYS C 54 -36.21 9.30 -30.18
N SER C 55 -35.09 9.09 -29.52
N SER C 55 -35.10 9.08 -29.49
CA SER C 55 -33.82 9.53 -30.07
CA SER C 55 -33.79 9.53 -29.93
C SER C 55 -32.94 8.41 -30.61
C SER C 55 -32.88 8.44 -30.47
N LEU C 56 -33.23 7.16 -30.28
CA LEU C 56 -32.42 6.05 -30.77
C LEU C 56 -32.92 5.60 -32.12
N HIS C 57 -32.07 5.72 -33.14
CA HIS C 57 -32.39 5.35 -34.51
C HIS C 57 -31.61 4.12 -34.95
N LEU C 58 -32.21 3.34 -35.84
CA LEU C 58 -31.53 2.24 -36.53
C LEU C 58 -31.18 2.72 -37.93
N ASP C 59 -29.90 3.00 -38.16
CA ASP C 59 -29.43 3.52 -39.43
C ASP C 59 -28.42 2.56 -40.06
N ASP C 60 -28.25 2.71 -41.37
CA ASP C 60 -27.14 2.09 -42.10
C ASP C 60 -26.04 3.12 -42.22
N VAL C 61 -24.87 2.80 -41.69
CA VAL C 61 -23.75 3.75 -41.64
C VAL C 61 -22.59 3.14 -42.41
N PRO C 62 -21.74 3.94 -43.04
CA PRO C 62 -20.57 3.38 -43.72
C PRO C 62 -19.56 2.87 -42.72
N LEU C 63 -18.68 1.99 -43.19
CA LEU C 63 -17.62 1.46 -42.35
C LEU C 63 -16.54 2.51 -42.17
N PRO C 64 -16.00 2.68 -40.96
CA PRO C 64 -14.86 3.57 -40.78
C PRO C 64 -13.57 2.92 -41.26
N GLU C 65 -12.59 3.78 -41.54
CA GLU C 65 -11.27 3.32 -41.95
C GLU C 65 -10.52 2.77 -40.76
N LEU C 66 -9.93 1.59 -40.93
CA LEU C 66 -9.19 0.92 -39.89
C LEU C 66 -7.82 1.54 -39.70
N GLY C 67 -7.44 1.80 -38.45
CA GLY C 67 -6.16 2.41 -38.16
C GLY C 67 -5.20 1.47 -37.45
N PRO C 68 -4.00 1.97 -37.16
CA PRO C 68 -3.01 1.15 -36.48
C PRO C 68 -3.49 0.76 -35.08
N GLY C 69 -3.22 -0.50 -34.70
CA GLY C 69 -3.58 -0.98 -33.38
C GLY C 69 -5.06 -1.13 -33.15
N GLU C 70 -5.87 -1.23 -34.22
CA GLU C 70 -7.32 -1.34 -34.11
C GLU C 70 -7.80 -2.63 -34.76
N ALA C 71 -9.04 -2.99 -34.47
CA ALA C 71 -9.67 -4.14 -35.06
C ALA C 71 -11.09 -3.80 -35.48
N LEU C 72 -11.51 -4.37 -36.61
CA LEU C 72 -12.90 -4.35 -37.02
C LEU C 72 -13.53 -5.65 -36.53
N VAL C 73 -14.62 -5.55 -35.75
CA VAL C 73 -15.22 -6.70 -35.10
C VAL C 73 -16.64 -6.89 -35.61
N ALA C 74 -16.97 -8.11 -36.00
CA ALA C 74 -18.36 -8.46 -36.25
C ALA C 74 -19.02 -8.74 -34.91
N VAL C 75 -20.04 -7.97 -34.57
CA VAL C 75 -20.62 -7.98 -33.23
C VAL C 75 -21.79 -8.94 -33.20
N MET C 76 -21.68 -9.98 -32.38
CA MET C 76 -22.81 -10.89 -32.24
C MET C 76 -23.83 -10.39 -31.20
N ALA C 77 -23.38 -9.74 -30.13
CA ALA C 77 -24.29 -9.23 -29.11
C ALA C 77 -23.62 -8.09 -28.36
N SER C 78 -24.43 -7.32 -27.64
CA SER C 78 -24.01 -6.17 -26.86
C SER C 78 -24.89 -6.12 -25.61
N SER C 79 -24.87 -4.99 -24.92
CA SER C 79 -25.74 -4.82 -23.77
C SER C 79 -26.05 -3.33 -23.62
N VAL C 80 -27.10 -3.05 -22.86
CA VAL C 80 -27.41 -1.68 -22.47
C VAL C 80 -26.69 -1.40 -21.15
N ASN C 81 -26.02 -0.27 -21.08
CA ASN C 81 -25.44 0.18 -19.84
C ASN C 81 -26.09 1.50 -19.48
N TYR C 82 -25.87 1.93 -18.24
CA TYR C 82 -26.45 3.20 -17.85
C TYR C 82 -25.88 4.35 -18.65
N ASN C 83 -24.61 4.26 -19.07
CA ASN C 83 -24.06 5.33 -19.90
C ASN C 83 -24.77 5.40 -21.24
N THR C 84 -25.26 4.26 -21.74
CA THR C 84 -26.09 4.26 -22.94
C THR C 84 -27.38 5.03 -22.69
N VAL C 85 -28.01 4.80 -21.53
CA VAL C 85 -29.20 5.58 -21.15
C VAL C 85 -28.87 7.06 -21.08
N TRP C 86 -27.82 7.41 -20.31
CA TRP C 86 -27.42 8.81 -20.24
C TRP C 86 -27.20 9.40 -21.63
N SER C 87 -26.59 8.64 -22.54
CA SER C 87 -26.37 9.13 -23.90
C SER C 87 -27.69 9.41 -24.60
N SER C 88 -28.64 8.46 -24.51
CA SER C 88 -29.86 8.58 -25.29
C SER C 88 -30.74 9.74 -24.84
N ILE C 89 -30.61 10.19 -23.60
CA ILE C 89 -31.39 11.34 -23.14
C ILE C 89 -30.50 12.58 -23.12
N PHE C 90 -29.46 12.58 -23.95
CA PHE C 90 -28.51 13.68 -24.13
C PHE C 90 -28.17 14.36 -22.82
N GLU C 91 -27.98 13.57 -21.76
CA GLU C 91 -27.86 14.08 -20.41
C GLU C 91 -26.60 13.52 -19.75
N PRO C 92 -25.83 14.35 -19.04
CA PRO C 92 -25.95 15.80 -18.81
C PRO C 92 -25.64 16.70 -20.00
N VAL C 93 -24.82 16.24 -20.94
CA VAL C 93 -24.60 16.98 -22.18
C VAL C 93 -24.64 16.01 -23.35
N SER C 94 -24.81 16.57 -24.54
CA SER C 94 -24.75 15.76 -25.75
C SER C 94 -23.38 15.10 -25.84
N THR C 95 -23.38 13.77 -25.97
CA THR C 95 -22.13 13.08 -26.28
C THR C 95 -21.48 13.64 -27.54
N PHE C 96 -22.26 14.29 -28.40
CA PHE C 96 -21.69 14.89 -29.60
C PHE C 96 -20.72 16.00 -29.24
N GLY C 97 -20.95 16.66 -28.11
CA GLY C 97 -20.06 17.74 -27.70
C GLY C 97 -18.63 17.26 -27.63
N PHE C 98 -18.43 16.11 -27.01
CA PHE C 98 -17.10 15.53 -27.02
C PHE C 98 -16.62 15.19 -28.43
N LEU C 99 -17.25 14.18 -29.05
CA LEU C 99 -16.88 13.73 -30.38
C LEU C 99 -16.44 14.89 -31.25
N GLU C 100 -17.21 15.98 -31.20
CA GLU C 100 -16.99 17.11 -32.10
C GLU C 100 -15.67 17.79 -31.82
N ARG C 101 -15.48 18.24 -30.58
CA ARG C 101 -14.25 18.96 -30.25
C ARG C 101 -13.02 18.08 -30.35
N TYR C 102 -13.15 16.76 -30.20
CA TYR C 102 -11.95 15.93 -30.21
C TYR C 102 -11.40 15.76 -31.62
N GLY C 103 -12.21 15.22 -32.54
CA GLY C 103 -11.83 15.06 -33.92
C GLY C 103 -11.02 16.17 -34.55
N ARG C 104 -11.04 17.37 -33.97
CA ARG C 104 -10.14 18.42 -34.46
C ARG C 104 -8.68 18.12 -34.16
N LEU C 105 -8.39 17.18 -33.24
CA LEU C 105 -7.01 16.80 -32.90
C LEU C 105 -6.30 16.17 -34.09
N SER C 106 -6.36 14.83 -34.22
CA SER C 106 -5.63 14.08 -35.23
C SER C 106 -6.62 13.54 -36.22
N PRO C 107 -6.23 13.39 -37.48
CA PRO C 107 -7.16 12.80 -38.45
C PRO C 107 -7.69 11.45 -38.03
N LEU C 108 -6.95 10.71 -37.20
CA LEU C 108 -7.45 9.42 -36.72
C LEU C 108 -8.64 9.60 -35.80
N THR C 109 -8.49 10.41 -34.74
CA THR C 109 -9.65 10.68 -33.89
C THR C 109 -10.73 11.47 -34.61
N ALA C 110 -10.38 12.17 -35.70
CA ALA C 110 -11.37 12.89 -36.50
C ALA C 110 -12.41 11.97 -37.08
N ARG C 111 -12.06 10.70 -37.32
CA ARG C 111 -13.03 9.75 -37.87
C ARG C 111 -14.28 9.67 -37.01
N HIS C 112 -14.17 10.00 -35.71
CA HIS C 112 -15.26 9.84 -34.75
C HIS C 112 -16.23 11.01 -34.70
N ASP C 113 -15.86 12.16 -35.26
CA ASP C 113 -16.70 13.37 -35.23
C ASP C 113 -17.64 13.33 -36.43
N LEU C 114 -18.80 12.73 -36.24
CA LEU C 114 -19.77 12.49 -37.30
C LEU C 114 -21.13 13.03 -36.87
N PRO C 115 -22.06 13.21 -37.82
CA PRO C 115 -23.41 13.69 -37.45
C PRO C 115 -24.23 12.66 -36.69
N TYR C 116 -23.78 11.42 -36.63
CA TYR C 116 -24.44 10.38 -35.86
C TYR C 116 -23.43 9.78 -34.88
N HIS C 117 -23.95 9.10 -33.86
CA HIS C 117 -23.13 8.50 -32.82
C HIS C 117 -23.60 7.08 -32.62
N VAL C 118 -22.82 6.10 -33.07
CA VAL C 118 -23.12 4.69 -32.81
C VAL C 118 -22.78 4.39 -31.36
N LEU C 119 -23.80 4.05 -30.57
CA LEU C 119 -23.61 3.84 -29.14
C LEU C 119 -23.23 2.40 -28.85
N GLY C 120 -22.96 2.13 -27.57
CA GLY C 120 -22.70 0.78 -27.07
C GLY C 120 -21.31 0.59 -26.50
N SER C 121 -21.22 0.10 -25.26
CA SER C 121 -19.94 -0.01 -24.57
C SER C 121 -19.60 -1.43 -24.17
N ASP C 122 -20.31 -2.43 -24.71
CA ASP C 122 -19.99 -3.83 -24.53
C ASP C 122 -20.06 -4.50 -25.89
N LEU C 123 -19.36 -5.63 -26.02
CA LEU C 123 -19.51 -6.44 -27.23
C LEU C 123 -19.02 -7.86 -26.98
N ALA C 124 -19.59 -8.79 -27.72
CA ALA C 124 -19.02 -10.11 -27.92
C ALA C 124 -19.12 -10.43 -29.40
N GLY C 125 -18.05 -10.96 -29.98
CA GLY C 125 -18.05 -11.14 -31.42
C GLY C 125 -16.77 -11.76 -31.95
N VAL C 126 -16.44 -11.48 -33.21
CA VAL C 126 -15.35 -12.15 -33.92
C VAL C 126 -14.55 -11.09 -34.69
N VAL C 127 -13.23 -11.11 -34.52
CA VAL C 127 -12.37 -10.18 -35.23
C VAL C 127 -12.45 -10.46 -36.73
N LEU C 128 -12.67 -9.42 -37.53
CA LEU C 128 -12.61 -9.53 -38.98
C LEU C 128 -11.32 -9.01 -39.57
N ARG C 129 -10.81 -7.90 -39.06
CA ARG C 129 -9.62 -7.26 -39.60
C ARG C 129 -8.87 -6.60 -38.45
N THR C 130 -7.56 -6.52 -38.60
CA THR C 130 -6.70 -5.81 -37.68
C THR C 130 -5.83 -4.86 -38.47
N GLY C 131 -5.53 -3.70 -37.88
CA GLY C 131 -4.67 -2.72 -38.50
C GLY C 131 -3.21 -2.97 -38.19
N ALA C 132 -2.38 -1.97 -38.51
CA ALA C 132 -0.94 -2.16 -38.46
C ALA C 132 -0.45 -2.35 -37.03
N GLY C 133 0.55 -3.21 -36.87
CA GLY C 133 1.15 -3.45 -35.58
C GLY C 133 0.39 -4.39 -34.66
N VAL C 134 -0.50 -5.22 -35.21
CA VAL C 134 -1.36 -6.08 -34.40
C VAL C 134 -0.81 -7.50 -34.47
N ASN C 135 -0.30 -7.99 -33.35
CA ASN C 135 0.24 -9.34 -33.27
C ASN C 135 -0.60 -10.27 -32.42
N ALA C 136 -1.22 -9.76 -31.36
CA ALA C 136 -1.87 -10.62 -30.38
C ALA C 136 -3.21 -11.16 -30.84
N TRP C 137 -3.85 -10.50 -31.81
CA TRP C 137 -5.19 -10.87 -32.22
C TRP C 137 -5.20 -11.02 -33.74
N LYS C 138 -6.00 -11.94 -34.23
CA LYS C 138 -6.06 -12.21 -35.67
C LYS C 138 -7.49 -12.41 -36.08
N PRO C 139 -7.79 -12.29 -37.39
CA PRO C 139 -9.15 -12.53 -37.86
C PRO C 139 -9.66 -13.91 -37.47
N GLY C 140 -10.92 -13.99 -37.06
CA GLY C 140 -11.49 -15.21 -36.57
C GLY C 140 -11.44 -15.38 -35.06
N ASP C 141 -10.70 -14.55 -34.34
CA ASP C 141 -10.62 -14.71 -32.90
C ASP C 141 -11.94 -14.30 -32.25
N GLU C 142 -12.41 -15.13 -31.30
CA GLU C 142 -13.61 -14.82 -30.54
C GLU C 142 -13.26 -13.91 -29.38
N VAL C 143 -13.94 -12.77 -29.29
CA VAL C 143 -13.53 -11.70 -28.39
C VAL C 143 -14.72 -11.14 -27.65
N VAL C 144 -14.44 -10.62 -26.46
CA VAL C 144 -15.25 -9.58 -25.84
C VAL C 144 -14.36 -8.35 -25.73
N ALA C 145 -14.99 -7.20 -25.54
CA ALA C 145 -14.26 -5.95 -25.44
C ALA C 145 -14.54 -5.31 -24.09
N HIS C 146 -13.50 -4.73 -23.50
CA HIS C 146 -13.73 -3.76 -22.45
C HIS C 146 -13.74 -2.37 -23.07
N CYS C 147 -14.27 -1.40 -22.34
CA CYS C 147 -14.62 -0.12 -22.95
C CYS C 147 -13.59 0.99 -22.71
N LEU C 148 -12.40 0.66 -22.19
CA LEU C 148 -11.39 1.67 -21.96
C LEU C 148 -10.70 2.00 -23.28
N SER C 149 -10.69 3.28 -23.65
CA SER C 149 -9.95 3.74 -24.82
C SER C 149 -8.88 4.69 -24.31
N VAL C 150 -7.62 4.26 -24.37
CA VAL C 150 -6.50 5.08 -23.91
C VAL C 150 -5.49 5.19 -25.04
N GLU C 151 -4.91 6.38 -25.18
CA GLU C 151 -3.91 6.58 -26.23
C GLU C 151 -2.51 6.27 -25.73
N LEU C 152 -2.25 6.58 -24.46
CA LEU C 152 -1.02 6.20 -23.76
C LEU C 152 0.21 6.88 -24.33
N GLU C 153 0.02 8.00 -25.04
CA GLU C 153 1.16 8.84 -25.42
C GLU C 153 1.70 9.60 -24.21
N SER C 154 0.84 10.02 -23.29
CA SER C 154 1.28 10.69 -22.08
C SER C 154 1.91 9.65 -21.15
N PRO C 155 2.93 10.03 -20.38
CA PRO C 155 3.45 9.11 -19.35
C PRO C 155 2.44 8.80 -18.25
N ASP C 156 1.38 9.61 -18.09
CA ASP C 156 0.58 9.55 -16.86
C ASP C 156 -0.04 8.18 -16.63
N GLY C 157 -0.38 7.46 -17.69
CA GLY C 157 -1.07 6.20 -17.57
C GLY C 157 -0.20 4.99 -17.43
N HIS C 158 1.11 5.16 -17.36
CA HIS C 158 2.01 4.02 -17.42
C HIS C 158 2.27 3.37 -16.06
N ASN C 159 1.56 3.78 -15.00
CA ASN C 159 1.54 3.06 -13.73
C ASN C 159 0.13 2.62 -13.33
N ASP C 160 -0.83 2.68 -14.27
CA ASP C 160 -2.26 2.41 -14.14
C ASP C 160 -2.94 3.22 -15.24
N THR C 161 -3.41 2.57 -16.30
CA THR C 161 -3.81 3.34 -17.48
C THR C 161 -5.04 4.17 -17.24
N MET C 162 -5.78 3.94 -16.14
CA MET C 162 -6.91 4.81 -15.84
C MET C 162 -6.45 6.26 -15.69
N MET C 163 -5.18 6.49 -15.37
CA MET C 163 -4.68 7.85 -15.16
C MET C 163 -4.31 8.55 -16.48
N ASP C 164 -4.42 7.89 -17.62
CA ASP C 164 -4.14 8.54 -18.90
C ASP C 164 -5.04 9.78 -19.03
N PRO C 165 -4.49 10.96 -19.34
CA PRO C 165 -5.35 12.15 -19.49
C PRO C 165 -6.35 12.01 -20.62
N GLU C 166 -6.05 11.23 -21.65
CA GLU C 166 -6.96 11.03 -22.77
C GLU C 166 -7.85 9.79 -22.60
N GLN C 167 -7.91 9.23 -21.40
CA GLN C 167 -8.72 8.04 -21.19
C GLN C 167 -10.19 8.35 -21.49
N ARG C 168 -10.78 7.64 -22.47
CA ARG C 168 -12.16 7.77 -22.90
C ARG C 168 -12.90 6.47 -22.62
N ILE C 169 -14.24 6.52 -22.70
CA ILE C 169 -15.07 5.32 -22.61
C ILE C 169 -15.61 5.04 -24.00
N TRP C 170 -15.22 3.89 -24.56
CA TRP C 170 -15.61 3.53 -25.91
C TRP C 170 -17.13 3.40 -26.00
N GLY C 171 -17.69 3.97 -27.07
CA GLY C 171 -19.13 3.99 -27.28
C GLY C 171 -19.86 5.09 -26.53
N PHE C 172 -19.14 5.86 -25.72
CA PHE C 172 -19.74 6.96 -24.98
C PHE C 172 -19.01 8.26 -25.29
N GLU C 173 -17.70 8.30 -25.10
CA GLU C 173 -16.85 9.39 -25.57
C GLU C 173 -16.13 9.04 -26.86
N THR C 174 -16.43 7.90 -27.48
CA THR C 174 -15.96 7.58 -28.82
C THR C 174 -17.14 7.10 -29.65
N ASN C 175 -16.93 7.05 -30.96
CA ASN C 175 -17.92 6.53 -31.90
C ASN C 175 -17.71 5.02 -32.13
N PHE C 176 -18.56 4.44 -32.98
CA PHE C 176 -18.45 3.04 -33.42
C PHE C 176 -18.57 2.06 -32.26
N GLY C 177 -19.59 2.28 -31.44
CA GLY C 177 -19.87 1.43 -30.29
C GLY C 177 -20.43 0.07 -30.71
N GLY C 178 -20.71 -0.75 -29.70
CA GLY C 178 -21.06 -2.13 -29.92
C GLY C 178 -22.53 -2.43 -30.16
N LEU C 179 -23.41 -1.45 -30.07
CA LEU C 179 -24.84 -1.69 -30.35
C LEU C 179 -25.05 -1.53 -31.86
N ALA C 180 -24.52 -2.50 -32.60
CA ALA C 180 -24.45 -2.42 -34.05
C ALA C 180 -23.91 -3.76 -34.55
N GLN C 181 -23.98 -3.96 -35.86
CA GLN C 181 -23.53 -5.22 -36.44
C GLN C 181 -22.00 -5.30 -36.53
N LEU C 182 -21.33 -4.16 -36.63
CA LEU C 182 -19.87 -4.09 -36.66
C LEU C 182 -19.42 -3.04 -35.67
N ALA C 183 -18.18 -3.15 -35.20
CA ALA C 183 -17.62 -2.16 -34.29
C ALA C 183 -16.14 -1.97 -34.58
N LEU C 184 -15.62 -0.80 -34.21
CA LEU C 184 -14.20 -0.50 -34.30
C LEU C 184 -13.69 -0.26 -32.88
N VAL C 185 -12.64 -1.01 -32.50
CA VAL C 185 -12.06 -0.91 -31.17
C VAL C 185 -10.54 -0.98 -31.31
N LYS C 186 -9.86 -0.48 -30.29
CA LYS C 186 -8.42 -0.73 -30.20
C LYS C 186 -8.20 -2.18 -29.81
N THR C 187 -7.14 -2.78 -30.34
CA THR C 187 -6.90 -4.18 -29.99
C THR C 187 -6.52 -4.34 -28.53
N ASN C 188 -6.09 -3.27 -27.86
CA ASN C 188 -5.89 -3.37 -26.42
C ASN C 188 -7.20 -3.22 -25.64
N GLN C 189 -8.34 -3.31 -26.32
CA GLN C 189 -9.62 -3.51 -25.66
C GLN C 189 -10.06 -4.96 -25.68
N LEU C 190 -9.35 -5.82 -26.42
CA LEU C 190 -9.87 -7.15 -26.72
C LEU C 190 -9.49 -8.15 -25.64
N LEU C 191 -10.43 -9.03 -25.33
CA LEU C 191 -10.21 -10.09 -24.36
C LEU C 191 -10.81 -11.36 -24.92
N PRO C 192 -10.30 -12.53 -24.53
CA PRO C 192 -10.84 -13.77 -25.10
C PRO C 192 -12.26 -14.03 -24.59
N LYS C 193 -13.15 -14.38 -25.50
CA LYS C 193 -14.51 -14.69 -25.09
C LYS C 193 -14.55 -15.92 -24.19
N PRO C 194 -15.24 -15.87 -23.04
CA PRO C 194 -15.45 -17.08 -22.22
C PRO C 194 -16.21 -18.14 -22.99
N LYS C 195 -15.58 -19.32 -23.13
CA LYS C 195 -16.10 -20.32 -24.06
C LYS C 195 -17.40 -20.96 -23.60
N HIS C 196 -17.72 -20.93 -22.31
CA HIS C 196 -18.93 -21.59 -21.83
C HIS C 196 -20.16 -20.70 -21.91
N LEU C 197 -20.05 -19.48 -22.40
CA LEU C 197 -21.16 -18.53 -22.41
C LEU C 197 -21.68 -18.31 -23.83
N THR C 198 -22.95 -17.94 -23.92
CA THR C 198 -23.52 -17.56 -25.20
C THR C 198 -23.02 -16.16 -25.57
N TRP C 199 -23.28 -15.76 -26.83
CA TRP C 199 -22.84 -14.43 -27.25
C TRP C 199 -23.41 -13.36 -26.34
N GLU C 200 -24.70 -13.44 -26.05
CA GLU C 200 -25.34 -12.38 -25.25
C GLU C 200 -24.87 -12.42 -23.80
N GLU C 201 -24.66 -13.61 -23.26
CA GLU C 201 -24.11 -13.71 -21.91
C GLU C 201 -22.68 -13.19 -21.86
N ALA C 202 -21.86 -13.54 -22.86
CA ALA C 202 -20.47 -13.10 -22.86
C ALA C 202 -20.36 -11.59 -23.00
N ALA C 203 -21.33 -10.95 -23.65
CA ALA C 203 -21.32 -9.50 -23.78
C ALA C 203 -21.86 -8.78 -22.55
N SER C 204 -22.47 -9.49 -21.61
CA SER C 204 -23.13 -8.77 -20.53
C SER C 204 -22.22 -8.29 -19.39
N PRO C 205 -21.16 -9.02 -19.01
CA PRO C 205 -20.39 -8.55 -17.84
C PRO C 205 -19.50 -7.33 -18.10
N GLY C 206 -18.88 -7.26 -19.28
CA GLY C 206 -17.79 -6.34 -19.56
C GLY C 206 -17.68 -5.08 -18.75
N LEU C 207 -18.61 -4.14 -18.96
CA LEU C 207 -18.47 -2.83 -18.33
C LEU C 207 -18.65 -2.91 -16.81
N VAL C 208 -19.76 -3.47 -16.35
CA VAL C 208 -20.06 -3.42 -14.92
C VAL C 208 -19.18 -4.38 -14.13
N ASN C 209 -18.81 -5.51 -14.72
CA ASN C 209 -17.98 -6.49 -14.03
C ASN C 209 -16.57 -5.96 -13.80
N SER C 210 -15.96 -5.40 -14.84
CA SER C 210 -14.61 -4.86 -14.64
C SER C 210 -14.64 -3.69 -13.67
N THR C 211 -15.68 -2.85 -13.76
CA THR C 211 -15.78 -1.72 -12.83
C THR C 211 -15.88 -2.20 -11.39
N ALA C 212 -16.72 -3.22 -11.14
CA ALA C 212 -16.87 -3.73 -9.78
C ALA C 212 -15.58 -4.38 -9.30
N TYR C 213 -14.89 -5.08 -10.21
CA TYR C 213 -13.61 -5.69 -9.88
C TYR C 213 -12.60 -4.64 -9.38
N ARG C 214 -12.38 -3.56 -10.16
CA ARG C 214 -11.45 -2.54 -9.70
C ARG C 214 -11.92 -1.91 -8.40
N GLN C 215 -13.21 -1.64 -8.29
CA GLN C 215 -13.76 -0.92 -7.14
C GLN C 215 -13.61 -1.73 -5.86
N LEU C 216 -13.88 -3.03 -5.91
CA LEU C 216 -13.97 -3.83 -4.69
C LEU C 216 -12.78 -4.74 -4.47
N VAL C 217 -12.30 -5.41 -5.52
CA VAL C 217 -11.28 -6.46 -5.37
C VAL C 217 -9.87 -5.90 -5.45
N SER C 218 -9.62 -4.96 -6.36
CA SER C 218 -8.25 -4.59 -6.65
C SER C 218 -7.69 -3.66 -5.58
N ARG C 219 -6.37 -3.59 -5.53
CA ARG C 219 -5.73 -2.66 -4.60
C ARG C 219 -5.90 -1.20 -5.02
N ASN C 220 -6.36 -0.94 -6.25
CA ASN C 220 -6.68 0.40 -6.69
C ASN C 220 -8.04 0.86 -6.17
N GLY C 221 -8.84 -0.05 -5.63
CA GLY C 221 -10.14 0.23 -5.02
C GLY C 221 -10.12 -0.11 -3.54
N ALA C 222 -11.05 -0.96 -3.07
CA ALA C 222 -11.15 -1.23 -1.63
C ALA C 222 -10.26 -2.35 -1.13
N GLY C 223 -9.64 -3.13 -2.01
CA GLY C 223 -8.73 -4.15 -1.51
C GLY C 223 -9.36 -5.17 -0.58
N LEU C 224 -10.51 -5.71 -0.99
CA LEU C 224 -11.28 -6.63 -0.15
C LEU C 224 -10.44 -7.81 0.32
N LYS C 225 -10.72 -8.29 1.53
CA LYS C 225 -10.13 -9.53 2.01
C LYS C 225 -11.19 -10.39 2.68
N GLN C 226 -10.92 -11.68 2.78
CA GLN C 226 -11.90 -12.56 3.40
C GLN C 226 -12.12 -12.14 4.85
N GLY C 227 -13.37 -12.23 5.29
CA GLY C 227 -13.76 -11.76 6.60
C GLY C 227 -14.37 -10.38 6.60
N ASP C 228 -14.10 -9.55 5.58
CA ASP C 228 -14.65 -8.20 5.55
C ASP C 228 -16.17 -8.25 5.48
N ASN C 229 -16.80 -7.23 6.06
CA ASN C 229 -18.22 -6.96 5.88
C ASN C 229 -18.32 -5.80 4.88
N VAL C 230 -19.19 -5.94 3.87
CA VAL C 230 -19.27 -5.00 2.74
C VAL C 230 -20.73 -4.62 2.51
N LEU C 231 -21.06 -3.34 2.68
CA LEU C 231 -22.40 -2.86 2.31
C LEU C 231 -22.46 -2.60 0.79
N ILE C 232 -23.42 -3.21 0.10
CA ILE C 232 -23.51 -3.13 -1.36
C ILE C 232 -24.85 -2.49 -1.73
N TRP C 233 -24.82 -1.19 -2.05
CA TRP C 233 -26.02 -0.55 -2.58
C TRP C 233 -26.40 -1.16 -3.92
N GLY C 234 -27.70 -1.11 -4.25
CA GLY C 234 -28.18 -1.60 -5.52
C GLY C 234 -27.68 -3.00 -5.87
N ALA C 235 -27.77 -3.91 -4.90
CA ALA C 235 -27.08 -5.19 -5.02
C ALA C 235 -27.60 -6.05 -6.16
N SER C 236 -28.80 -5.79 -6.68
CA SER C 236 -29.30 -6.59 -7.79
C SER C 236 -29.36 -5.80 -9.10
N GLY C 237 -28.69 -4.65 -9.17
CA GLY C 237 -28.50 -3.94 -10.41
C GLY C 237 -27.29 -4.45 -11.16
N GLY C 238 -26.88 -3.72 -12.19
CA GLY C 238 -25.75 -4.15 -13.00
C GLY C 238 -24.47 -4.29 -12.20
N LEU C 239 -24.05 -3.16 -11.63
CA LEU C 239 -22.84 -3.13 -10.81
C LEU C 239 -22.96 -4.06 -9.61
N GLY C 240 -24.06 -3.94 -8.86
CA GLY C 240 -24.22 -4.76 -7.65
C GLY C 240 -24.26 -6.25 -7.92
N SER C 241 -24.79 -6.65 -9.08
N SER C 241 -24.83 -6.67 -9.05
CA SER C 241 -24.89 -8.07 -9.44
CA SER C 241 -24.86 -8.10 -9.36
C SER C 241 -23.53 -8.73 -9.58
C SER C 241 -23.46 -8.70 -9.31
N TYR C 242 -22.45 -7.94 -9.74
CA TYR C 242 -21.08 -8.43 -9.72
C TYR C 242 -20.40 -8.18 -8.38
N ALA C 243 -20.62 -7.00 -7.78
CA ALA C 243 -20.01 -6.71 -6.48
C ALA C 243 -20.40 -7.75 -5.44
N THR C 244 -21.68 -8.14 -5.40
CA THR C 244 -22.13 -9.17 -4.48
C THR C 244 -21.39 -10.48 -4.73
N GLN C 245 -21.16 -10.80 -6.01
CA GLN C 245 -20.45 -12.03 -6.34
C GLN C 245 -19.00 -11.97 -5.86
N TYR C 246 -18.34 -10.83 -6.04
CA TYR C 246 -16.96 -10.69 -5.59
C TYR C 246 -16.85 -10.75 -4.06
N ALA C 247 -17.81 -10.16 -3.35
CA ALA C 247 -17.79 -10.25 -1.90
C ALA C 247 -17.89 -11.70 -1.44
N LEU C 248 -18.86 -12.43 -1.99
CA LEU C 248 -19.05 -13.83 -1.58
C LEU C 248 -17.88 -14.71 -2.00
N ALA C 249 -17.40 -14.56 -3.24
CA ALA C 249 -16.31 -15.42 -3.72
C ALA C 249 -14.98 -15.11 -3.03
N GLY C 250 -14.81 -13.89 -2.57
CA GLY C 250 -13.63 -13.47 -1.84
C GLY C 250 -13.63 -13.84 -0.37
N GLY C 251 -14.66 -14.54 0.12
CA GLY C 251 -14.71 -14.92 1.53
C GLY C 251 -15.22 -13.83 2.45
N ALA C 252 -15.89 -12.82 1.89
CA ALA C 252 -16.40 -11.70 2.66
C ALA C 252 -17.91 -11.85 2.82
N THR C 253 -18.51 -10.93 3.58
CA THR C 253 -19.94 -10.96 3.85
C THR C 253 -20.59 -9.74 3.21
N PRO C 254 -21.37 -9.89 2.15
CA PRO C 254 -22.10 -8.73 1.62
C PRO C 254 -23.35 -8.47 2.44
N ILE C 255 -23.60 -7.19 2.72
CA ILE C 255 -24.89 -6.74 3.23
C ILE C 255 -25.55 -6.04 2.04
N CYS C 256 -26.52 -6.72 1.44
CA CYS C 256 -27.07 -6.32 0.15
C CYS C 256 -28.25 -5.39 0.36
N VAL C 257 -28.28 -4.28 -0.39
CA VAL C 257 -29.40 -3.35 -0.35
C VAL C 257 -30.17 -3.43 -1.66
N VAL C 258 -31.49 -3.65 -1.56
CA VAL C 258 -32.38 -3.70 -2.71
C VAL C 258 -33.64 -2.93 -2.37
N SER C 259 -34.50 -2.79 -3.38
CA SER C 259 -35.74 -2.03 -3.20
C SER C 259 -36.99 -2.84 -3.45
N SER C 260 -36.89 -4.17 -3.58
CA SER C 260 -38.08 -4.99 -3.70
C SER C 260 -37.79 -6.38 -3.17
N PRO C 261 -38.77 -7.05 -2.55
CA PRO C 261 -38.55 -8.45 -2.14
C PRO C 261 -38.19 -9.35 -3.30
N ARG C 262 -38.67 -9.02 -4.51
CA ARG C 262 -38.28 -9.76 -5.69
C ARG C 262 -36.76 -9.71 -5.89
N LYS C 263 -36.17 -8.53 -5.71
CA LYS C 263 -34.72 -8.42 -5.80
C LYS C 263 -34.03 -9.08 -4.61
N ALA C 264 -34.67 -9.04 -3.43
CA ALA C 264 -34.12 -9.77 -2.29
C ALA C 264 -33.97 -11.25 -2.60
N ASP C 265 -34.91 -11.81 -3.36
CA ASP C 265 -34.83 -13.23 -3.67
C ASP C 265 -33.65 -13.55 -4.59
N ILE C 266 -33.33 -12.64 -5.51
CA ILE C 266 -32.17 -12.87 -6.36
C ILE C 266 -30.91 -12.91 -5.50
N CYS C 267 -30.81 -11.96 -4.56
CA CYS C 267 -29.63 -11.90 -3.70
C CYS C 267 -29.44 -13.19 -2.92
N ARG C 268 -30.53 -13.74 -2.37
CA ARG C 268 -30.45 -15.05 -1.75
C ARG C 268 -30.05 -16.11 -2.77
N ALA C 269 -30.50 -15.96 -4.03
CA ALA C 269 -30.09 -16.92 -5.05
C ALA C 269 -28.59 -16.83 -5.34
N MET C 270 -27.99 -15.63 -5.21
CA MET C 270 -26.55 -15.47 -5.38
C MET C 270 -25.76 -16.06 -4.22
N GLY C 271 -26.40 -16.31 -3.09
CA GLY C 271 -25.72 -16.80 -1.91
C GLY C 271 -25.69 -15.83 -0.75
N ALA C 272 -26.27 -14.64 -0.88
CA ALA C 272 -26.24 -13.67 0.19
C ALA C 272 -27.37 -13.94 1.18
N GLU C 273 -27.14 -13.57 2.43
CA GLU C 273 -28.15 -13.73 3.47
C GLU C 273 -28.53 -12.42 4.16
N ALA C 274 -27.61 -11.46 4.23
CA ALA C 274 -27.87 -10.18 4.90
C ALA C 274 -28.40 -9.22 3.84
N ILE C 275 -29.72 -9.03 3.83
CA ILE C 275 -30.38 -8.25 2.79
C ILE C 275 -31.26 -7.20 3.46
N ILE C 276 -31.18 -5.97 2.97
CA ILE C 276 -31.94 -4.84 3.47
C ILE C 276 -32.77 -4.31 2.31
N ASP C 277 -34.09 -4.18 2.50
CA ASP C 277 -34.98 -3.57 1.52
C ASP C 277 -35.13 -2.10 1.90
N ARG C 278 -34.60 -1.20 1.05
CA ARG C 278 -34.66 0.21 1.41
C ARG C 278 -36.06 0.77 1.31
N SER C 279 -36.91 0.17 0.46
CA SER C 279 -38.33 0.57 0.41
C SER C 279 -39.06 0.20 1.70
N ALA C 280 -38.94 -1.06 2.12
CA ALA C 280 -39.60 -1.52 3.34
C ALA C 280 -39.11 -0.75 4.58
N GLU C 281 -37.81 -0.49 4.66
CA GLU C 281 -37.31 0.24 5.83
C GLU C 281 -37.65 1.72 5.78
N GLY C 282 -37.96 2.25 4.60
CA GLY C 282 -38.36 3.64 4.47
C GLY C 282 -37.33 4.64 4.92
N TYR C 283 -36.05 4.39 4.62
CA TYR C 283 -35.04 5.37 4.95
C TYR C 283 -35.32 6.66 4.21
N ARG C 284 -35.20 7.78 4.92
CA ARG C 284 -35.39 9.11 4.35
C ARG C 284 -34.18 9.90 4.83
N PHE C 285 -33.03 9.68 4.19
CA PHE C 285 -31.81 10.25 4.71
C PHE C 285 -31.82 11.78 4.65
N TRP C 286 -32.60 12.37 3.75
CA TRP C 286 -32.69 13.83 3.63
C TRP C 286 -34.00 14.31 4.24
N LYS C 287 -33.91 15.18 5.25
CA LYS C 287 -35.08 15.83 5.83
C LYS C 287 -35.75 16.68 4.76
N ASP C 288 -35.04 17.71 4.31
CA ASP C 288 -35.52 18.61 3.27
C ASP C 288 -34.50 18.64 2.13
N GLU C 289 -34.68 19.59 1.22
CA GLU C 289 -33.81 19.71 0.06
C GLU C 289 -32.37 19.99 0.42
N HIS C 290 -32.11 20.51 1.62
CA HIS C 290 -30.77 20.94 1.99
C HIS C 290 -30.19 20.27 3.22
N HIS C 291 -30.98 19.50 3.97
CA HIS C 291 -30.52 18.94 5.23
C HIS C 291 -30.80 17.45 5.29
N GLN C 292 -29.88 16.72 5.92
CA GLN C 292 -30.04 15.29 6.12
C GLN C 292 -30.50 15.02 7.55
N ASP C 293 -30.82 13.76 7.80
CA ASP C 293 -31.32 13.31 9.09
C ASP C 293 -30.37 12.27 9.67
N PRO C 294 -29.48 12.67 10.58
CA PRO C 294 -28.54 11.69 11.16
C PRO C 294 -29.22 10.58 11.93
N ARG C 295 -30.47 10.77 12.37
CA ARG C 295 -31.17 9.66 13.00
C ARG C 295 -31.47 8.56 11.98
N GLU C 296 -31.70 8.94 10.71
CA GLU C 296 -31.86 7.94 9.67
C GLU C 296 -30.56 7.24 9.34
N TRP C 297 -29.43 7.96 9.38
CA TRP C 297 -28.14 7.30 9.20
C TRP C 297 -27.95 6.24 10.27
N LYS C 298 -28.22 6.60 11.52
CA LYS C 298 -28.06 5.67 12.63
C LYS C 298 -28.99 4.47 12.50
N ARG C 299 -30.20 4.69 11.97
CA ARG C 299 -31.14 3.58 11.79
C ARG C 299 -30.60 2.57 10.79
N LEU C 300 -29.98 3.03 9.70
CA LEU C 300 -29.30 2.12 8.79
C LEU C 300 -28.18 1.38 9.50
N GLY C 301 -27.38 2.12 10.29
CA GLY C 301 -26.27 1.52 10.99
C GLY C 301 -26.69 0.45 11.98
N GLY C 302 -27.84 0.65 12.64
CA GLY C 302 -28.35 -0.37 13.56
C GLY C 302 -28.82 -1.61 12.83
N LYS C 303 -29.49 -1.44 11.70
CA LYS C 303 -29.97 -2.57 10.90
C LYS C 303 -28.79 -3.42 10.40
N ILE C 304 -27.72 -2.76 9.96
CA ILE C 304 -26.51 -3.48 9.56
C ILE C 304 -25.98 -4.31 10.72
N ARG C 305 -25.86 -3.69 11.91
CA ARG C 305 -25.31 -4.39 13.06
C ARG C 305 -26.15 -5.61 13.46
N GLU C 306 -27.43 -5.64 13.10
CA GLU C 306 -28.24 -6.82 13.36
C GLU C 306 -27.77 -8.00 12.53
N PHE C 307 -27.24 -7.75 11.33
CA PHE C 307 -26.78 -8.84 10.47
C PHE C 307 -25.36 -9.26 10.76
N THR C 308 -24.53 -8.36 11.30
CA THR C 308 -23.10 -8.62 11.45
C THR C 308 -22.71 -9.04 12.85
N GLY C 309 -23.65 -9.11 13.79
CA GLY C 309 -23.28 -9.37 15.17
C GLY C 309 -22.61 -8.19 15.84
N GLY C 310 -23.05 -6.98 15.55
CA GLY C 310 -22.53 -5.79 16.19
C GLY C 310 -21.37 -5.12 15.49
N GLU C 311 -20.97 -5.60 14.31
CA GLU C 311 -19.83 -5.06 13.59
C GLU C 311 -20.26 -4.04 12.54
N ASP C 312 -19.47 -2.99 12.36
CA ASP C 312 -19.71 -2.02 11.30
C ASP C 312 -18.93 -2.43 10.04
N VAL C 313 -19.41 -1.98 8.88
CA VAL C 313 -18.86 -2.49 7.63
C VAL C 313 -17.46 -1.94 7.36
N ASP C 314 -16.59 -2.82 6.85
CA ASP C 314 -15.26 -2.40 6.46
C ASP C 314 -15.27 -1.58 5.19
N ILE C 315 -16.21 -1.85 4.29
CA ILE C 315 -16.24 -1.23 2.98
C ILE C 315 -17.69 -0.92 2.66
N VAL C 316 -17.94 0.25 2.11
CA VAL C 316 -19.22 0.57 1.47
C VAL C 316 -19.02 0.66 -0.04
N PHE C 317 -19.77 -0.14 -0.80
CA PHE C 317 -19.74 -0.10 -2.26
C PHE C 317 -20.77 0.93 -2.73
N GLU C 318 -20.30 2.14 -3.05
CA GLU C 318 -21.18 3.26 -3.36
C GLU C 318 -21.37 3.46 -4.86
N HIS C 319 -22.47 4.16 -5.20
CA HIS C 319 -22.87 4.53 -6.55
C HIS C 319 -24.19 5.30 -6.60
N PRO C 320 -25.14 5.11 -5.66
CA PRO C 320 -26.37 5.92 -5.71
C PRO C 320 -26.13 7.41 -5.54
N GLY C 321 -25.14 7.81 -4.76
CA GLY C 321 -24.75 9.21 -4.70
C GLY C 321 -25.45 9.98 -3.58
N ARG C 322 -25.96 11.17 -3.93
CA ARG C 322 -26.34 12.15 -2.91
C ARG C 322 -27.34 11.58 -1.91
N GLU C 323 -28.32 10.81 -2.38
CA GLU C 323 -29.35 10.30 -1.47
C GLU C 323 -28.74 9.48 -0.35
N THR C 324 -27.75 8.62 -0.67
CA THR C 324 -27.21 7.66 0.28
C THR C 324 -25.85 8.00 0.87
N PHE C 325 -25.11 8.95 0.27
CA PHE C 325 -23.70 9.09 0.57
C PHE C 325 -23.44 9.53 2.01
N GLY C 326 -24.28 10.39 2.56
CA GLY C 326 -24.09 10.77 3.95
C GLY C 326 -24.18 9.58 4.89
N ALA C 327 -25.14 8.70 4.63
CA ALA C 327 -25.30 7.48 5.43
C ALA C 327 -24.11 6.54 5.22
N SER C 328 -23.66 6.38 3.98
CA SER C 328 -22.53 5.50 3.69
C SER C 328 -21.31 5.92 4.49
N VAL C 329 -21.03 7.22 4.55
CA VAL C 329 -19.89 7.68 5.33
C VAL C 329 -20.11 7.40 6.82
N TYR C 330 -21.33 7.65 7.33
CA TYR C 330 -21.62 7.46 8.74
C TYR C 330 -21.43 6.00 9.17
N VAL C 331 -21.99 5.06 8.41
CA VAL C 331 -22.03 3.66 8.86
C VAL C 331 -20.67 2.95 8.77
N THR C 332 -19.72 3.52 8.05
CA THR C 332 -18.48 2.79 7.80
C THR C 332 -17.69 2.63 9.10
N ARG C 333 -17.06 1.46 9.24
CA ARG C 333 -16.24 1.17 10.42
C ARG C 333 -15.08 2.14 10.53
N LYS C 334 -14.60 2.34 11.75
CA LYS C 334 -13.36 3.07 11.93
C LYS C 334 -12.27 2.46 11.05
N GLY C 335 -11.63 3.30 10.24
CA GLY C 335 -10.58 2.87 9.33
C GLY C 335 -11.08 2.28 8.02
N GLY C 336 -12.39 2.26 7.80
CA GLY C 336 -12.96 1.66 6.62
C GLY C 336 -12.92 2.56 5.42
N THR C 337 -13.47 2.06 4.31
CA THR C 337 -13.39 2.72 3.01
C THR C 337 -14.76 2.81 2.39
N ILE C 338 -15.12 4.00 1.91
CA ILE C 338 -16.27 4.17 1.02
C ILE C 338 -15.72 4.31 -0.40
N VAL C 339 -16.07 3.38 -1.28
CA VAL C 339 -15.55 3.41 -2.65
C VAL C 339 -16.70 3.73 -3.60
N THR C 340 -16.50 4.74 -4.45
CA THR C 340 -17.58 5.31 -5.26
C THR C 340 -17.17 5.42 -6.72
N CYS C 341 -18.03 4.97 -7.62
CA CYS C 341 -17.78 5.08 -9.05
C CYS C 341 -18.91 5.83 -9.77
N ALA C 342 -19.74 6.55 -9.01
CA ALA C 342 -20.92 7.18 -9.59
C ALA C 342 -21.78 7.92 -8.59
N SER C 343 -22.86 8.53 -9.10
CA SER C 343 -23.83 9.27 -8.30
C SER C 343 -25.16 9.32 -9.05
N THR C 344 -25.86 8.19 -9.13
CA THR C 344 -27.06 8.13 -9.96
C THR C 344 -28.12 9.13 -9.53
N SER C 345 -28.19 9.42 -8.23
CA SER C 345 -29.25 10.25 -7.66
C SER C 345 -28.87 11.71 -7.53
N GLY C 346 -27.75 12.11 -8.11
CA GLY C 346 -27.23 13.46 -7.92
C GLY C 346 -25.76 13.44 -7.54
N TYR C 347 -24.94 14.22 -8.23
CA TYR C 347 -23.50 14.19 -7.99
C TYR C 347 -23.02 15.20 -6.95
N MET C 348 -23.90 16.04 -6.40
CA MET C 348 -23.48 16.98 -5.36
C MET C 348 -23.62 16.30 -4.02
N HIS C 349 -22.52 15.72 -3.54
CA HIS C 349 -22.53 14.93 -2.30
C HIS C 349 -22.44 15.83 -1.09
N GLN C 350 -23.14 15.44 -0.03
CA GLN C 350 -23.02 16.09 1.27
C GLN C 350 -22.78 15.00 2.31
N TYR C 351 -21.80 15.22 3.18
CA TYR C 351 -21.47 14.28 4.24
C TYR C 351 -20.89 15.05 5.43
N ASP C 352 -20.94 14.42 6.60
CA ASP C 352 -20.45 15.00 7.84
C ASP C 352 -18.98 14.60 8.04
N ASN C 353 -18.06 15.56 7.87
CA ASN C 353 -16.63 15.24 7.88
C ASN C 353 -16.14 14.79 9.24
N ARG C 354 -16.88 15.07 10.33
CA ARG C 354 -16.44 14.64 11.64
C ARG C 354 -16.26 13.13 11.69
N TYR C 355 -17.18 12.39 11.07
CA TYR C 355 -17.05 10.94 11.05
C TYR C 355 -15.86 10.50 10.20
N LEU C 356 -15.55 11.25 9.15
CA LEU C 356 -14.48 10.82 8.27
C LEU C 356 -13.12 10.99 8.94
N TRP C 357 -12.86 12.14 9.58
CA TRP C 357 -11.54 12.33 10.17
C TRP C 357 -11.41 11.68 11.55
N MET C 358 -12.44 11.83 12.41
CA MET C 358 -12.26 11.30 13.77
C MET C 358 -12.22 9.78 13.79
N SER C 359 -12.77 9.11 12.78
CA SER C 359 -12.68 7.67 12.68
C SER C 359 -11.81 7.23 11.50
N LEU C 360 -11.01 8.13 10.95
CA LEU C 360 -9.94 7.76 10.02
C LEU C 360 -10.47 6.96 8.83
N LYS C 361 -11.60 7.40 8.25
CA LYS C 361 -12.17 6.72 7.10
C LYS C 361 -11.64 7.37 5.82
N ARG C 362 -11.90 6.72 4.68
CA ARG C 362 -11.47 7.27 3.39
C ARG C 362 -12.57 7.04 2.34
N ILE C 363 -12.68 8.00 1.42
CA ILE C 363 -13.54 7.90 0.26
C ILE C 363 -12.64 7.76 -0.95
N VAL C 364 -12.78 6.67 -1.70
CA VAL C 364 -11.89 6.34 -2.81
C VAL C 364 -12.71 6.39 -4.10
N GLY C 365 -12.33 7.27 -5.02
CA GLY C 365 -13.03 7.36 -6.28
C GLY C 365 -12.47 6.30 -7.24
N SER C 366 -13.35 5.66 -7.98
CA SER C 366 -12.97 4.59 -8.89
C SER C 366 -13.73 4.75 -10.20
N HIS C 367 -13.12 4.35 -11.31
CA HIS C 367 -13.70 4.59 -12.62
C HIS C 367 -13.27 3.43 -13.49
N PHE C 368 -14.24 2.79 -14.15
CA PHE C 368 -14.00 1.58 -14.95
C PHE C 368 -12.87 0.72 -14.41
N ALA C 369 -11.82 0.52 -15.23
CA ALA C 369 -10.75 -0.44 -14.95
C ALA C 369 -9.68 -0.35 -16.02
N ASN C 370 -8.42 -0.58 -15.65
CA ASN C 370 -7.36 -0.73 -16.65
C ASN C 370 -7.41 -2.13 -17.27
N TYR C 371 -6.64 -2.32 -18.35
CA TYR C 371 -6.70 -3.57 -19.12
C TYR C 371 -6.39 -4.78 -18.25
N ARG C 372 -5.45 -4.62 -17.30
CA ARG C 372 -5.08 -5.74 -16.45
C ARG C 372 -6.25 -6.12 -15.54
N GLU C 373 -6.93 -5.12 -14.97
CA GLU C 373 -8.10 -5.37 -14.14
C GLU C 373 -9.24 -5.94 -14.96
N ALA C 374 -9.46 -5.40 -16.17
CA ALA C 374 -10.48 -5.95 -17.05
C ALA C 374 -10.17 -7.40 -17.38
N PHE C 375 -8.89 -7.70 -17.64
CA PHE C 375 -8.50 -9.07 -17.96
C PHE C 375 -8.75 -9.99 -16.77
N GLU C 376 -8.39 -9.53 -15.57
CA GLU C 376 -8.57 -10.35 -14.37
C GLU C 376 -10.05 -10.62 -14.12
N ALA C 377 -10.90 -9.63 -14.39
CA ALA C 377 -12.34 -9.79 -14.18
C ALA C 377 -12.92 -10.76 -15.19
N ASN C 378 -12.54 -10.63 -16.46
CA ASN C 378 -12.97 -11.56 -17.49
C ASN C 378 -12.42 -12.95 -17.24
N ARG C 379 -11.22 -13.04 -16.68
CA ARG C 379 -10.62 -14.34 -16.40
C ARG C 379 -11.43 -15.10 -15.35
N LEU C 380 -11.91 -14.38 -14.33
CA LEU C 380 -12.76 -15.03 -13.32
C LEU C 380 -14.06 -15.53 -13.94
N VAL C 381 -14.62 -14.76 -14.88
CA VAL C 381 -15.77 -15.26 -15.64
C VAL C 381 -15.40 -16.51 -16.42
N ALA C 382 -14.26 -16.47 -17.13
CA ALA C 382 -13.82 -17.61 -17.93
C ALA C 382 -13.60 -18.85 -17.08
N LYS C 383 -13.19 -18.69 -15.81
CA LYS C 383 -12.96 -19.83 -14.95
C LYS C 383 -14.22 -20.33 -14.27
N GLY C 384 -15.35 -19.67 -14.51
CA GLY C 384 -16.59 -20.01 -13.85
C GLY C 384 -16.68 -19.54 -12.41
N LYS C 385 -15.86 -18.57 -12.00
CA LYS C 385 -15.92 -18.06 -10.64
C LYS C 385 -16.86 -16.87 -10.49
N ILE C 386 -17.12 -16.17 -11.58
CA ILE C 386 -18.08 -15.07 -11.63
C ILE C 386 -18.98 -15.37 -12.82
N HIS C 387 -20.27 -15.09 -12.68
CA HIS C 387 -21.23 -15.48 -13.70
C HIS C 387 -21.96 -14.29 -14.27
N PRO C 388 -22.34 -14.32 -15.55
CA PRO C 388 -23.16 -13.25 -16.12
C PRO C 388 -24.51 -13.19 -15.42
N THR C 389 -25.15 -12.04 -15.53
CA THR C 389 -26.37 -11.70 -14.81
C THR C 389 -27.43 -11.17 -15.74
N LEU C 390 -27.60 -11.81 -16.90
CA LEU C 390 -28.58 -11.37 -17.87
C LEU C 390 -30.00 -11.65 -17.36
N SER C 391 -30.88 -10.65 -17.45
CA SER C 391 -32.28 -10.83 -17.10
C SER C 391 -33.19 -10.93 -18.31
N LYS C 392 -32.91 -10.15 -19.37
CA LYS C 392 -33.77 -10.07 -20.54
C LYS C 392 -32.92 -9.65 -21.73
N VAL C 393 -33.29 -10.12 -22.92
CA VAL C 393 -32.56 -9.84 -24.15
C VAL C 393 -33.50 -9.23 -25.17
N TYR C 394 -33.04 -8.21 -25.89
CA TYR C 394 -33.80 -7.56 -26.94
C TYR C 394 -33.07 -7.68 -28.27
N ALA C 395 -33.84 -7.59 -29.36
CA ALA C 395 -33.22 -7.46 -30.67
C ALA C 395 -32.67 -6.04 -30.86
N LEU C 396 -31.69 -5.92 -31.75
CA LEU C 396 -31.05 -4.63 -31.98
C LEU C 396 -32.08 -3.54 -32.27
N GLU C 397 -33.10 -3.87 -33.07
CA GLU C 397 -34.15 -2.92 -33.42
C GLU C 397 -34.92 -2.42 -32.20
N GLU C 398 -34.89 -3.15 -31.08
CA GLU C 398 -35.64 -2.76 -29.89
C GLU C 398 -34.77 -2.09 -28.83
N THR C 399 -33.57 -1.61 -29.20
CA THR C 399 -32.67 -1.04 -28.20
C THR C 399 -33.34 0.12 -27.47
N GLY C 400 -34.17 0.89 -28.15
CA GLY C 400 -34.88 1.98 -27.48
C GLY C 400 -35.68 1.51 -26.28
N GLN C 401 -36.40 0.39 -26.42
CA GLN C 401 -37.17 -0.13 -25.30
C GLN C 401 -36.25 -0.64 -24.19
N ALA C 402 -35.16 -1.30 -24.56
CA ALA C 402 -34.20 -1.77 -23.57
C ALA C 402 -33.68 -0.62 -22.72
N ALA C 403 -33.39 0.53 -23.36
CA ALA C 403 -32.87 1.68 -22.63
C ALA C 403 -33.95 2.27 -21.72
N LEU C 404 -35.18 2.37 -22.23
CA LEU C 404 -36.29 2.82 -21.40
C LEU C 404 -36.44 1.96 -20.13
N ASP C 405 -36.34 0.64 -20.26
CA ASP C 405 -36.52 -0.21 -19.10
C ASP C 405 -35.50 0.12 -18.02
N VAL C 406 -34.23 0.31 -18.42
CA VAL C 406 -33.19 0.66 -17.47
C VAL C 406 -33.40 2.07 -16.93
N HIS C 407 -33.81 2.99 -17.81
CA HIS C 407 -34.08 4.36 -17.43
C HIS C 407 -35.13 4.42 -16.33
N HIS C 408 -36.21 3.67 -16.50
CA HIS C 408 -37.29 3.62 -15.51
C HIS C 408 -37.06 2.57 -14.43
N ASN C 409 -36.05 1.71 -14.60
CA ASN C 409 -35.74 0.67 -13.62
C ASN C 409 -36.76 -0.47 -13.62
N LYS C 410 -37.13 -0.93 -14.81
CA LYS C 410 -38.01 -2.08 -14.91
C LYS C 410 -37.26 -3.40 -14.78
N HIS C 411 -35.94 -3.42 -14.92
CA HIS C 411 -35.17 -4.64 -15.04
C HIS C 411 -34.39 -4.88 -13.77
N GLN C 412 -33.71 -6.01 -13.72
CA GLN C 412 -32.87 -6.34 -12.58
C GLN C 412 -31.39 -6.47 -12.93
N GLY C 413 -31.01 -7.42 -13.77
CA GLY C 413 -29.57 -7.62 -13.83
C GLY C 413 -28.96 -6.76 -14.91
N LYS C 414 -28.44 -7.42 -15.94
CA LYS C 414 -28.07 -6.76 -17.17
C LYS C 414 -29.17 -7.00 -18.20
N VAL C 415 -29.45 -6.00 -19.03
CA VAL C 415 -30.33 -6.13 -20.20
C VAL C 415 -29.42 -6.27 -21.42
N GLY C 416 -29.57 -7.39 -22.14
CA GLY C 416 -28.71 -7.70 -23.28
C GLY C 416 -29.37 -7.37 -24.63
N VAL C 417 -28.56 -7.28 -25.66
CA VAL C 417 -29.05 -6.92 -27.00
C VAL C 417 -28.37 -7.83 -28.02
N LEU C 418 -29.17 -8.48 -28.86
CA LEU C 418 -28.59 -9.23 -29.98
C LEU C 418 -28.22 -8.26 -31.10
N CYS C 419 -27.06 -8.50 -31.71
CA CYS C 419 -26.64 -7.67 -32.83
C CYS C 419 -26.72 -8.50 -34.09
N LEU C 420 -25.64 -9.13 -34.54
CA LEU C 420 -25.74 -10.07 -35.66
C LEU C 420 -26.35 -11.41 -35.25
N ALA C 421 -26.25 -11.79 -33.99
CA ALA C 421 -26.75 -13.11 -33.59
C ALA C 421 -28.25 -13.19 -33.90
N PRO C 422 -28.69 -14.23 -34.62
CA PRO C 422 -30.10 -14.29 -35.02
C PRO C 422 -31.07 -14.68 -33.91
N ARG C 423 -30.59 -15.36 -32.86
CA ARG C 423 -31.42 -15.73 -31.73
C ARG C 423 -30.51 -15.90 -30.53
N GLU C 424 -31.11 -15.99 -29.34
CA GLU C 424 -30.35 -16.31 -28.14
C GLU C 424 -29.83 -17.74 -28.20
N GLY C 425 -28.81 -18.02 -27.41
CA GLY C 425 -28.35 -19.38 -27.17
C GLY C 425 -27.17 -19.85 -27.99
N LEU C 426 -26.65 -19.02 -28.88
CA LEU C 426 -25.55 -19.44 -29.74
C LEU C 426 -24.22 -19.08 -29.11
N GLY C 427 -23.17 -19.74 -29.60
CA GLY C 427 -21.81 -19.35 -29.30
C GLY C 427 -21.09 -20.13 -28.21
N VAL C 428 -21.70 -21.16 -27.64
CA VAL C 428 -21.03 -21.94 -26.60
C VAL C 428 -20.09 -22.94 -27.24
N THR C 429 -18.84 -22.98 -26.76
CA THR C 429 -17.90 -24.00 -27.19
C THR C 429 -17.28 -24.81 -26.05
N ASP C 430 -17.61 -24.52 -24.77
CA ASP C 430 -17.21 -25.35 -23.62
C ASP C 430 -18.48 -25.81 -22.91
N PRO C 431 -19.17 -26.81 -23.46
CA PRO C 431 -20.46 -27.20 -22.88
C PRO C 431 -20.37 -27.84 -21.51
N GLU C 432 -19.26 -28.52 -21.18
CA GLU C 432 -19.15 -29.16 -19.88
C GLU C 432 -19.03 -28.12 -18.76
N LEU C 433 -18.25 -27.07 -18.98
CA LEU C 433 -18.14 -26.02 -17.97
C LEU C 433 -19.46 -25.26 -17.84
N ARG C 434 -20.14 -25.04 -18.96
CA ARG C 434 -21.44 -24.38 -18.92
C ARG C 434 -22.43 -25.18 -18.08
N SER C 435 -22.49 -26.49 -18.29
CA SER C 435 -23.43 -27.31 -17.53
C SER C 435 -23.16 -27.22 -16.03
N LYS C 436 -21.88 -27.19 -15.65
CA LYS C 436 -21.55 -27.05 -14.23
C LYS C 436 -22.19 -25.81 -13.60
N HIS C 437 -22.27 -24.71 -14.35
CA HIS C 437 -22.62 -23.42 -13.76
C HIS C 437 -23.95 -22.83 -14.24
N LEU C 438 -24.75 -23.58 -15.00
CA LEU C 438 -25.90 -22.95 -15.67
C LEU C 438 -26.93 -22.42 -14.68
N THR C 439 -27.16 -23.13 -13.57
CA THR C 439 -28.14 -22.66 -12.60
C THR C 439 -27.82 -21.25 -12.12
N LYS C 440 -26.57 -20.99 -11.78
CA LYS C 440 -26.15 -19.64 -11.37
C LYS C 440 -26.18 -18.66 -12.53
N ILE C 441 -25.71 -19.08 -13.70
CA ILE C 441 -25.74 -18.21 -14.88
C ILE C 441 -27.13 -17.64 -15.11
N ASN C 442 -28.16 -18.44 -14.81
CA ASN C 442 -29.55 -18.05 -15.06
C ASN C 442 -30.23 -17.40 -13.88
N ALA C 443 -29.49 -17.00 -12.84
CA ALA C 443 -30.13 -16.57 -11.60
C ALA C 443 -30.92 -15.27 -11.76
N PHE C 444 -30.62 -14.46 -12.77
CA PHE C 444 -31.32 -13.20 -12.96
C PHE C 444 -32.43 -13.28 -14.00
N ARG C 445 -32.61 -14.42 -14.66
CA ARG C 445 -33.50 -14.48 -15.83
C ARG C 445 -34.92 -14.16 -15.43
N ARG D 1 26.35 16.11 -48.09
CA ARG D 1 26.12 14.96 -47.24
C ARG D 1 24.96 15.20 -46.27
N HIS D 2 24.05 14.22 -46.24
CA HIS D 2 22.78 14.42 -45.55
C HIS D 2 22.98 14.52 -44.05
N MET D 3 23.88 13.69 -43.48
CA MET D 3 24.13 13.74 -42.04
C MET D 3 24.66 15.11 -41.63
N GLN D 4 25.62 15.64 -42.39
CA GLN D 4 26.16 16.96 -42.05
C GLN D 4 25.07 18.03 -42.07
N GLU D 5 24.14 17.96 -43.02
CA GLU D 5 23.08 18.94 -43.07
C GLU D 5 22.13 18.84 -41.90
N ILE D 6 21.94 17.64 -41.36
CA ILE D 6 21.12 17.49 -40.16
C ILE D 6 21.79 18.16 -38.97
N LEU D 7 23.08 17.88 -38.78
CA LEU D 7 23.81 18.52 -37.68
C LEU D 7 23.82 20.03 -37.81
N ASP D 8 24.01 20.55 -39.03
CA ASP D 8 23.99 22.00 -39.24
C ASP D 8 22.64 22.59 -38.87
N ALA D 9 21.55 21.88 -39.17
CA ALA D 9 20.23 22.39 -38.82
C ALA D 9 20.10 22.50 -37.31
N ILE D 10 20.56 21.46 -36.59
CA ILE D 10 20.50 21.46 -35.13
C ILE D 10 21.35 22.59 -34.56
N LEU D 11 22.60 22.71 -35.02
CA LEU D 11 23.50 23.74 -34.49
C LEU D 11 23.02 25.14 -34.85
N SER D 12 22.29 25.30 -35.97
CA SER D 12 21.83 26.62 -36.35
C SER D 12 20.89 27.20 -35.30
N GLY D 13 20.06 26.35 -34.69
CA GLY D 13 19.17 26.79 -33.65
C GLY D 13 17.93 27.51 -34.11
N ASP D 14 17.77 27.75 -35.42
CA ASP D 14 16.57 28.41 -35.91
C ASP D 14 15.82 27.56 -36.94
N ALA D 15 15.98 26.23 -36.91
CA ALA D 15 15.25 25.37 -37.83
C ALA D 15 13.89 25.03 -37.25
N ALA D 16 12.84 25.20 -38.05
CA ALA D 16 11.49 24.94 -37.59
C ALA D 16 11.14 23.46 -37.83
N SER D 17 9.98 23.07 -37.31
CA SER D 17 9.55 21.68 -37.45
C SER D 17 9.47 21.29 -38.92
N ALA D 18 8.99 22.20 -39.76
CA ALA D 18 8.86 21.91 -41.19
C ALA D 18 10.22 21.77 -41.85
N ASP D 19 11.24 22.46 -41.34
CA ASP D 19 12.58 22.33 -41.89
C ASP D 19 13.15 20.94 -41.62
N TYR D 20 12.94 20.41 -40.42
CA TYR D 20 13.41 19.06 -40.14
C TYR D 20 12.66 18.03 -40.98
N ALA D 21 11.35 18.24 -41.17
CA ALA D 21 10.56 17.32 -41.99
C ALA D 21 11.07 17.27 -43.42
N ALA D 22 11.59 18.39 -43.94
CA ALA D 22 12.09 18.49 -45.30
C ALA D 22 13.54 18.05 -45.46
N LEU D 23 14.25 17.77 -44.37
CA LEU D 23 15.62 17.34 -44.47
C LEU D 23 15.71 15.92 -45.04
N ALA D 24 16.65 15.71 -45.94
CA ALA D 24 16.85 14.40 -46.54
C ALA D 24 17.47 13.45 -45.52
N LEU D 25 16.87 12.27 -45.38
CA LEU D 25 17.43 11.28 -44.47
C LEU D 25 18.71 10.71 -45.05
N PRO D 26 19.72 10.44 -44.23
CA PRO D 26 20.90 9.73 -44.70
C PRO D 26 20.57 8.30 -45.06
N GLU D 27 21.41 7.71 -45.91
CA GLU D 27 21.22 6.31 -46.26
C GLU D 27 21.99 5.37 -45.34
N SER D 28 22.95 5.88 -44.57
CA SER D 28 23.60 5.08 -43.54
C SER D 28 23.99 6.00 -42.39
N TYR D 29 24.38 5.42 -41.27
CA TYR D 29 24.83 6.22 -40.14
C TYR D 29 25.91 5.48 -39.38
N ARG D 30 26.77 6.24 -38.72
CA ARG D 30 27.87 5.65 -37.94
C ARG D 30 27.36 5.18 -36.58
N ALA D 31 27.77 3.97 -36.19
CA ALA D 31 27.20 3.31 -35.03
C ALA D 31 28.25 2.44 -34.36
N VAL D 32 28.14 2.31 -33.03
CA VAL D 32 28.96 1.38 -32.25
C VAL D 32 28.23 0.05 -32.20
N THR D 33 28.87 -1.01 -32.67
CA THR D 33 28.20 -2.29 -32.88
C THR D 33 29.00 -3.44 -32.31
N LEU D 34 28.29 -4.50 -31.97
CA LEU D 34 28.87 -5.83 -31.83
C LEU D 34 28.59 -6.60 -33.12
N HIS D 35 29.44 -7.60 -33.38
CA HIS D 35 29.29 -8.44 -34.56
C HIS D 35 28.92 -9.84 -34.13
N LYS D 36 27.87 -10.38 -34.74
CA LYS D 36 27.42 -11.72 -34.40
C LYS D 36 28.48 -12.76 -34.75
N GLY D 37 29.35 -12.48 -35.72
CA GLY D 37 30.47 -13.34 -35.96
C GLY D 37 31.39 -13.38 -34.75
N GLU D 38 31.81 -12.21 -34.29
CA GLU D 38 32.75 -12.11 -33.18
C GLU D 38 32.10 -12.61 -31.91
N GLU D 39 30.82 -12.92 -32.00
CA GLU D 39 30.04 -13.80 -31.11
C GLU D 39 30.85 -14.39 -29.96
N ARG D 40 31.52 -15.48 -30.28
CA ARG D 40 32.47 -16.12 -29.40
C ARG D 40 33.82 -15.47 -29.69
N MET D 41 34.46 -14.96 -28.64
CA MET D 41 35.82 -14.47 -28.77
C MET D 41 36.43 -14.32 -27.39
N PHE D 42 35.60 -14.14 -26.38
CA PHE D 42 36.06 -14.00 -25.01
C PHE D 42 35.90 -15.29 -24.21
N ASP D 43 35.35 -16.34 -24.82
CA ASP D 43 35.17 -17.59 -24.10
C ASP D 43 36.53 -18.20 -23.80
N GLY D 44 36.66 -18.78 -22.62
CA GLY D 44 37.93 -19.29 -22.16
C GLY D 44 38.80 -18.27 -21.47
N LEU D 45 38.44 -17.00 -21.53
CA LEU D 45 39.17 -15.93 -20.87
C LEU D 45 38.44 -15.56 -19.58
N ALA D 46 39.13 -14.84 -18.71
CA ALA D 46 38.50 -14.39 -17.47
C ALA D 46 37.92 -12.99 -17.65
N SER D 47 37.03 -12.61 -16.72
CA SER D 47 36.21 -11.41 -16.90
C SER D 47 37.06 -10.16 -17.07
N ARG D 48 38.06 -9.96 -16.18
CA ARG D 48 38.89 -8.76 -16.25
C ARG D 48 39.72 -8.69 -17.52
N ASP D 49 40.05 -9.83 -18.12
CA ASP D 49 40.88 -9.87 -19.31
C ASP D 49 40.08 -9.71 -20.60
N LYS D 50 38.78 -9.44 -20.48
CA LYS D 50 37.96 -9.15 -21.65
C LYS D 50 38.06 -7.66 -21.96
N ASP D 51 38.46 -7.35 -23.18
CA ASP D 51 38.71 -5.98 -23.60
C ASP D 51 37.58 -5.54 -24.53
N PRO D 52 36.70 -4.63 -24.11
CA PRO D 52 35.65 -4.14 -25.03
C PRO D 52 36.19 -3.50 -26.30
N ARG D 53 37.42 -2.98 -26.28
CA ARG D 53 37.98 -2.36 -27.48
C ARG D 53 38.13 -3.35 -28.62
N LYS D 54 38.15 -4.65 -28.32
CA LYS D 54 38.28 -5.65 -29.37
C LYS D 54 36.94 -6.01 -29.99
N SER D 55 35.84 -5.99 -29.24
N SER D 55 35.86 -5.97 -29.20
CA SER D 55 34.58 -6.37 -29.86
CA SER D 55 34.54 -6.40 -29.63
C SER D 55 33.73 -5.20 -30.29
C SER D 55 33.62 -5.27 -30.07
N LEU D 56 33.94 -4.02 -29.73
CA LEU D 56 33.13 -2.87 -30.12
C LEU D 56 33.69 -2.30 -31.42
N HIS D 57 32.86 -2.27 -32.46
CA HIS D 57 33.23 -1.77 -33.78
C HIS D 57 32.54 -0.46 -34.08
N LEU D 58 33.16 0.34 -34.94
CA LEU D 58 32.55 1.55 -35.47
C LEU D 58 32.21 1.27 -36.94
N ASP D 59 30.94 1.00 -37.21
CA ASP D 59 30.49 0.63 -38.55
C ASP D 59 29.54 1.69 -39.11
N ASP D 60 29.38 1.64 -40.43
CA ASP D 60 28.31 2.35 -41.11
C ASP D 60 27.17 1.37 -41.32
N VAL D 61 25.98 1.72 -40.82
CA VAL D 61 24.85 0.80 -40.87
C VAL D 61 23.70 1.48 -41.61
N PRO D 62 22.88 0.73 -42.33
CA PRO D 62 21.76 1.35 -43.03
C PRO D 62 20.66 1.74 -42.05
N LEU D 63 19.82 2.66 -42.49
CA LEU D 63 18.72 3.10 -41.63
C LEU D 63 17.62 2.06 -41.60
N PRO D 64 17.09 1.72 -40.43
CA PRO D 64 15.92 0.85 -40.36
C PRO D 64 14.68 1.58 -40.85
N GLU D 65 13.70 0.80 -41.27
CA GLU D 65 12.39 1.31 -41.66
C GLU D 65 11.61 1.76 -40.43
N LEU D 66 11.01 2.94 -40.50
CA LEU D 66 10.29 3.51 -39.37
C LEU D 66 8.88 2.91 -39.31
N GLY D 67 8.45 2.55 -38.10
CA GLY D 67 7.15 1.93 -37.93
C GLY D 67 6.17 2.81 -37.19
N PRO D 68 4.93 2.34 -37.05
CA PRO D 68 3.93 3.11 -36.30
C PRO D 68 4.37 3.33 -34.86
N GLY D 69 4.15 4.54 -34.36
CA GLY D 69 4.46 4.82 -32.97
C GLY D 69 5.95 4.91 -32.66
N GLU D 70 6.78 5.09 -33.67
CA GLU D 70 8.22 5.18 -33.49
C GLU D 70 8.72 6.54 -33.96
N ALA D 71 9.98 6.83 -33.61
CA ALA D 71 10.63 8.05 -34.04
C ALA D 71 12.06 7.76 -34.42
N LEU D 72 12.51 8.41 -35.49
CA LEU D 72 13.93 8.46 -35.83
C LEU D 72 14.49 9.71 -35.18
N VAL D 73 15.59 9.56 -34.44
CA VAL D 73 16.17 10.63 -33.65
C VAL D 73 17.62 10.87 -34.10
N ALA D 74 17.98 12.12 -34.35
CA ALA D 74 19.38 12.48 -34.51
C ALA D 74 20.01 12.57 -33.13
N VAL D 75 21.00 11.74 -32.86
CA VAL D 75 21.54 11.59 -31.50
C VAL D 75 22.72 12.51 -31.34
N MET D 76 22.60 13.47 -30.41
CA MET D 76 23.72 14.37 -30.13
C MET D 76 24.70 13.74 -29.14
N ALA D 77 24.21 12.98 -28.15
CA ALA D 77 25.07 12.39 -27.12
C ALA D 77 24.38 11.17 -26.51
N SER D 78 25.19 10.32 -25.89
CA SER D 78 24.73 9.11 -25.25
C SER D 78 25.59 8.89 -24.00
N SER D 79 25.51 7.70 -23.42
CA SER D 79 26.37 7.40 -22.28
C SER D 79 26.72 5.93 -22.29
N VAL D 80 27.74 5.58 -21.53
CA VAL D 80 28.06 4.19 -21.27
C VAL D 80 27.27 3.76 -20.04
N ASN D 81 26.62 2.61 -20.11
CA ASN D 81 25.96 2.03 -18.96
C ASN D 81 26.61 0.68 -18.70
N TYR D 82 26.33 0.10 -17.52
CA TYR D 82 26.88 -1.22 -17.27
C TYR D 82 26.35 -2.25 -18.24
N ASN D 83 25.09 -2.10 -18.70
CA ASN D 83 24.59 -3.07 -19.67
C ASN D 83 25.36 -3.00 -20.99
N THR D 84 25.89 -1.83 -21.33
CA THR D 84 26.80 -1.71 -22.47
C THR D 84 28.06 -2.53 -22.24
N VAL D 85 28.60 -2.46 -21.03
CA VAL D 85 29.76 -3.28 -20.67
C VAL D 85 29.41 -4.76 -20.75
N TRP D 86 28.31 -5.17 -20.11
CA TRP D 86 27.93 -6.57 -20.18
C TRP D 86 27.73 -7.03 -21.61
N SER D 87 27.13 -6.18 -22.46
CA SER D 87 26.96 -6.51 -23.85
C SER D 87 28.30 -6.77 -24.52
N SER D 88 29.24 -5.86 -24.31
CA SER D 88 30.51 -5.88 -25.02
C SER D 88 31.39 -7.05 -24.61
N ILE D 89 31.18 -7.62 -23.43
CA ILE D 89 31.91 -8.82 -23.04
C ILE D 89 31.05 -10.08 -23.24
N PHE D 90 29.98 -9.98 -24.04
CA PHE D 90 29.08 -11.08 -24.36
C PHE D 90 28.73 -11.87 -23.10
N GLU D 91 28.42 -11.16 -22.03
CA GLU D 91 28.33 -11.83 -20.77
C GLU D 91 27.14 -11.39 -19.93
N PRO D 92 26.41 -12.33 -19.33
CA PRO D 92 26.58 -13.78 -19.39
C PRO D 92 26.35 -14.36 -20.76
N VAL D 93 25.17 -14.12 -21.33
CA VAL D 93 24.84 -14.58 -22.67
C VAL D 93 25.11 -13.46 -23.66
N SER D 94 25.23 -13.83 -24.93
CA SER D 94 25.29 -12.84 -25.99
C SER D 94 23.95 -12.13 -26.10
N THR D 95 24.00 -10.82 -26.36
CA THR D 95 22.77 -10.10 -26.68
C THR D 95 22.18 -10.56 -28.00
N PHE D 96 22.96 -11.24 -28.86
CA PHE D 96 22.39 -11.69 -30.13
C PHE D 96 21.34 -12.77 -29.89
N GLY D 97 21.53 -13.60 -28.87
CA GLY D 97 20.53 -14.60 -28.55
C GLY D 97 19.17 -13.98 -28.38
N PHE D 98 19.12 -12.78 -27.80
CA PHE D 98 17.89 -12.01 -27.60
C PHE D 98 17.37 -11.61 -28.97
N LEU D 99 18.04 -10.63 -29.58
CA LEU D 99 17.67 -10.09 -30.90
C LEU D 99 17.19 -11.22 -31.82
N GLU D 100 18.01 -12.27 -31.89
CA GLU D 100 17.90 -13.33 -32.90
C GLU D 100 16.57 -14.07 -32.77
N ARG D 101 16.40 -14.81 -31.68
CA ARG D 101 15.17 -15.57 -31.52
C ARG D 101 13.93 -14.69 -31.53
N TYR D 102 14.08 -13.41 -31.21
CA TYR D 102 12.87 -12.60 -31.16
C TYR D 102 12.23 -12.37 -32.52
N GLY D 103 12.82 -11.46 -33.29
CA GLY D 103 12.37 -11.11 -34.62
C GLY D 103 11.55 -12.13 -35.39
N ARG D 104 11.73 -13.43 -35.09
CA ARG D 104 10.85 -14.44 -35.68
C ARG D 104 9.39 -14.24 -35.30
N LEU D 105 9.10 -13.37 -34.32
CA LEU D 105 7.72 -13.00 -34.00
C LEU D 105 7.06 -12.22 -35.14
N SER D 106 7.13 -10.87 -35.11
CA SER D 106 6.41 -10.03 -36.04
C SER D 106 7.40 -9.41 -37.00
N PRO D 107 6.98 -9.10 -38.23
CA PRO D 107 7.91 -8.45 -39.16
C PRO D 107 8.46 -7.15 -38.61
N LEU D 108 7.73 -6.48 -37.72
CA LEU D 108 8.25 -5.23 -37.16
C LEU D 108 9.41 -5.50 -36.21
N THR D 109 9.24 -6.43 -35.27
CA THR D 109 10.35 -6.72 -34.37
C THR D 109 11.49 -7.44 -35.08
N ALA D 110 11.19 -8.11 -36.20
CA ALA D 110 12.20 -8.80 -36.99
C ALA D 110 13.25 -7.86 -37.56
N ARG D 111 12.93 -6.57 -37.70
CA ARG D 111 13.92 -5.60 -38.15
C ARG D 111 15.13 -5.58 -37.25
N HIS D 112 14.99 -5.99 -35.99
CA HIS D 112 16.05 -5.92 -35.00
C HIS D 112 16.99 -7.10 -35.06
N ASP D 113 16.59 -8.19 -35.71
CA ASP D 113 17.41 -9.40 -35.72
C ASP D 113 18.39 -9.28 -36.87
N LEU D 114 19.54 -8.67 -36.60
CA LEU D 114 20.54 -8.37 -37.63
C LEU D 114 21.86 -9.01 -37.21
N PRO D 115 22.82 -9.15 -38.13
CA PRO D 115 24.13 -9.72 -37.74
C PRO D 115 24.99 -8.77 -36.93
N TYR D 116 24.53 -7.54 -36.69
CA TYR D 116 25.23 -6.57 -35.86
C TYR D 116 24.22 -6.00 -34.87
N HIS D 117 24.74 -5.47 -33.77
CA HIS D 117 23.91 -4.92 -32.70
C HIS D 117 24.39 -3.51 -32.38
N VAL D 118 23.57 -2.50 -32.69
CA VAL D 118 23.89 -1.12 -32.33
C VAL D 118 23.52 -0.93 -30.86
N LEU D 119 24.51 -0.65 -30.03
CA LEU D 119 24.33 -0.56 -28.59
C LEU D 119 23.95 0.85 -28.15
N GLY D 120 23.64 0.99 -26.86
CA GLY D 120 23.39 2.29 -26.22
C GLY D 120 21.98 2.39 -25.69
N SER D 121 21.86 2.74 -24.41
CA SER D 121 20.57 2.78 -23.73
C SER D 121 20.21 4.17 -23.21
N ASP D 122 20.94 5.20 -23.63
CA ASP D 122 20.61 6.60 -23.32
C ASP D 122 20.76 7.42 -24.59
N LEU D 123 20.07 8.55 -24.62
CA LEU D 123 20.19 9.44 -25.77
C LEU D 123 19.73 10.84 -25.38
N ALA D 124 20.37 11.84 -25.98
CA ALA D 124 19.84 13.18 -26.04
C ALA D 124 19.94 13.64 -27.48
N GLY D 125 18.87 14.20 -28.02
CA GLY D 125 18.95 14.62 -29.41
C GLY D 125 17.69 15.29 -29.91
N VAL D 126 17.40 15.13 -31.21
CA VAL D 126 16.35 15.88 -31.89
C VAL D 126 15.54 14.92 -32.74
N VAL D 127 14.20 14.97 -32.60
CA VAL D 127 13.33 14.11 -33.40
C VAL D 127 13.44 14.54 -34.88
N LEU D 128 13.65 13.56 -35.76
CA LEU D 128 13.72 13.80 -37.20
C LEU D 128 12.45 13.38 -37.93
N ARG D 129 11.90 12.23 -37.58
CA ARG D 129 10.70 11.69 -38.20
C ARG D 129 9.91 10.91 -37.17
N THR D 130 8.59 10.91 -37.33
CA THR D 130 7.71 10.09 -36.53
C THR D 130 6.87 9.20 -37.45
N GLY D 131 6.49 8.03 -36.93
CA GLY D 131 5.68 7.10 -37.68
C GLY D 131 4.19 7.31 -37.46
N ALA D 132 3.40 6.39 -37.98
CA ALA D 132 1.94 6.53 -37.92
C ALA D 132 1.44 6.51 -36.48
N GLY D 133 0.45 7.36 -36.20
CA GLY D 133 -0.18 7.39 -34.90
C GLY D 133 0.50 8.25 -33.85
N VAL D 134 1.39 9.14 -34.24
CA VAL D 134 2.18 9.93 -33.31
C VAL D 134 1.68 11.37 -33.33
N ASN D 135 1.19 11.83 -32.19
CA ASN D 135 0.79 13.23 -32.05
C ASN D 135 1.58 13.99 -31.01
N ALA D 136 2.09 13.32 -29.98
CA ALA D 136 2.70 14.04 -28.87
C ALA D 136 4.09 14.57 -29.20
N TRP D 137 4.74 14.06 -30.24
CA TRP D 137 6.11 14.45 -30.58
C TRP D 137 6.17 14.72 -32.07
N LYS D 138 7.03 15.66 -32.47
CA LYS D 138 7.07 16.10 -33.85
C LYS D 138 8.52 16.39 -34.22
N PRO D 139 8.82 16.43 -35.52
CA PRO D 139 10.19 16.73 -35.94
C PRO D 139 10.66 18.06 -35.36
N GLY D 140 11.90 18.08 -34.90
CA GLY D 140 12.50 19.22 -34.27
C GLY D 140 12.45 19.20 -32.75
N ASP D 141 11.61 18.36 -32.14
CA ASP D 141 11.51 18.33 -30.68
C ASP D 141 12.82 17.84 -30.07
N GLU D 142 13.27 18.54 -29.02
CA GLU D 142 14.47 18.14 -28.30
C GLU D 142 14.10 17.11 -27.24
N VAL D 143 14.75 15.94 -27.27
CA VAL D 143 14.32 14.82 -26.45
C VAL D 143 15.51 14.16 -25.74
N VAL D 144 15.20 13.51 -24.63
CA VAL D 144 16.00 12.42 -24.11
C VAL D 144 15.12 11.18 -24.18
N ALA D 145 15.73 10.01 -24.13
CA ALA D 145 14.97 8.77 -24.23
C ALA D 145 15.20 7.92 -23.00
N HIS D 146 14.12 7.42 -22.41
CA HIS D 146 14.34 6.32 -21.49
C HIS D 146 14.40 5.01 -22.27
N CYS D 147 14.91 3.97 -21.62
CA CYS D 147 15.26 2.74 -22.33
C CYS D 147 14.23 1.64 -22.19
N LEU D 148 13.01 1.94 -21.74
CA LEU D 148 11.98 0.91 -21.62
C LEU D 148 11.32 0.69 -22.98
N SER D 149 11.35 -0.55 -23.45
CA SER D 149 10.65 -0.95 -24.67
C SER D 149 9.56 -1.93 -24.27
N VAL D 150 8.31 -1.48 -24.34
CA VAL D 150 7.16 -2.30 -24.02
C VAL D 150 6.21 -2.32 -25.21
N GLU D 151 5.64 -3.49 -25.47
CA GLU D 151 4.70 -3.63 -26.58
C GLU D 151 3.27 -3.39 -26.14
N LEU D 152 2.94 -3.79 -24.92
CA LEU D 152 1.67 -3.46 -24.26
C LEU D 152 0.45 -4.08 -24.95
N GLU D 153 0.65 -5.12 -25.76
CA GLU D 153 -0.51 -5.84 -26.27
C GLU D 153 -1.11 -6.76 -25.21
N SER D 154 -0.27 -7.33 -24.35
CA SER D 154 -0.73 -8.12 -23.23
C SER D 154 -1.34 -7.20 -22.18
N PRO D 155 -2.34 -7.66 -21.43
CA PRO D 155 -2.90 -6.81 -20.36
C PRO D 155 -1.93 -6.62 -19.20
N ASP D 156 -0.90 -7.47 -19.07
CA ASP D 156 -0.15 -7.57 -17.83
C ASP D 156 0.48 -6.23 -17.45
N GLY D 157 0.93 -5.46 -18.43
CA GLY D 157 1.59 -4.22 -18.12
C GLY D 157 0.70 -3.03 -17.90
N HIS D 158 -0.61 -3.22 -17.85
CA HIS D 158 -1.50 -2.06 -17.82
C HIS D 158 -1.81 -1.55 -16.42
N ASN D 159 -1.13 -2.07 -15.39
CA ASN D 159 -1.17 -1.48 -14.06
C ASN D 159 0.21 -1.06 -13.55
N ASP D 160 1.20 -0.94 -14.46
CA ASP D 160 2.63 -0.75 -14.22
C ASP D 160 3.31 -1.42 -15.40
N THR D 161 3.84 -0.65 -16.37
CA THR D 161 4.27 -1.26 -17.63
C THR D 161 5.49 -2.15 -17.48
N MET D 162 6.19 -2.07 -16.35
CA MET D 162 7.31 -2.98 -16.14
C MET D 162 6.87 -4.45 -16.13
N MET D 163 5.59 -4.71 -15.87
CA MET D 163 5.11 -6.09 -15.85
C MET D 163 4.73 -6.62 -17.23
N ASP D 164 4.84 -5.82 -18.28
CA ASP D 164 4.61 -6.33 -19.64
C ASP D 164 5.52 -7.53 -19.85
N PRO D 165 4.99 -8.69 -20.27
CA PRO D 165 5.86 -9.84 -20.55
C PRO D 165 6.87 -9.58 -21.66
N GLU D 166 6.57 -8.64 -22.56
CA GLU D 166 7.48 -8.27 -23.64
C GLU D 166 8.37 -7.07 -23.30
N GLN D 167 8.36 -6.64 -22.04
CA GLN D 167 9.21 -5.54 -21.61
C GLN D 167 10.67 -5.87 -21.92
N ARG D 168 11.37 -4.92 -22.53
CA ARG D 168 12.78 -5.08 -22.89
C ARG D 168 13.52 -3.79 -22.58
N ILE D 169 14.85 -3.86 -22.59
CA ILE D 169 15.71 -2.68 -22.45
C ILE D 169 16.22 -2.29 -23.83
N TRP D 170 15.82 -1.10 -24.30
CA TRP D 170 16.26 -0.60 -25.59
C TRP D 170 17.78 -0.49 -25.64
N GLY D 171 18.38 -0.97 -26.74
CA GLY D 171 19.82 -0.93 -26.90
C GLY D 171 20.56 -2.10 -26.27
N PHE D 172 19.87 -2.94 -25.53
CA PHE D 172 20.45 -4.11 -24.89
C PHE D 172 19.74 -5.37 -25.32
N GLU D 173 18.41 -5.40 -25.22
CA GLU D 173 17.58 -6.45 -25.76
C GLU D 173 16.90 -6.05 -27.05
N THR D 174 17.13 -4.83 -27.54
CA THR D 174 16.71 -4.40 -28.86
C THR D 174 17.90 -3.78 -29.59
N ASN D 175 17.73 -3.62 -30.89
CA ASN D 175 18.73 -3.01 -31.75
C ASN D 175 18.50 -1.49 -31.84
N PHE D 176 19.34 -0.83 -32.62
CA PHE D 176 19.21 0.60 -32.93
C PHE D 176 19.34 1.45 -31.67
N GLY D 177 20.37 1.14 -30.87
CA GLY D 177 20.64 1.85 -29.63
C GLY D 177 21.25 3.23 -29.88
N GLY D 178 21.46 3.94 -28.77
CA GLY D 178 21.80 5.35 -28.85
C GLY D 178 23.27 5.68 -29.01
N LEU D 179 24.16 4.69 -28.96
CA LEU D 179 25.59 4.93 -29.18
C LEU D 179 25.85 4.97 -30.69
N ALA D 180 25.35 6.03 -31.32
CA ALA D 180 25.27 6.11 -32.77
C ALA D 180 24.79 7.50 -33.13
N GLN D 181 24.89 7.85 -34.42
CA GLN D 181 24.45 9.16 -34.88
C GLN D 181 22.95 9.28 -35.01
N LEU D 182 22.27 8.18 -35.29
CA LEU D 182 20.82 8.13 -35.36
C LEU D 182 20.35 6.97 -34.48
N ALA D 183 19.10 7.06 -34.01
CA ALA D 183 18.50 5.97 -33.25
C ALA D 183 17.03 5.83 -33.59
N LEU D 184 16.50 4.62 -33.39
CA LEU D 184 15.08 4.33 -33.55
C LEU D 184 14.50 3.95 -32.18
N VAL D 185 13.49 4.70 -31.74
CA VAL D 185 12.86 4.47 -30.44
C VAL D 185 11.35 4.54 -30.63
N LYS D 186 10.63 3.90 -29.71
CA LYS D 186 9.19 4.16 -29.62
C LYS D 186 8.96 5.56 -29.07
N THR D 187 7.92 6.23 -29.55
CA THR D 187 7.67 7.58 -29.07
C THR D 187 7.32 7.61 -27.59
N ASN D 188 6.85 6.48 -27.03
CA ASN D 188 6.65 6.37 -25.60
C ASN D 188 7.95 6.10 -24.82
N GLN D 189 9.10 6.23 -25.48
CA GLN D 189 10.37 6.39 -24.79
C GLN D 189 10.80 7.84 -24.67
N LEU D 190 10.08 8.77 -25.29
CA LEU D 190 10.55 10.14 -25.43
C LEU D 190 10.14 11.01 -24.25
N LEU D 191 11.10 11.81 -23.79
CA LEU D 191 10.90 12.79 -22.73
C LEU D 191 11.54 14.12 -23.14
N PRO D 192 11.02 15.24 -22.64
CA PRO D 192 11.57 16.54 -23.03
C PRO D 192 12.98 16.74 -22.47
N LYS D 193 13.89 17.20 -23.31
CA LYS D 193 15.25 17.45 -22.84
C LYS D 193 15.24 18.55 -21.77
N PRO D 194 15.95 18.37 -20.66
CA PRO D 194 16.17 19.48 -19.71
C PRO D 194 16.95 20.60 -20.37
N LYS D 195 16.35 21.79 -20.40
CA LYS D 195 16.91 22.88 -21.19
C LYS D 195 18.18 23.48 -20.61
N HIS D 196 18.46 23.26 -19.33
CA HIS D 196 19.62 23.86 -18.69
C HIS D 196 20.87 22.99 -18.78
N LEU D 197 20.80 21.85 -19.46
CA LEU D 197 21.89 20.90 -19.54
C LEU D 197 22.43 20.86 -20.97
N THR D 198 23.72 20.54 -21.10
CA THR D 198 24.28 20.24 -22.40
C THR D 198 23.77 18.88 -22.92
N TRP D 199 24.01 18.61 -24.22
CA TRP D 199 23.61 17.33 -24.79
C TRP D 199 24.15 16.17 -23.98
N GLU D 200 25.45 16.18 -23.68
CA GLU D 200 26.06 15.07 -22.94
C GLU D 200 25.52 14.98 -21.51
N GLU D 201 25.31 16.12 -20.85
CA GLU D 201 24.73 16.06 -19.51
C GLU D 201 23.30 15.54 -19.54
N ALA D 202 22.50 16.00 -20.52
CA ALA D 202 21.11 15.57 -20.64
C ALA D 202 21.01 14.08 -20.93
N ALA D 203 22.00 13.51 -21.62
CA ALA D 203 21.99 12.08 -21.90
C ALA D 203 22.44 11.21 -20.73
N SER D 204 23.02 11.81 -19.69
CA SER D 204 23.71 10.99 -18.72
C SER D 204 22.80 10.39 -17.64
N PRO D 205 21.70 11.08 -17.20
CA PRO D 205 20.88 10.51 -16.12
C PRO D 205 19.99 9.36 -16.54
N GLY D 206 19.47 9.40 -17.77
CA GLY D 206 18.37 8.54 -18.22
C GLY D 206 18.22 7.19 -17.54
N LEU D 207 19.13 6.27 -17.83
CA LEU D 207 18.96 4.91 -17.35
C LEU D 207 19.11 4.83 -15.83
N VAL D 208 20.22 5.30 -15.29
CA VAL D 208 20.46 5.07 -13.86
C VAL D 208 19.56 5.95 -12.99
N ASN D 209 19.21 7.15 -13.46
CA ASN D 209 18.37 8.04 -12.65
C ASN D 209 16.95 7.48 -12.53
N SER D 210 16.38 7.01 -13.64
CA SER D 210 15.03 6.46 -13.54
C SER D 210 15.03 5.17 -12.74
N THR D 211 16.08 4.34 -12.88
CA THR D 211 16.17 3.14 -12.08
C THR D 211 16.23 3.47 -10.59
N ALA D 212 17.08 4.43 -10.20
CA ALA D 212 17.19 4.80 -8.78
C ALA D 212 15.88 5.40 -8.28
N TYR D 213 15.18 6.15 -9.13
CA TYR D 213 13.92 6.74 -8.74
C TYR D 213 12.89 5.67 -8.41
N ARG D 214 12.71 4.68 -9.30
CA ARG D 214 11.77 3.62 -8.99
C ARG D 214 12.22 2.87 -7.75
N GLN D 215 13.52 2.60 -7.66
CA GLN D 215 14.00 1.71 -6.63
C GLN D 215 13.83 2.33 -5.24
N LEU D 216 14.05 3.63 -5.14
CA LEU D 216 14.11 4.26 -3.82
C LEU D 216 12.92 5.16 -3.53
N VAL D 217 12.49 5.96 -4.50
CA VAL D 217 11.47 6.99 -4.26
C VAL D 217 10.06 6.45 -4.45
N SER D 218 9.81 5.65 -5.48
CA SER D 218 8.45 5.28 -5.84
C SER D 218 7.88 4.23 -4.90
N ARG D 219 6.55 4.16 -4.87
CA ARG D 219 5.92 3.11 -4.08
C ARG D 219 6.12 1.73 -4.68
N ASN D 220 6.59 1.64 -5.93
CA ASN D 220 6.95 0.34 -6.50
C ASN D 220 8.30 -0.17 -6.02
N GLY D 221 9.10 0.68 -5.37
CA GLY D 221 10.32 0.25 -4.70
C GLY D 221 10.24 0.40 -3.20
N ALA D 222 11.17 1.15 -2.61
CA ALA D 222 11.31 1.28 -1.17
C ALA D 222 10.39 2.33 -0.56
N GLY D 223 9.84 3.27 -1.35
CA GLY D 223 8.94 4.24 -0.77
C GLY D 223 9.55 5.12 0.31
N LEU D 224 10.69 5.71 0.01
CA LEU D 224 11.44 6.54 0.96
C LEU D 224 10.57 7.64 1.56
N LYS D 225 10.83 7.96 2.83
CA LYS D 225 10.23 9.13 3.46
C LYS D 225 11.29 9.88 4.27
N GLN D 226 11.04 11.18 4.46
CA GLN D 226 12.01 11.99 5.17
C GLN D 226 12.22 11.42 6.57
N GLY D 227 13.46 11.42 7.02
CA GLY D 227 13.84 10.82 8.29
C GLY D 227 14.37 9.41 8.20
N ASP D 228 14.11 8.70 7.09
CA ASP D 228 14.65 7.36 6.92
C ASP D 228 16.18 7.39 6.86
N ASN D 229 16.80 6.32 7.36
CA ASN D 229 18.22 6.06 7.13
C ASN D 229 18.34 5.05 5.99
N VAL D 230 19.21 5.34 5.02
CA VAL D 230 19.34 4.53 3.81
C VAL D 230 20.81 4.16 3.59
N LEU D 231 21.13 2.87 3.55
CA LEU D 231 22.47 2.45 3.17
C LEU D 231 22.56 2.36 1.65
N ILE D 232 23.53 3.06 1.05
CA ILE D 232 23.66 3.16 -0.40
C ILE D 232 25.01 2.57 -0.82
N TRP D 233 25.01 1.35 -1.33
CA TRP D 233 26.22 0.76 -1.90
C TRP D 233 26.63 1.54 -3.14
N GLY D 234 27.94 1.56 -3.42
CA GLY D 234 28.46 2.20 -4.62
C GLY D 234 27.93 3.60 -4.84
N ALA D 235 27.98 4.41 -3.77
CA ALA D 235 27.28 5.69 -3.74
C ALA D 235 27.82 6.71 -4.73
N SER D 236 29.01 6.51 -5.29
CA SER D 236 29.54 7.43 -6.29
C SER D 236 29.65 6.81 -7.69
N GLY D 237 29.03 5.65 -7.90
CA GLY D 237 28.87 5.10 -9.23
C GLY D 237 27.61 5.64 -9.89
N GLY D 238 27.27 5.05 -11.04
CA GLY D 238 26.13 5.53 -11.80
C GLY D 238 24.85 5.58 -10.98
N LEU D 239 24.39 4.40 -10.57
CA LEU D 239 23.17 4.30 -9.77
C LEU D 239 23.30 5.10 -8.47
N GLY D 240 24.40 4.88 -7.73
CA GLY D 240 24.54 5.51 -6.43
C GLY D 240 24.57 7.01 -6.48
N SER D 241 25.12 7.58 -7.55
N SER D 241 25.16 7.59 -7.52
CA SER D 241 25.19 9.03 -7.70
CA SER D 241 25.16 9.04 -7.65
C SER D 241 23.81 9.68 -7.84
C SER D 241 23.74 9.59 -7.58
N TYR D 242 22.78 8.91 -8.20
CA TYR D 242 21.41 9.40 -8.15
C TYR D 242 20.70 8.99 -6.87
N ALA D 243 20.93 7.77 -6.40
CA ALA D 243 20.31 7.33 -5.15
C ALA D 243 20.68 8.24 -3.99
N THR D 244 21.96 8.61 -3.89
CA THR D 244 22.38 9.53 -2.84
C THR D 244 21.64 10.85 -2.93
N GLN D 245 21.44 11.37 -4.15
CA GLN D 245 20.71 12.61 -4.33
C GLN D 245 19.26 12.49 -3.88
N TYR D 246 18.60 11.37 -4.21
CA TYR D 246 17.21 11.17 -3.81
C TYR D 246 17.06 11.07 -2.29
N ALA D 247 17.99 10.36 -1.63
CA ALA D 247 17.98 10.32 -0.17
C ALA D 247 18.04 11.71 0.43
N LEU D 248 18.98 12.53 -0.03
CA LEU D 248 19.17 13.87 0.52
C LEU D 248 18.01 14.78 0.18
N ALA D 249 17.58 14.78 -1.09
CA ALA D 249 16.52 15.71 -1.49
C ALA D 249 15.18 15.34 -0.88
N GLY D 250 14.98 14.07 -0.54
CA GLY D 250 13.76 13.62 0.11
C GLY D 250 13.79 13.69 1.62
N GLY D 251 14.84 14.27 2.21
CA GLY D 251 14.88 14.50 3.64
C GLY D 251 15.34 13.31 4.45
N ALA D 252 15.93 12.31 3.79
CA ALA D 252 16.44 11.12 4.46
C ALA D 252 17.94 11.27 4.69
N THR D 253 18.52 10.28 5.37
CA THR D 253 19.95 10.30 5.68
C THR D 253 20.61 9.17 4.92
N PRO D 254 21.46 9.45 3.91
CA PRO D 254 22.19 8.36 3.25
C PRO D 254 23.43 7.99 4.05
N ILE D 255 23.70 6.69 4.13
CA ILE D 255 24.97 6.18 4.60
C ILE D 255 25.65 5.62 3.36
N CYS D 256 26.66 6.36 2.86
CA CYS D 256 27.22 6.14 1.54
C CYS D 256 28.41 5.20 1.64
N VAL D 257 28.47 4.18 0.76
CA VAL D 257 29.61 3.27 0.71
C VAL D 257 30.38 3.50 -0.58
N VAL D 258 31.69 3.70 -0.46
CA VAL D 258 32.59 3.90 -1.60
C VAL D 258 33.87 3.10 -1.34
N SER D 259 34.76 3.09 -2.34
CA SER D 259 36.00 2.33 -2.21
C SER D 259 37.25 3.20 -2.31
N SER D 260 37.13 4.51 -2.20
CA SER D 260 38.32 5.37 -2.24
C SER D 260 37.99 6.68 -1.54
N PRO D 261 38.98 7.31 -0.92
CA PRO D 261 38.71 8.63 -0.32
C PRO D 261 38.31 9.67 -1.36
N ARG D 262 38.77 9.51 -2.61
CA ARG D 262 38.36 10.45 -3.66
C ARG D 262 36.86 10.39 -3.89
N LYS D 263 36.29 9.18 -3.87
CA LYS D 263 34.84 9.04 -4.01
C LYS D 263 34.12 9.54 -2.77
N ALA D 264 34.71 9.32 -1.59
CA ALA D 264 34.17 9.89 -0.36
C ALA D 264 34.06 11.41 -0.46
N ASP D 265 35.06 12.06 -1.06
CA ASP D 265 35.00 13.52 -1.19
C ASP D 265 33.82 13.93 -2.09
N ILE D 266 33.54 13.15 -3.14
CA ILE D 266 32.40 13.52 -3.98
C ILE D 266 31.09 13.37 -3.21
N CYS D 267 30.98 12.31 -2.40
CA CYS D 267 29.78 12.15 -1.58
C CYS D 267 29.60 13.33 -0.65
N ARG D 268 30.69 13.81 -0.04
CA ARG D 268 30.58 15.00 0.79
C ARG D 268 30.17 16.20 -0.05
N ALA D 269 30.66 16.29 -1.29
CA ALA D 269 30.27 17.39 -2.17
C ALA D 269 28.79 17.34 -2.48
N MET D 270 28.24 16.12 -2.63
CA MET D 270 26.80 15.93 -2.82
C MET D 270 25.99 16.34 -1.60
N GLY D 271 26.59 16.46 -0.43
CA GLY D 271 25.86 16.76 0.79
C GLY D 271 25.76 15.62 1.78
N ALA D 272 26.39 14.48 1.54
CA ALA D 272 26.34 13.38 2.49
C ALA D 272 27.43 13.56 3.54
N GLU D 273 27.14 13.08 4.74
CA GLU D 273 28.11 13.15 5.82
C GLU D 273 28.55 11.78 6.32
N ALA D 274 27.65 10.80 6.34
CA ALA D 274 27.98 9.46 6.78
C ALA D 274 28.50 8.66 5.59
N ILE D 275 29.81 8.40 5.57
CA ILE D 275 30.46 7.74 4.45
C ILE D 275 31.36 6.63 4.97
N ILE D 276 31.28 5.46 4.35
CA ILE D 276 32.08 4.29 4.70
C ILE D 276 32.91 3.91 3.48
N ASP D 277 34.22 3.77 3.68
CA ASP D 277 35.12 3.30 2.63
C ASP D 277 35.32 1.80 2.83
N ARG D 278 34.74 0.99 1.93
CA ARG D 278 34.79 -0.46 2.12
C ARG D 278 36.21 -1.01 2.02
N SER D 279 37.07 -0.40 1.18
CA SER D 279 38.47 -0.83 1.12
C SER D 279 39.19 -0.55 2.44
N ALA D 280 39.12 0.70 2.91
CA ALA D 280 39.75 1.05 4.18
C ALA D 280 39.23 0.17 5.32
N GLU D 281 37.92 -0.09 5.36
CA GLU D 281 37.39 -0.93 6.43
C GLU D 281 37.76 -2.39 6.26
N GLY D 282 38.10 -2.81 5.05
CA GLY D 282 38.54 -4.18 4.80
C GLY D 282 37.49 -5.24 5.03
N TYR D 283 36.22 -4.97 4.70
CA TYR D 283 35.18 -5.96 4.92
C TYR D 283 35.48 -7.19 4.07
N ARG D 284 35.36 -8.36 4.69
CA ARG D 284 35.48 -9.64 3.99
C ARG D 284 34.27 -10.45 4.40
N PHE D 285 33.15 -10.16 3.73
CA PHE D 285 31.89 -10.78 4.09
C PHE D 285 31.87 -12.27 3.83
N TRP D 286 32.74 -12.76 2.94
CA TRP D 286 32.83 -14.18 2.61
C TRP D 286 34.13 -14.74 3.22
N LYS D 287 33.97 -15.67 4.17
CA LYS D 287 35.06 -16.44 4.78
C LYS D 287 35.82 -17.19 3.71
N ASP D 288 35.22 -18.25 3.19
CA ASP D 288 35.73 -18.96 2.04
C ASP D 288 34.82 -18.65 0.84
N GLU D 289 34.77 -19.54 -0.13
CA GLU D 289 33.95 -19.27 -1.29
C GLU D 289 32.53 -19.82 -1.17
N HIS D 290 32.23 -20.56 -0.10
CA HIS D 290 30.90 -21.09 0.12
C HIS D 290 30.30 -20.65 1.45
N HIS D 291 31.04 -19.91 2.25
CA HIS D 291 30.60 -19.53 3.58
C HIS D 291 30.86 -18.05 3.79
N GLN D 292 29.93 -17.40 4.49
CA GLN D 292 30.09 -16.00 4.85
C GLN D 292 30.53 -15.87 6.31
N ASP D 293 30.89 -14.64 6.67
CA ASP D 293 31.43 -14.33 7.99
C ASP D 293 30.50 -13.37 8.70
N PRO D 294 29.58 -13.86 9.53
CA PRO D 294 28.65 -12.96 10.22
C PRO D 294 29.32 -11.98 11.15
N ARG D 295 30.55 -12.25 11.59
CA ARG D 295 31.27 -11.25 12.36
C ARG D 295 31.51 -10.00 11.53
N GLU D 296 31.72 -10.19 10.22
CA GLU D 296 31.91 -9.06 9.32
C GLU D 296 30.59 -8.33 9.06
N TRP D 297 29.48 -9.05 8.93
CA TRP D 297 28.18 -8.38 8.85
C TRP D 297 28.00 -7.47 10.05
N LYS D 298 28.25 -8.00 11.25
CA LYS D 298 28.06 -7.24 12.48
C LYS D 298 28.98 -6.03 12.52
N ARG D 299 30.22 -6.18 12.04
CA ARG D 299 31.13 -5.04 12.02
C ARG D 299 30.59 -3.91 11.15
N LEU D 300 30.06 -4.23 9.96
CA LEU D 300 29.42 -3.19 9.16
C LEU D 300 28.26 -2.56 9.91
N GLY D 301 27.45 -3.38 10.57
CA GLY D 301 26.31 -2.86 11.31
C GLY D 301 26.69 -1.90 12.42
N GLY D 302 27.79 -2.20 13.12
CA GLY D 302 28.23 -1.28 14.16
C GLY D 302 28.79 0.00 13.60
N LYS D 303 29.44 -0.08 12.44
CA LYS D 303 29.93 1.13 11.78
C LYS D 303 28.77 2.05 11.38
N ILE D 304 27.71 1.47 10.80
CA ILE D 304 26.50 2.23 10.47
C ILE D 304 25.94 2.92 11.70
N ARG D 305 25.83 2.18 12.81
CA ARG D 305 25.25 2.74 14.02
C ARG D 305 26.07 3.89 14.60
N GLU D 306 27.39 3.91 14.34
CA GLU D 306 28.19 5.05 14.76
C GLU D 306 27.70 6.33 14.12
N PHE D 307 27.19 6.25 12.89
CA PHE D 307 26.73 7.42 12.15
C PHE D 307 25.31 7.82 12.47
N THR D 308 24.44 6.87 12.80
CA THR D 308 23.01 7.11 12.97
C THR D 308 22.62 7.34 14.43
N GLY D 309 23.58 7.37 15.35
CA GLY D 309 23.23 7.44 16.75
C GLY D 309 22.60 6.18 17.27
N GLY D 310 23.00 5.02 16.76
CA GLY D 310 22.48 3.75 17.21
C GLY D 310 21.26 3.22 16.49
N GLU D 311 20.93 3.75 15.31
CA GLU D 311 19.77 3.31 14.55
C GLU D 311 20.21 2.45 13.36
N ASP D 312 19.46 1.39 13.09
CA ASP D 312 19.72 0.58 11.90
C ASP D 312 18.95 1.14 10.70
N VAL D 313 19.45 0.85 9.49
CA VAL D 313 18.87 1.51 8.32
C VAL D 313 17.48 0.99 8.01
N ASP D 314 16.61 1.90 7.59
CA ASP D 314 15.28 1.57 7.10
C ASP D 314 15.34 0.87 5.75
N ILE D 315 16.28 1.26 4.90
CA ILE D 315 16.35 0.79 3.52
C ILE D 315 17.82 0.51 3.19
N VAL D 316 18.09 -0.60 2.50
CA VAL D 316 19.37 -0.84 1.84
C VAL D 316 19.15 -0.78 0.34
N PHE D 317 19.91 0.10 -0.33
CA PHE D 317 19.89 0.23 -1.79
C PHE D 317 20.98 -0.72 -2.32
N GLU D 318 20.56 -1.91 -2.72
CA GLU D 318 21.46 -2.97 -3.15
C GLU D 318 21.64 -2.95 -4.66
N HIS D 319 22.73 -3.58 -5.11
CA HIS D 319 23.10 -3.79 -6.50
C HIS D 319 24.45 -4.52 -6.62
N PRO D 320 25.37 -4.44 -5.64
CA PRO D 320 26.59 -5.26 -5.77
C PRO D 320 26.34 -6.76 -5.79
N GLY D 321 25.29 -7.25 -5.14
CA GLY D 321 24.93 -8.66 -5.26
C GLY D 321 25.63 -9.55 -4.25
N ARG D 322 26.14 -10.69 -4.72
CA ARG D 322 26.54 -11.79 -3.83
C ARG D 322 27.49 -11.34 -2.73
N GLU D 323 28.49 -10.51 -3.07
CA GLU D 323 29.49 -10.16 -2.08
C GLU D 323 28.88 -9.47 -0.86
N THR D 324 27.94 -8.54 -1.08
CA THR D 324 27.40 -7.71 -0.01
C THR D 324 26.02 -8.11 0.47
N PHE D 325 25.32 -9.00 -0.23
CA PHE D 325 23.89 -9.14 0.02
C PHE D 325 23.59 -9.74 1.39
N GLY D 326 24.40 -10.69 1.86
CA GLY D 326 24.19 -11.20 3.20
C GLY D 326 24.30 -10.12 4.25
N ALA D 327 25.30 -9.25 4.13
CA ALA D 327 25.41 -8.12 5.05
C ALA D 327 24.19 -7.21 4.95
N SER D 328 23.74 -6.93 3.73
CA SER D 328 22.63 -5.99 3.56
C SER D 328 21.39 -6.49 4.30
N VAL D 329 21.07 -7.78 4.15
CA VAL D 329 19.92 -8.33 4.87
C VAL D 329 20.11 -8.23 6.39
N TYR D 330 21.31 -8.53 6.87
CA TYR D 330 21.56 -8.51 8.31
C TYR D 330 21.37 -7.12 8.91
N VAL D 331 21.95 -6.08 8.30
CA VAL D 331 22.01 -4.78 8.96
C VAL D 331 20.68 -4.02 8.90
N THR D 332 19.76 -4.44 8.04
CA THR D 332 18.51 -3.70 7.88
C THR D 332 17.71 -3.71 9.18
N ARG D 333 17.10 -2.57 9.50
CA ARG D 333 16.23 -2.43 10.66
C ARG D 333 15.09 -3.45 10.62
N LYS D 334 14.56 -3.77 11.79
CA LYS D 334 13.33 -4.56 11.89
C LYS D 334 12.21 -3.89 11.10
N GLY D 335 11.54 -4.66 10.23
CA GLY D 335 10.52 -4.14 9.35
C GLY D 335 11.04 -3.39 8.11
N GLY D 336 12.35 -3.35 7.89
CA GLY D 336 12.92 -2.58 6.80
C GLY D 336 12.93 -3.33 5.46
N THR D 337 13.51 -2.67 4.46
CA THR D 337 13.45 -3.15 3.09
C THR D 337 14.84 -3.17 2.47
N ILE D 338 15.20 -4.30 1.83
CA ILE D 338 16.37 -4.37 0.97
C ILE D 338 15.86 -4.33 -0.47
N VAL D 339 16.18 -3.29 -1.22
CA VAL D 339 15.71 -3.17 -2.60
C VAL D 339 16.89 -3.38 -3.55
N THR D 340 16.73 -4.29 -4.52
CA THR D 340 17.84 -4.72 -5.37
C THR D 340 17.45 -4.71 -6.84
N CYS D 341 18.35 -4.19 -7.69
CA CYS D 341 18.12 -4.12 -9.13
C CYS D 341 19.26 -4.76 -9.92
N ALA D 342 20.13 -5.52 -9.26
CA ALA D 342 21.37 -5.92 -9.91
C ALA D 342 22.16 -6.83 -8.98
N SER D 343 23.18 -7.47 -9.55
CA SER D 343 24.12 -8.32 -8.81
C SER D 343 25.47 -8.24 -9.54
N THR D 344 26.16 -7.11 -9.40
CA THR D 344 27.39 -6.89 -10.15
C THR D 344 28.43 -7.96 -9.82
N SER D 345 28.55 -8.34 -8.56
CA SER D 345 29.56 -9.28 -8.10
C SER D 345 29.13 -10.73 -8.20
N GLY D 346 27.95 -10.99 -8.76
CA GLY D 346 27.48 -12.36 -8.89
C GLY D 346 26.04 -12.48 -8.44
N TYR D 347 25.23 -13.17 -9.24
CA TYR D 347 23.79 -13.19 -9.03
C TYR D 347 23.32 -14.31 -8.12
N MET D 348 24.20 -15.23 -7.72
CA MET D 348 23.79 -16.29 -6.80
C MET D 348 23.91 -15.74 -5.39
N HIS D 349 22.83 -15.15 -4.89
CA HIS D 349 22.81 -14.56 -3.56
C HIS D 349 22.68 -15.62 -2.48
N GLN D 350 23.33 -15.38 -1.35
CA GLN D 350 23.16 -16.20 -0.16
C GLN D 350 22.91 -15.27 1.01
N TYR D 351 21.93 -15.60 1.83
CA TYR D 351 21.62 -14.79 3.00
C TYR D 351 20.99 -15.67 4.06
N ASP D 352 21.01 -15.18 5.29
CA ASP D 352 20.50 -15.89 6.46
C ASP D 352 19.04 -15.51 6.66
N ASN D 353 18.12 -16.44 6.36
CA ASN D 353 16.69 -16.12 6.37
C ASN D 353 16.16 -15.84 7.76
N ARG D 354 16.90 -16.24 8.80
CA ARG D 354 16.43 -15.98 10.17
C ARG D 354 16.28 -14.48 10.42
N TYR D 355 17.20 -13.67 9.91
CA TYR D 355 17.09 -12.22 10.10
C TYR D 355 15.91 -11.66 9.32
N LEU D 356 15.57 -12.29 8.19
CA LEU D 356 14.49 -11.76 7.37
C LEU D 356 13.12 -12.03 8.00
N TRP D 357 12.86 -13.28 8.39
CA TRP D 357 11.54 -13.57 8.92
C TRP D 357 11.38 -13.10 10.37
N MET D 358 12.38 -13.35 11.22
CA MET D 358 12.22 -12.97 12.63
C MET D 358 12.19 -11.46 12.84
N SER D 359 12.70 -10.67 11.90
CA SER D 359 12.61 -9.21 11.99
C SER D 359 11.72 -8.60 10.93
N LEU D 360 10.91 -9.42 10.24
CA LEU D 360 9.84 -8.91 9.38
C LEU D 360 10.36 -7.98 8.29
N LYS D 361 11.51 -8.32 7.71
CA LYS D 361 12.11 -7.54 6.63
C LYS D 361 11.59 -8.03 5.28
N ARG D 362 11.91 -7.29 4.20
CA ARG D 362 11.57 -7.71 2.85
C ARG D 362 12.68 -7.35 1.88
N ILE D 363 12.81 -8.17 0.83
CA ILE D 363 13.72 -7.94 -0.28
C ILE D 363 12.83 -7.66 -1.50
N VAL D 364 12.95 -6.48 -2.07
CA VAL D 364 12.09 -6.05 -3.17
C VAL D 364 12.95 -5.97 -4.44
N GLY D 365 12.60 -6.75 -5.45
CA GLY D 365 13.26 -6.63 -6.74
C GLY D 365 12.71 -5.44 -7.51
N SER D 366 13.61 -4.70 -8.17
CA SER D 366 13.20 -3.56 -8.97
C SER D 366 13.99 -3.60 -10.28
N HIS D 367 13.41 -3.05 -11.33
CA HIS D 367 14.04 -3.12 -12.66
C HIS D 367 13.61 -1.88 -13.42
N PHE D 368 14.60 -1.17 -13.97
CA PHE D 368 14.39 0.11 -14.65
C PHE D 368 13.23 0.93 -14.07
N ALA D 369 12.23 1.23 -14.89
CA ALA D 369 11.19 2.17 -14.51
C ALA D 369 10.11 2.21 -15.59
N ASN D 370 8.87 2.46 -15.19
CA ASN D 370 7.84 2.68 -16.19
C ASN D 370 7.89 4.13 -16.69
N TYR D 371 7.13 4.41 -17.75
CA TYR D 371 7.19 5.74 -18.37
C TYR D 371 6.85 6.84 -17.36
N ARG D 372 5.93 6.57 -16.43
CA ARG D 372 5.56 7.61 -15.47
C ARG D 372 6.69 7.89 -14.49
N GLU D 373 7.35 6.83 -14.01
CA GLU D 373 8.51 6.99 -13.15
C GLU D 373 9.65 7.67 -13.89
N ALA D 374 9.89 7.28 -15.15
CA ALA D 374 10.91 7.95 -15.94
C ALA D 374 10.60 9.41 -16.11
N PHE D 375 9.33 9.73 -16.45
CA PHE D 375 8.95 11.13 -16.55
C PHE D 375 9.19 11.87 -15.23
N GLU D 376 8.82 11.27 -14.09
CA GLU D 376 8.97 11.96 -12.82
C GLU D 376 10.44 12.17 -12.49
N ALA D 377 11.29 11.19 -12.80
CA ALA D 377 12.72 11.33 -12.56
C ALA D 377 13.34 12.42 -13.44
N ASN D 378 13.00 12.41 -14.73
CA ASN D 378 13.49 13.44 -15.64
C ASN D 378 12.93 14.80 -15.25
N ARG D 379 11.70 14.85 -14.76
CA ARG D 379 11.12 16.13 -14.36
C ARG D 379 11.88 16.74 -13.19
N LEU D 380 12.36 15.91 -12.26
CA LEU D 380 13.16 16.44 -11.16
C LEU D 380 14.50 16.96 -11.66
N VAL D 381 15.04 16.35 -12.70
CA VAL D 381 16.24 16.93 -13.30
C VAL D 381 15.90 18.28 -13.95
N ALA D 382 14.81 18.31 -14.71
CA ALA D 382 14.39 19.54 -15.40
C ALA D 382 14.11 20.68 -14.42
N LYS D 383 13.60 20.37 -13.24
CA LYS D 383 13.35 21.37 -12.22
C LYS D 383 14.60 21.75 -11.43
N GLY D 384 15.75 21.15 -11.75
CA GLY D 384 16.97 21.44 -11.00
C GLY D 384 17.00 20.89 -9.59
N LYS D 385 16.23 19.82 -9.29
CA LYS D 385 16.26 19.17 -8.00
C LYS D 385 17.16 17.94 -7.97
N ILE D 386 17.45 17.35 -9.14
CA ILE D 386 18.38 16.25 -9.27
C ILE D 386 19.36 16.65 -10.37
N HIS D 387 20.64 16.34 -10.19
CA HIS D 387 21.64 16.86 -11.12
C HIS D 387 22.36 15.74 -11.84
N PRO D 388 22.81 15.98 -13.08
CA PRO D 388 23.64 14.99 -13.76
C PRO D 388 24.99 14.85 -13.09
N THR D 389 25.64 13.72 -13.33
CA THR D 389 26.83 13.30 -12.61
C THR D 389 27.93 12.87 -13.58
N LEU D 390 28.09 13.60 -14.67
CA LEU D 390 29.12 13.31 -15.67
C LEU D 390 30.51 13.54 -15.10
N SER D 391 31.42 12.57 -15.27
CA SER D 391 32.81 12.73 -14.89
C SER D 391 33.75 12.92 -16.07
N LYS D 392 33.45 12.31 -17.22
CA LYS D 392 34.32 12.30 -18.39
C LYS D 392 33.49 11.98 -19.61
N VAL D 393 33.88 12.58 -20.75
CA VAL D 393 33.19 12.39 -22.03
C VAL D 393 34.18 11.88 -23.07
N TYR D 394 33.75 10.91 -23.87
CA TYR D 394 34.54 10.38 -24.96
C TYR D 394 33.83 10.63 -26.28
N ALA D 395 34.61 10.67 -27.37
CA ALA D 395 34.00 10.69 -28.69
C ALA D 395 33.45 9.32 -29.03
N LEU D 396 32.52 9.29 -30.00
CA LEU D 396 31.89 8.03 -30.38
C LEU D 396 32.92 6.97 -30.73
N GLU D 397 33.96 7.36 -31.46
CA GLU D 397 34.96 6.40 -31.92
C GLU D 397 35.76 5.79 -30.80
N GLU D 398 35.76 6.38 -29.59
CA GLU D 398 36.50 5.81 -28.47
C GLU D 398 35.58 5.16 -27.42
N THR D 399 34.38 4.74 -27.82
CA THR D 399 33.47 4.07 -26.89
C THR D 399 34.10 2.84 -26.26
N GLY D 400 34.98 2.14 -26.97
CA GLY D 400 35.62 0.96 -26.40
C GLY D 400 36.41 1.29 -25.14
N GLN D 401 37.14 2.41 -25.18
CA GLN D 401 37.86 2.87 -24.00
C GLN D 401 36.91 3.23 -22.87
N ALA D 402 35.83 3.95 -23.20
CA ALA D 402 34.81 4.26 -22.21
C ALA D 402 34.27 2.99 -21.53
N ALA D 403 33.93 1.98 -22.33
CA ALA D 403 33.43 0.72 -21.77
C ALA D 403 34.48 0.09 -20.83
N LEU D 404 35.75 0.13 -21.22
CA LEU D 404 36.81 -0.48 -20.43
C LEU D 404 36.95 0.20 -19.07
N ASP D 405 36.84 1.53 -19.04
CA ASP D 405 36.95 2.25 -17.78
C ASP D 405 35.88 1.82 -16.79
N VAL D 406 34.64 1.66 -17.26
CA VAL D 406 33.58 1.20 -16.38
C VAL D 406 33.82 -0.24 -15.97
N HIS D 407 34.26 -1.06 -16.92
CA HIS D 407 34.50 -2.48 -16.69
C HIS D 407 35.55 -2.69 -15.59
N HIS D 408 36.52 -1.79 -15.46
CA HIS D 408 37.59 -1.90 -14.49
C HIS D 408 37.43 -0.97 -13.29
N ASN D 409 36.46 -0.05 -13.34
CA ASN D 409 36.27 1.03 -12.36
C ASN D 409 37.27 2.17 -12.43
N LYS D 410 37.60 2.67 -13.61
CA LYS D 410 38.50 3.81 -13.61
C LYS D 410 37.79 5.09 -13.18
N HIS D 411 36.51 5.25 -13.54
CA HIS D 411 35.85 6.53 -13.32
C HIS D 411 34.84 6.45 -12.19
N GLN D 412 34.15 7.56 -12.00
CA GLN D 412 33.16 7.71 -10.96
C GLN D 412 31.86 8.26 -11.50
N GLY D 413 31.87 8.88 -12.64
CA GLY D 413 30.65 9.54 -13.03
C GLY D 413 29.57 8.61 -13.53
N LYS D 414 28.75 9.20 -14.36
CA LYS D 414 28.44 8.58 -15.59
C LYS D 414 29.63 8.94 -16.48
N VAL D 415 29.93 8.05 -17.43
CA VAL D 415 30.87 8.32 -18.52
C VAL D 415 30.00 8.55 -19.75
N GLY D 416 30.16 9.72 -20.39
CA GLY D 416 29.32 10.09 -21.50
C GLY D 416 30.05 9.94 -22.81
N VAL D 417 29.28 9.95 -23.90
CA VAL D 417 29.79 9.75 -25.26
C VAL D 417 29.13 10.78 -26.17
N LEU D 418 29.94 11.57 -26.89
CA LEU D 418 29.38 12.43 -27.93
C LEU D 418 29.06 11.60 -29.17
N CYS D 419 27.92 11.89 -29.78
CA CYS D 419 27.50 11.17 -30.99
C CYS D 419 27.59 12.14 -32.16
N LEU D 420 26.51 12.84 -32.53
CA LEU D 420 26.65 13.88 -33.54
C LEU D 420 27.26 15.16 -33.00
N ALA D 421 27.13 15.42 -31.70
CA ALA D 421 27.67 16.68 -31.16
C ALA D 421 29.16 16.74 -31.42
N PRO D 422 29.66 17.82 -32.02
CA PRO D 422 31.08 17.89 -32.38
C PRO D 422 32.01 18.19 -31.22
N ARG D 423 31.49 18.65 -30.09
CA ARG D 423 32.32 18.95 -28.93
C ARG D 423 31.40 19.07 -27.72
N GLU D 424 32.01 19.10 -26.53
CA GLU D 424 31.25 19.27 -25.30
C GLU D 424 30.75 20.70 -25.19
N GLY D 425 29.72 20.90 -24.36
CA GLY D 425 29.27 22.23 -23.98
C GLY D 425 28.12 22.82 -24.77
N LEU D 426 27.53 22.08 -25.72
CA LEU D 426 26.45 22.61 -26.53
C LEU D 426 25.09 22.16 -25.99
N GLY D 427 24.05 22.90 -26.38
CA GLY D 427 22.68 22.47 -26.18
C GLY D 427 21.93 23.12 -25.03
N VAL D 428 22.55 24.03 -24.28
CA VAL D 428 21.86 24.70 -23.18
C VAL D 428 20.97 25.80 -23.75
N THR D 429 19.67 25.76 -23.43
CA THR D 429 18.78 26.87 -23.74
C THR D 429 18.16 27.54 -22.52
N ASP D 430 18.49 27.12 -21.29
CA ASP D 430 18.06 27.79 -20.04
C ASP D 430 19.30 28.05 -19.19
N PRO D 431 20.11 29.02 -19.58
CA PRO D 431 21.36 29.28 -18.83
C PRO D 431 21.12 29.82 -17.43
N GLU D 432 20.00 30.51 -17.19
CA GLU D 432 19.75 31.05 -15.85
C GLU D 432 19.59 29.94 -14.83
N LEU D 433 18.81 28.91 -15.16
CA LEU D 433 18.67 27.77 -14.25
C LEU D 433 19.98 27.01 -14.12
N ARG D 434 20.70 26.83 -15.22
CA ARG D 434 22.00 26.17 -15.15
C ARG D 434 22.91 26.86 -14.14
N SER D 435 22.97 28.19 -14.21
CA SER D 435 23.88 28.94 -13.33
C SER D 435 23.55 28.70 -11.87
N LYS D 436 22.27 28.61 -11.53
CA LYS D 436 21.88 28.37 -10.14
C LYS D 436 22.45 27.06 -9.61
N HIS D 437 22.69 26.08 -10.48
CA HIS D 437 23.06 24.74 -10.03
C HIS D 437 24.40 24.26 -10.55
N LEU D 438 25.21 25.16 -11.11
CA LEU D 438 26.39 24.70 -11.84
C LEU D 438 27.39 23.95 -10.95
N THR D 439 27.60 24.42 -9.73
CA THR D 439 28.57 23.75 -8.86
C THR D 439 28.20 22.29 -8.64
N LYS D 440 26.93 22.03 -8.33
CA LYS D 440 26.50 20.64 -8.20
C LYS D 440 26.54 19.90 -9.52
N ILE D 441 26.16 20.57 -10.62
CA ILE D 441 26.19 19.91 -11.93
C ILE D 441 27.58 19.34 -12.22
N ASN D 442 28.63 20.05 -11.82
CA ASN D 442 30.00 19.67 -12.15
C ASN D 442 30.70 18.85 -11.07
N ALA D 443 29.96 18.39 -10.05
CA ALA D 443 30.61 17.81 -8.86
C ALA D 443 31.41 16.56 -9.19
N PHE D 444 31.05 15.81 -10.23
CA PHE D 444 31.78 14.60 -10.59
C PHE D 444 32.87 14.84 -11.61
N ARG D 445 33.02 16.06 -12.11
CA ARG D 445 33.93 16.30 -13.22
C ARG D 445 35.38 16.03 -12.83
PA NDP E . 4.89 -29.33 10.01
O1A NDP E . 3.51 -29.62 10.57
O2A NDP E . 5.81 -30.43 10.36
O5B NDP E . 4.89 -29.17 8.37
C5B NDP E . 6.17 -28.93 7.80
C4B NDP E . 6.14 -29.23 6.28
O4B NDP E . 7.22 -28.85 5.77
C3B NDP E . 6.13 -30.80 6.01
O3B NDP E . 4.83 -31.24 5.83
C2B NDP E . 6.94 -30.97 4.75
O2B NDP E . 6.00 -31.33 3.59
C1B NDP E . 7.46 -29.79 4.47
N9A NDP E . 8.84 -29.88 4.21
C8A NDP E . 9.79 -30.06 5.11
N7A NDP E . 10.97 -30.09 4.52
C5A NDP E . 10.79 -29.94 3.20
C6A NDP E . 11.63 -29.88 2.08
N6A NDP E . 13.07 -30.02 2.25
N1A NDP E . 11.09 -29.71 0.88
C2A NDP E . 9.77 -29.57 0.72
N3A NDP E . 8.96 -29.61 1.75
C4A NDP E . 9.43 -29.79 3.01
O3 NDP E . 5.47 -27.87 10.68
PN NDP E . 4.72 -26.39 10.43
O1N NDP E . 3.79 -26.10 11.64
O2N NDP E . 3.93 -26.47 9.18
O5D NDP E . 5.91 -25.19 10.21
C5D NDP E . 7.28 -25.50 10.31
C4D NDP E . 7.75 -25.18 11.79
O4D NDP E . 6.89 -24.41 12.32
C3D NDP E . 9.06 -24.30 11.81
O3D NDP E . 9.82 -24.59 12.91
C2D NDP E . 8.57 -22.87 11.89
O2D NDP E . 8.90 -22.28 13.25
C1D NDP E . 7.27 -22.97 11.68
N1N NDP E . 6.42 -21.95 12.20
C2N NDP E . 6.77 -20.66 12.15
C3N NDP E . 5.91 -19.71 12.66
C7N NDP E . 6.26 -18.19 12.65
O7N NDP E . 5.55 -17.45 13.26
N7N NDP E . 7.40 -17.69 11.93
C4N NDP E . 4.69 -20.11 13.19
C5N NDP E . 4.36 -21.45 13.18
C6N NDP E . 5.27 -22.35 12.67
P2B NDP E . 5.76 -32.97 3.13
O1X NDP E . 5.98 -32.37 1.79
O2X NDP E . 4.65 -32.85 4.17
O3X NDP E . 4.63 -33.60 2.32
PA NDP F . -4.72 27.72 13.65
O1A NDP F . -3.43 28.04 14.35
O2A NDP F . -5.73 28.78 13.83
O5B NDP F . -4.47 27.53 12.01
C5B NDP F . -5.65 27.27 11.26
C4B NDP F . -5.61 28.08 9.94
O4B NDP F . -6.59 27.75 9.22
C3B NDP F . -5.90 29.59 10.22
O3B NDP F . -4.76 30.25 10.63
C2B NDP F . -6.34 30.06 8.86
O2B NDP F . -5.08 30.52 8.12
C1B NDP F . -6.88 29.02 8.25
N9A NDP F . -8.27 29.15 8.08
C8A NDP F . -9.16 29.28 9.05
N7A NDP F . -10.37 29.36 8.52
C5A NDP F . -10.25 29.28 7.18
C6A NDP F . -11.15 29.32 6.11
N6A NDP F . -12.59 29.46 6.36
N1A NDP F . -10.69 29.21 4.88
C2A NDP F . -9.39 29.06 4.64
N3A NDP F . -8.52 29.03 5.63
C4A NDP F . -8.92 29.13 6.91
O3 NDP F . -5.28 26.26 14.25
PN NDP F . -4.51 24.80 13.99
O1N NDP F . -3.80 24.37 15.29
O2N NDP F . -3.59 24.86 12.83
O5D NDP F . -5.81 23.76 13.63
C5D NDP F . -6.45 23.58 14.85
C4D NDP F . -7.94 23.04 14.79
O4D NDP F . -7.94 21.91 15.40
C3D NDP F . -8.44 22.69 13.37
O3D NDP F . -9.77 22.85 13.45
C2D NDP F . -8.09 21.21 13.35
O2D NDP F . -9.26 20.51 14.00
C1D NDP F . -7.13 21.21 14.19
N1N NDP F . -6.46 20.01 14.52
C2N NDP F . -6.98 18.80 14.37
C3N NDP F . -6.18 17.75 14.74
C7N NDP F . -6.53 16.24 14.65
O7N NDP F . -7.46 15.75 14.10
N7N NDP F . -5.54 15.45 15.23
C4N NDP F . -4.90 17.97 15.23
C5N NDP F . -4.43 19.26 15.33
C6N NDP F . -5.28 20.26 14.97
P2B NDP F . -5.15 31.99 7.23
O1X NDP F . -6.14 32.91 7.89
O2X NDP F . -5.57 31.73 5.79
O3X NDP F . -3.78 32.63 7.26
PA NDP G . -28.49 -0.33 -12.62
O1A NDP G . -28.53 -1.64 -13.34
O2A NDP G . -29.66 0.55 -12.90
O5B NDP G . -28.32 -0.62 -10.99
C5B NDP G . -28.12 0.50 -10.13
C4B NDP G . -28.79 0.12 -8.80
O4B NDP G . -28.70 1.08 -8.00
C3B NDP G . -30.32 -0.08 -9.05
O3B NDP G . -30.54 -1.42 -9.31
C2B NDP G . -30.94 0.37 -7.76
O2B NDP G . -31.15 -0.93 -7.00
C1B NDP G . -30.06 1.12 -7.11
N9A NDP G . -30.47 2.46 -6.98
C8A NDP G . -30.87 3.24 -7.96
N7A NDP G . -31.18 4.43 -7.47
C5A NDP G . -30.98 4.43 -6.15
C6A NDP G . -31.12 5.36 -5.12
N6A NDP G . -31.60 6.70 -5.40
N1A NDP G . -30.81 5.00 -3.87
C2A NDP G . -30.37 3.78 -3.60
N3A NDP G . -30.23 2.88 -4.56
C4A NDP G . -30.51 3.16 -5.84
O3 NDP G . -27.19 0.55 -13.19
PN NDP G . -25.61 0.05 -13.08
O1N NDP G . -25.17 -0.51 -14.45
O2N NDP G . -25.41 -0.90 -11.98
O5D NDP G . -24.91 1.53 -12.67
C5D NDP G . -25.60 2.65 -13.20
C4D NDP G . -24.74 3.95 -13.08
O4D NDP G . -23.86 4.05 -14.04
C3D NDP G . -23.94 3.61 -11.78
O3D NDP G . -24.33 4.31 -10.70
C2D NDP G . -22.58 3.98 -12.26
O2D NDP G . -22.64 5.35 -12.90
C1D NDP G . -22.68 3.23 -13.27
N1N NDP G . -21.42 2.89 -13.74
C2N NDP G . -20.30 3.61 -13.63
C3N NDP G . -19.16 3.02 -14.12
C7N NDP G . -17.75 3.64 -14.16
O7N NDP G . -16.92 3.05 -14.75
N7N NDP G . -17.44 4.85 -13.47
C4N NDP G . -19.20 1.75 -14.62
C5N NDP G . -20.40 1.05 -14.62
C6N NDP G . -21.49 1.67 -14.16
P2B NDP G . -32.52 -1.02 -5.97
O1X NDP G . -33.56 -0.10 -6.51
O2X NDP G . -32.12 -0.62 -4.56
O3X NDP G . -33.01 -2.47 -6.02
PA NDP H . 28.86 1.70 -11.74
O1A NDP H . 28.89 3.13 -12.22
O2A NDP H . 30.04 0.89 -12.10
O5B NDP H . 28.62 1.73 -10.11
C5B NDP H . 28.54 0.47 -9.47
C4B NDP H . 29.12 0.67 -8.05
O4B NDP H . 29.03 -0.40 -7.37
C3B NDP H . 30.66 0.93 -8.20
O3B NDP H . 30.87 2.29 -8.29
C2B NDP H . 31.24 0.36 -6.94
O2B NDP H . 31.48 1.57 -6.06
C1B NDP H . 30.32 -0.45 -6.41
N9A NDP H . 30.74 -1.80 -6.40
C8A NDP H . 31.15 -2.47 -7.47
N7A NDP H . 31.46 -3.72 -7.13
C5A NDP H . 31.23 -3.85 -5.81
C6A NDP H . 31.38 -4.91 -4.89
N6A NDP H . 31.88 -6.20 -5.37
N1A NDP H . 31.05 -4.71 -3.61
C2A NDP H . 30.60 -3.52 -3.19
N3A NDP H . 30.46 -2.50 -4.03
C4A NDP H . 30.76 -2.64 -5.34
O3 NDP H . 27.60 0.86 -12.44
PN NDP H . 26.02 1.36 -12.38
O1N NDP H . 25.66 2.08 -13.70
O2N NDP H . 25.78 2.18 -11.16
O5D NDP H . 25.12 -0.03 -12.24
C5D NDP H . 25.55 -1.10 -11.44
C4D NDP H . 25.36 -2.16 -12.59
O4D NDP H . 24.46 -1.65 -13.35
C3D NDP H . 24.64 -3.46 -12.12
O3D NDP H . 25.43 -4.49 -12.39
C2D NDP H . 23.42 -3.44 -13.03
O2D NDP H . 23.91 -3.41 -14.46
C1D NDP H . 23.10 -2.25 -12.67
N1N NDP H . 21.93 -1.61 -13.17
C2N NDP H . 20.73 -2.19 -13.24
C3N NDP H . 19.65 -1.45 -13.73
C7N NDP H . 18.21 -2.00 -13.89
O7N NDP H . 17.45 -1.38 -14.53
N7N NDP H . 17.80 -3.21 -13.24
C4N NDP H . 19.83 -0.13 -14.10
C5N NDP H . 21.10 0.42 -13.95
C6N NDP H . 22.13 -0.36 -13.50
P2B NDP H . 32.78 1.56 -4.95
O1X NDP H . 33.92 0.77 -5.54
O2X NDP H . 32.32 0.91 -3.65
O3X NDP H . 33.13 3.02 -4.74
#